data_3GWO
# 
_entry.id   3GWO 
# 
_audit_conform.dict_name       mmcif_pdbx.dic 
_audit_conform.dict_version    5.387 
_audit_conform.dict_location   http://mmcif.pdb.org/dictionaries/ascii/mmcif_pdbx.dic 
# 
loop_
_database_2.database_id 
_database_2.database_code 
_database_2.pdbx_database_accession 
_database_2.pdbx_DOI 
PDB   3GWO         pdb_00003gwo 10.2210/pdb3gwo/pdb 
RCSB  RCSB052400   ?            ?                   
WWPDB D_1000052400 ?            ?                   
# 
loop_
_pdbx_audit_revision_history.ordinal 
_pdbx_audit_revision_history.data_content_type 
_pdbx_audit_revision_history.major_revision 
_pdbx_audit_revision_history.minor_revision 
_pdbx_audit_revision_history.revision_date 
1 'Structure model' 1 0 2009-12-15 
2 'Structure model' 1 1 2011-07-13 
3 'Structure model' 1 2 2013-06-19 
4 'Structure model' 1 3 2024-02-21 
# 
_pdbx_audit_revision_details.ordinal             1 
_pdbx_audit_revision_details.revision_ordinal    1 
_pdbx_audit_revision_details.data_content_type   'Structure model' 
_pdbx_audit_revision_details.provider            repository 
_pdbx_audit_revision_details.type                'Initial release' 
_pdbx_audit_revision_details.description         ? 
_pdbx_audit_revision_details.details             ? 
# 
loop_
_pdbx_audit_revision_group.ordinal 
_pdbx_audit_revision_group.revision_ordinal 
_pdbx_audit_revision_group.data_content_type 
_pdbx_audit_revision_group.group 
1 2 'Structure model' 'Non-polymer description'   
2 2 'Structure model' 'Version format compliance' 
3 3 'Structure model' 'Database references'       
4 4 'Structure model' 'Data collection'           
5 4 'Structure model' 'Database references'       
6 4 'Structure model' 'Derived calculations'      
# 
loop_
_pdbx_audit_revision_category.ordinal 
_pdbx_audit_revision_category.revision_ordinal 
_pdbx_audit_revision_category.data_content_type 
_pdbx_audit_revision_category.category 
1 4 'Structure model' chem_comp_atom 
2 4 'Structure model' chem_comp_bond 
3 4 'Structure model' database_2     
4 4 'Structure model' struct_site    
# 
loop_
_pdbx_audit_revision_item.ordinal 
_pdbx_audit_revision_item.revision_ordinal 
_pdbx_audit_revision_item.data_content_type 
_pdbx_audit_revision_item.item 
1 4 'Structure model' '_database_2.pdbx_DOI'                
2 4 'Structure model' '_database_2.pdbx_database_accession' 
3 4 'Structure model' '_struct_site.pdbx_auth_asym_id'      
4 4 'Structure model' '_struct_site.pdbx_auth_comp_id'      
5 4 'Structure model' '_struct_site.pdbx_auth_seq_id'       
# 
_pdbx_database_status.status_code                     REL 
_pdbx_database_status.entry_id                        3GWO 
_pdbx_database_status.recvd_initial_deposition_date   2009-04-01 
_pdbx_database_status.deposit_site                    RCSB 
_pdbx_database_status.process_site                    RCSB 
_pdbx_database_status.status_code_sf                  REL 
_pdbx_database_status.status_code_mr                  ? 
_pdbx_database_status.SG_entry                        ? 
_pdbx_database_status.status_code_cs                  ? 
_pdbx_database_status.pdb_format_compatible           Y 
_pdbx_database_status.status_code_nmr_data            ? 
_pdbx_database_status.methods_development_category    ? 
# 
loop_
_pdbx_database_related.db_name 
_pdbx_database_related.db_id 
_pdbx_database_related.details 
_pdbx_database_related.content_type 
PDB 3H00 . unspecified 
PDB 3H01 . unspecified 
# 
_audit_author.name           'Liu, J.' 
_audit_author.pdbx_ordinal   1 
# 
_citation.id                        primary 
_citation.title                     
'Role of a putative gp41 dimerization domain in human immunodeficiency virus type 1 membrane fusion.' 
_citation.journal_abbrev            J.Virol. 
_citation.journal_volume            84 
_citation.page_first                201 
_citation.page_last                 209 
_citation.year                      2010 
_citation.journal_id_ASTM           JOVIAM 
_citation.country                   US 
_citation.journal_id_ISSN           0022-538X 
_citation.journal_id_CSD            0825 
_citation.book_publisher            ? 
_citation.pdbx_database_id_PubMed   19846514 
_citation.pdbx_database_id_DOI      10.1128/JVI.01558-09 
# 
loop_
_citation_author.citation_id 
_citation_author.name 
_citation_author.ordinal 
_citation_author.identifier_ORCID 
primary 'Liu, J.'     1 ? 
primary 'Deng, Y.'    2 ? 
primary 'Li, Q.'      3 ? 
primary 'Dey, A.K.'   4 ? 
primary 'Moore, J.P.' 5 ? 
primary 'Lu, M.'      6 ? 
# 
loop_
_entity.id 
_entity.type 
_entity.src_method 
_entity.pdbx_description 
_entity.formula_weight 
_entity.pdbx_number_of_molecules 
_entity.pdbx_ec 
_entity.pdbx_mutation 
_entity.pdbx_fragment 
_entity.details 
1 polymer     man 'Envelope glycoprotein gp160'                                       6845.485 2  ? ? 
'C-TERMINAL DOMAIN (UNP residues 630 to 683)' ? 
2 non-polymer syn 
;O-(O-(2-AMINOPROPYL)-O'-(2-METHOXYETHYL)POLYPROPYLENE GLYCOL 500)
;
597.822  2  ? ? ?                                             ? 
3 non-polymer syn 'SODIUM ION'                                                        22.990   1  ? ? ? ? 
4 water       nat water                                                               18.015   47 ? ? ? ? 
# 
_entity_name_com.entity_id   1 
_entity_name_com.name        
'Env polyprotein, Surface protein, SU, Glycoprotein 120, gp120, Transmembrane protein, TM, Glycoprotein 41, gp41' 
# 
_entity_poly.entity_id                      1 
_entity_poly.type                           'polypeptide(L)' 
_entity_poly.nstd_linkage                   no 
_entity_poly.nstd_monomer                   no 
_entity_poly.pdbx_seq_one_letter_code       EWDREINNYTSLIHSLIEESQNQQEKNEQELLELDKWASLWNWFNITNWLWYIK 
_entity_poly.pdbx_seq_one_letter_code_can   EWDREINNYTSLIHSLIEESQNQQEKNEQELLELDKWASLWNWFNITNWLWYIK 
_entity_poly.pdbx_strand_id                 A,B 
_entity_poly.pdbx_target_identifier         ? 
# 
loop_
_pdbx_entity_nonpoly.entity_id 
_pdbx_entity_nonpoly.name 
_pdbx_entity_nonpoly.comp_id 
2 
;O-(O-(2-AMINOPROPYL)-O'-(2-METHOXYETHYL)POLYPROPYLENE GLYCOL 500)
;
JEF 
3 'SODIUM ION'                                                        NA  
4 water                                                               HOH 
# 
loop_
_entity_poly_seq.entity_id 
_entity_poly_seq.num 
_entity_poly_seq.mon_id 
_entity_poly_seq.hetero 
1 1  GLU n 
1 2  TRP n 
1 3  ASP n 
1 4  ARG n 
1 5  GLU n 
1 6  ILE n 
1 7  ASN n 
1 8  ASN n 
1 9  TYR n 
1 10 THR n 
1 11 SER n 
1 12 LEU n 
1 13 ILE n 
1 14 HIS n 
1 15 SER n 
1 16 LEU n 
1 17 ILE n 
1 18 GLU n 
1 19 GLU n 
1 20 SER n 
1 21 GLN n 
1 22 ASN n 
1 23 GLN n 
1 24 GLN n 
1 25 GLU n 
1 26 LYS n 
1 27 ASN n 
1 28 GLU n 
1 29 GLN n 
1 30 GLU n 
1 31 LEU n 
1 32 LEU n 
1 33 GLU n 
1 34 LEU n 
1 35 ASP n 
1 36 LYS n 
1 37 TRP n 
1 38 ALA n 
1 39 SER n 
1 40 LEU n 
1 41 TRP n 
1 42 ASN n 
1 43 TRP n 
1 44 PHE n 
1 45 ASN n 
1 46 ILE n 
1 47 THR n 
1 48 ASN n 
1 49 TRP n 
1 50 LEU n 
1 51 TRP n 
1 52 TYR n 
1 53 ILE n 
1 54 LYS n 
# 
_entity_src_gen.entity_id                          1 
_entity_src_gen.pdbx_src_id                        1 
_entity_src_gen.pdbx_alt_source_flag               sample 
_entity_src_gen.pdbx_seq_type                      ? 
_entity_src_gen.pdbx_beg_seq_num                   ? 
_entity_src_gen.pdbx_end_seq_num                   ? 
_entity_src_gen.gene_src_common_name               HIV-1 
_entity_src_gen.gene_src_genus                     ? 
_entity_src_gen.pdbx_gene_src_gene                 env 
_entity_src_gen.gene_src_species                   ? 
_entity_src_gen.gene_src_strain                    'HXB2 ISOLATE' 
_entity_src_gen.gene_src_tissue                    ? 
_entity_src_gen.gene_src_tissue_fraction           ? 
_entity_src_gen.gene_src_details                   ? 
_entity_src_gen.pdbx_gene_src_fragment             ? 
_entity_src_gen.pdbx_gene_src_scientific_name      'Human immunodeficiency virus type 1 lw12.3 isolate' 
_entity_src_gen.pdbx_gene_src_ncbi_taxonomy_id     82834 
_entity_src_gen.pdbx_gene_src_variant              ? 
_entity_src_gen.pdbx_gene_src_cell_line            ? 
_entity_src_gen.pdbx_gene_src_atcc                 ? 
_entity_src_gen.pdbx_gene_src_organ                ? 
_entity_src_gen.pdbx_gene_src_organelle            ? 
_entity_src_gen.pdbx_gene_src_cell                 ? 
_entity_src_gen.pdbx_gene_src_cellular_location    ? 
_entity_src_gen.host_org_common_name               ? 
_entity_src_gen.pdbx_host_org_scientific_name      'Escherichia coli' 
_entity_src_gen.pdbx_host_org_ncbi_taxonomy_id     562 
_entity_src_gen.host_org_genus                     ? 
_entity_src_gen.pdbx_host_org_gene                 ? 
_entity_src_gen.pdbx_host_org_organ                ? 
_entity_src_gen.host_org_species                   ? 
_entity_src_gen.pdbx_host_org_tissue               ? 
_entity_src_gen.pdbx_host_org_tissue_fraction      ? 
_entity_src_gen.pdbx_host_org_strain               ? 
_entity_src_gen.pdbx_host_org_variant              ? 
_entity_src_gen.pdbx_host_org_cell_line            ? 
_entity_src_gen.pdbx_host_org_atcc                 ? 
_entity_src_gen.pdbx_host_org_culture_collection   ? 
_entity_src_gen.pdbx_host_org_cell                 ? 
_entity_src_gen.pdbx_host_org_organelle            ? 
_entity_src_gen.pdbx_host_org_cellular_location    ? 
_entity_src_gen.pdbx_host_org_vector_type          ? 
_entity_src_gen.pdbx_host_org_vector               ? 
_entity_src_gen.host_org_details                   ? 
_entity_src_gen.expression_system_id               ? 
_entity_src_gen.plasmid_name                       ? 
_entity_src_gen.plasmid_details                    ? 
_entity_src_gen.pdbx_description                   ? 
# 
loop_
_chem_comp.id 
_chem_comp.type 
_chem_comp.mon_nstd_flag 
_chem_comp.name 
_chem_comp.pdbx_synonyms 
_chem_comp.formula 
_chem_comp.formula_weight 
ALA 'L-peptide linking' y ALANINE                                                             ?         'C3 H7 N O2'     89.093  
ARG 'L-peptide linking' y ARGININE                                                            ?         'C6 H15 N4 O2 1' 175.209 
ASN 'L-peptide linking' y ASPARAGINE                                                          ?         'C4 H8 N2 O3'    132.118 
ASP 'L-peptide linking' y 'ASPARTIC ACID'                                                     ?         'C4 H7 N O4'     133.103 
GLN 'L-peptide linking' y GLUTAMINE                                                           ?         'C5 H10 N2 O3'   146.144 
GLU 'L-peptide linking' y 'GLUTAMIC ACID'                                                     ?         'C5 H9 N O4'     147.129 
HIS 'L-peptide linking' y HISTIDINE                                                           ?         'C6 H10 N3 O2 1' 156.162 
HOH non-polymer         . WATER                                                               ?         'H2 O'           18.015  
ILE 'L-peptide linking' y ISOLEUCINE                                                          ?         'C6 H13 N O2'    131.173 
JEF non-polymer         . 
;O-(O-(2-AMINOPROPYL)-O'-(2-METHOXYETHYL)POLYPROPYLENE GLYCOL 500)
;
JEFFAMINE 'C30 H63 N O10'  597.822 
LEU 'L-peptide linking' y LEUCINE                                                             ?         'C6 H13 N O2'    131.173 
LYS 'L-peptide linking' y LYSINE                                                              ?         'C6 H15 N2 O2 1' 147.195 
NA  non-polymer         . 'SODIUM ION'                                                        ?         'Na 1'           22.990  
PHE 'L-peptide linking' y PHENYLALANINE                                                       ?         'C9 H11 N O2'    165.189 
SER 'L-peptide linking' y SERINE                                                              ?         'C3 H7 N O3'     105.093 
THR 'L-peptide linking' y THREONINE                                                           ?         'C4 H9 N O3'     119.119 
TRP 'L-peptide linking' y TRYPTOPHAN                                                          ?         'C11 H12 N2 O2'  204.225 
TYR 'L-peptide linking' y TYROSINE                                                            ?         'C9 H11 N O3'    181.189 
# 
loop_
_pdbx_poly_seq_scheme.asym_id 
_pdbx_poly_seq_scheme.entity_id 
_pdbx_poly_seq_scheme.seq_id 
_pdbx_poly_seq_scheme.mon_id 
_pdbx_poly_seq_scheme.ndb_seq_num 
_pdbx_poly_seq_scheme.pdb_seq_num 
_pdbx_poly_seq_scheme.auth_seq_num 
_pdbx_poly_seq_scheme.pdb_mon_id 
_pdbx_poly_seq_scheme.auth_mon_id 
_pdbx_poly_seq_scheme.pdb_strand_id 
_pdbx_poly_seq_scheme.pdb_ins_code 
_pdbx_poly_seq_scheme.hetero 
A 1 1  GLU 1  1  ?  ?   ?   A . n 
A 1 2  TRP 2  2  2  TRP TRP A . n 
A 1 3  ASP 3  3  3  ASP ASP A . n 
A 1 4  ARG 4  4  4  ARG ARG A . n 
A 1 5  GLU 5  5  5  GLU GLU A . n 
A 1 6  ILE 6  6  6  ILE ILE A . n 
A 1 7  ASN 7  7  7  ASN ASN A . n 
A 1 8  ASN 8  8  8  ASN ASN A . n 
A 1 9  TYR 9  9  9  TYR TYR A . n 
A 1 10 THR 10 10 10 THR THR A . n 
A 1 11 SER 11 11 11 SER SER A . n 
A 1 12 LEU 12 12 12 LEU LEU A . n 
A 1 13 ILE 13 13 13 ILE ILE A . n 
A 1 14 HIS 14 14 14 HIS HIS A . n 
A 1 15 SER 15 15 15 SER SER A . n 
A 1 16 LEU 16 16 16 LEU LEU A . n 
A 1 17 ILE 17 17 17 ILE ILE A . n 
A 1 18 GLU 18 18 18 GLU GLU A . n 
A 1 19 GLU 19 19 19 GLU GLU A . n 
A 1 20 SER 20 20 20 SER SER A . n 
A 1 21 GLN 21 21 21 GLN GLN A . n 
A 1 22 ASN 22 22 22 ASN ASN A . n 
A 1 23 GLN 23 23 23 GLN GLN A . n 
A 1 24 GLN 24 24 24 GLN GLN A . n 
A 1 25 GLU 25 25 25 GLU GLU A . n 
A 1 26 LYS 26 26 26 LYS LYS A . n 
A 1 27 ASN 27 27 27 ASN ASN A . n 
A 1 28 GLU 28 28 28 GLU GLU A . n 
A 1 29 GLN 29 29 29 GLN GLN A . n 
A 1 30 GLU 30 30 30 GLU GLU A . n 
A 1 31 LEU 31 31 31 LEU LEU A . n 
A 1 32 LEU 32 32 32 LEU LEU A . n 
A 1 33 GLU 33 33 33 GLU GLU A . n 
A 1 34 LEU 34 34 34 LEU LEU A . n 
A 1 35 ASP 35 35 35 ASP ASP A . n 
A 1 36 LYS 36 36 36 LYS LYS A . n 
A 1 37 TRP 37 37 37 TRP TRP A . n 
A 1 38 ALA 38 38 38 ALA ALA A . n 
A 1 39 SER 39 39 39 SER SER A . n 
A 1 40 LEU 40 40 40 LEU LEU A . n 
A 1 41 TRP 41 41 41 TRP TRP A . n 
A 1 42 ASN 42 42 42 ASN ASN A . n 
A 1 43 TRP 43 43 43 TRP TRP A . n 
A 1 44 PHE 44 44 44 PHE PHE A . n 
A 1 45 ASN 45 45 45 ASN ASN A . n 
A 1 46 ILE 46 46 46 ILE ILE A . n 
A 1 47 THR 47 47 47 THR THR A . n 
A 1 48 ASN 48 48 48 ASN ASN A . n 
A 1 49 TRP 49 49 49 TRP TRP A . n 
A 1 50 LEU 50 50 50 LEU LEU A . n 
A 1 51 TRP 51 51 51 TRP TRP A . n 
A 1 52 TYR 52 52 52 TYR TYR A . n 
A 1 53 ILE 53 53 53 ILE ILE A . n 
A 1 54 LYS 54 54 54 LYS LYS A . n 
B 1 1  GLU 1  1  ?  ?   ?   B . n 
B 1 2  TRP 2  2  ?  ?   ?   B . n 
B 1 3  ASP 3  3  ?  ?   ?   B . n 
B 1 4  ARG 4  4  ?  ?   ?   B . n 
B 1 5  GLU 5  5  ?  ?   ?   B . n 
B 1 6  ILE 6  6  ?  ?   ?   B . n 
B 1 7  ASN 7  7  ?  ?   ?   B . n 
B 1 8  ASN 8  8  ?  ?   ?   B . n 
B 1 9  TYR 9  9  ?  ?   ?   B . n 
B 1 10 THR 10 10 ?  ?   ?   B . n 
B 1 11 SER 11 11 ?  ?   ?   B . n 
B 1 12 LEU 12 12 12 LEU LEU B . n 
B 1 13 ILE 13 13 13 ILE ILE B . n 
B 1 14 HIS 14 14 14 HIS HIS B . n 
B 1 15 SER 15 15 15 SER SER B . n 
B 1 16 LEU 16 16 16 LEU LEU B . n 
B 1 17 ILE 17 17 17 ILE ILE B . n 
B 1 18 GLU 18 18 18 GLU GLU B . n 
B 1 19 GLU 19 19 19 GLU GLU B . n 
B 1 20 SER 20 20 20 SER SER B . n 
B 1 21 GLN 21 21 21 GLN GLN B . n 
B 1 22 ASN 22 22 22 ASN ASN B . n 
B 1 23 GLN 23 23 23 GLN GLN B . n 
B 1 24 GLN 24 24 24 GLN GLN B . n 
B 1 25 GLU 25 25 25 GLU GLU B . n 
B 1 26 LYS 26 26 26 LYS LYS B . n 
B 1 27 ASN 27 27 27 ASN ASN B . n 
B 1 28 GLU 28 28 28 GLU GLU B . n 
B 1 29 GLN 29 29 29 GLN GLN B . n 
B 1 30 GLU 30 30 30 GLU GLU B . n 
B 1 31 LEU 31 31 31 LEU LEU B . n 
B 1 32 LEU 32 32 32 LEU LEU B . n 
B 1 33 GLU 33 33 33 GLU GLU B . n 
B 1 34 LEU 34 34 34 LEU LEU B . n 
B 1 35 ASP 35 35 35 ASP ASP B . n 
B 1 36 LYS 36 36 36 LYS LYS B . n 
B 1 37 TRP 37 37 37 TRP TRP B . n 
B 1 38 ALA 38 38 38 ALA ALA B . n 
B 1 39 SER 39 39 39 SER SER B . n 
B 1 40 LEU 40 40 40 LEU LEU B . n 
B 1 41 TRP 41 41 41 TRP TRP B . n 
B 1 42 ASN 42 42 42 ASN ASN B . n 
B 1 43 TRP 43 43 43 TRP TRP B . n 
B 1 44 PHE 44 44 44 PHE PHE B . n 
B 1 45 ASN 45 45 45 ASN ASN B . n 
B 1 46 ILE 46 46 46 ILE ILE B . n 
B 1 47 THR 47 47 47 THR THR B . n 
B 1 48 ASN 48 48 48 ASN ASN B . n 
B 1 49 TRP 49 49 49 TRP TRP B . n 
B 1 50 LEU 50 50 50 LEU LEU B . n 
B 1 51 TRP 51 51 51 TRP TRP B . n 
B 1 52 TYR 52 52 52 TYR TYR B . n 
B 1 53 ILE 53 53 ?  ?   ?   B . n 
B 1 54 LYS 54 54 ?  ?   ?   B . n 
# 
loop_
_pdbx_nonpoly_scheme.asym_id 
_pdbx_nonpoly_scheme.entity_id 
_pdbx_nonpoly_scheme.mon_id 
_pdbx_nonpoly_scheme.ndb_seq_num 
_pdbx_nonpoly_scheme.pdb_seq_num 
_pdbx_nonpoly_scheme.auth_seq_num 
_pdbx_nonpoly_scheme.pdb_mon_id 
_pdbx_nonpoly_scheme.auth_mon_id 
_pdbx_nonpoly_scheme.pdb_strand_id 
_pdbx_nonpoly_scheme.pdb_ins_code 
C 2 JEF 1  55 1  JEF JEF A . 
D 2 JEF 1  56 2  JEF JEF A . 
E 3 NA  1  57 1  NA  NA  A . 
F 4 HOH 1  58 2  HOH HOH A . 
F 4 HOH 2  59 3  HOH HOH A . 
F 4 HOH 3  60 4  HOH HOH A . 
F 4 HOH 4  61 5  HOH HOH A . 
F 4 HOH 5  62 6  HOH HOH A . 
F 4 HOH 6  63 7  HOH HOH A . 
F 4 HOH 7  64 9  HOH HOH A . 
F 4 HOH 8  65 10 HOH HOH A . 
F 4 HOH 9  66 11 HOH HOH A . 
F 4 HOH 10 67 13 HOH HOH A . 
F 4 HOH 11 68 14 HOH HOH A . 
F 4 HOH 12 69 15 HOH HOH A . 
F 4 HOH 13 70 17 HOH HOH A . 
F 4 HOH 14 71 18 HOH HOH A . 
F 4 HOH 15 72 20 HOH HOH A . 
F 4 HOH 16 73 21 HOH HOH A . 
F 4 HOH 17 74 22 HOH HOH A . 
F 4 HOH 18 75 23 HOH HOH A . 
F 4 HOH 19 76 24 HOH HOH A . 
F 4 HOH 20 77 25 HOH HOH A . 
F 4 HOH 21 78 26 HOH HOH A . 
F 4 HOH 22 79 27 HOH HOH A . 
F 4 HOH 23 80 29 HOH HOH A . 
F 4 HOH 24 81 30 HOH HOH A . 
F 4 HOH 25 82 31 HOH HOH A . 
F 4 HOH 26 83 32 HOH HOH A . 
F 4 HOH 27 84 33 HOH HOH A . 
F 4 HOH 28 85 34 HOH HOH A . 
F 4 HOH 29 86 36 HOH HOH A . 
F 4 HOH 30 87 37 HOH HOH A . 
F 4 HOH 31 88 39 HOH HOH A . 
F 4 HOH 32 89 40 HOH HOH A . 
F 4 HOH 33 90 42 HOH HOH A . 
F 4 HOH 34 91 43 HOH HOH A . 
F 4 HOH 35 92 44 HOH HOH A . 
F 4 HOH 36 93 47 HOH HOH A . 
G 4 HOH 1  55 1  HOH HOH B . 
G 4 HOH 2  56 8  HOH HOH B . 
G 4 HOH 3  57 12 HOH HOH B . 
G 4 HOH 4  58 16 HOH HOH B . 
G 4 HOH 5  59 19 HOH HOH B . 
G 4 HOH 6  60 28 HOH HOH B . 
G 4 HOH 7  61 35 HOH HOH B . 
G 4 HOH 8  62 38 HOH HOH B . 
G 4 HOH 9  63 41 HOH HOH B . 
G 4 HOH 10 64 45 HOH HOH B . 
G 4 HOH 11 65 46 HOH HOH B . 
# 
loop_
_pdbx_unobs_or_zero_occ_atoms.id 
_pdbx_unobs_or_zero_occ_atoms.PDB_model_num 
_pdbx_unobs_or_zero_occ_atoms.polymer_flag 
_pdbx_unobs_or_zero_occ_atoms.occupancy_flag 
_pdbx_unobs_or_zero_occ_atoms.auth_asym_id 
_pdbx_unobs_or_zero_occ_atoms.auth_comp_id 
_pdbx_unobs_or_zero_occ_atoms.auth_seq_id 
_pdbx_unobs_or_zero_occ_atoms.PDB_ins_code 
_pdbx_unobs_or_zero_occ_atoms.auth_atom_id 
_pdbx_unobs_or_zero_occ_atoms.label_alt_id 
_pdbx_unobs_or_zero_occ_atoms.label_asym_id 
_pdbx_unobs_or_zero_occ_atoms.label_comp_id 
_pdbx_unobs_or_zero_occ_atoms.label_seq_id 
_pdbx_unobs_or_zero_occ_atoms.label_atom_id 
1  1 Y 1 A GLU 18 ? CG  ? A GLU 18 CG  
2  1 Y 1 A GLU 18 ? CD  ? A GLU 18 CD  
3  1 Y 1 A GLU 18 ? OE1 ? A GLU 18 OE1 
4  1 Y 1 A GLU 18 ? OE2 ? A GLU 18 OE2 
5  1 Y 1 A GLU 25 ? CD  ? A GLU 25 CD  
6  1 Y 1 A GLU 25 ? OE1 ? A GLU 25 OE1 
7  1 Y 1 A GLU 25 ? OE2 ? A GLU 25 OE2 
8  1 Y 1 A LYS 26 ? CE  ? A LYS 26 CE  
9  1 Y 1 A LYS 26 ? NZ  ? A LYS 26 NZ  
10 1 Y 1 B GLU 18 ? CD  ? B GLU 18 CD  
11 1 Y 1 B GLU 18 ? OE1 ? B GLU 18 OE1 
12 1 Y 1 B GLU 18 ? OE2 ? B GLU 18 OE2 
13 1 Y 1 B LYS 26 ? CD  ? B LYS 26 CD  
14 1 Y 1 B LYS 26 ? CE  ? B LYS 26 CE  
15 1 Y 1 B LYS 26 ? NZ  ? B LYS 26 NZ  
16 1 Y 1 B LYS 36 ? CD  ? B LYS 36 CD  
17 1 Y 1 B LYS 36 ? CE  ? B LYS 36 CE  
18 1 Y 1 B LYS 36 ? NZ  ? B LYS 36 NZ  
19 1 N 1 A JEF 55 ? C38 ? C JEF 1  C38 
20 1 N 1 A JEF 55 ? O12 ? C JEF 1  O12 
21 1 N 1 A JEF 55 ? C37 ? C JEF 1  C37 
22 1 N 1 A JEF 55 ? C36 ? C JEF 1  C36 
23 1 N 1 A JEF 55 ? O11 ? C JEF 1  O11 
24 1 N 1 A JEF 55 ? C33 ? C JEF 1  C33 
25 1 N 1 A JEF 55 ? C34 ? C JEF 1  C34 
26 1 N 1 A JEF 55 ? C32 ? C JEF 1  C32 
27 1 N 1 A JEF 55 ? O10 ? C JEF 1  O10 
28 1 N 1 A JEF 55 ? C40 ? C JEF 1  C40 
29 1 N 1 A JEF 55 ? C10 ? C JEF 1  C10 
30 1 N 1 A JEF 55 ? O5  ? C JEF 1  O5  
31 1 N 1 A JEF 55 ? C13 ? C JEF 1  C13 
32 1 N 1 A JEF 55 ? C15 ? C JEF 1  C15 
33 1 N 1 A JEF 55 ? C14 ? C JEF 1  C14 
34 1 N 1 A JEF 55 ? O6  ? C JEF 1  O6  
35 1 N 1 A JEF 55 ? C16 ? C JEF 1  C16 
36 1 N 1 A JEF 55 ? C30 ? C JEF 1  C30 
37 1 N 1 A JEF 55 ? C31 ? C JEF 1  C31 
38 1 N 1 A JEF 55 ? N1  ? C JEF 1  N1  
39 1 N 1 A JEF 56 ? C38 ? D JEF 1  C38 
40 1 N 1 A JEF 56 ? O12 ? D JEF 1  O12 
41 1 N 1 A JEF 56 ? C37 ? D JEF 1  C37 
42 1 N 1 A JEF 56 ? C36 ? D JEF 1  C36 
43 1 N 1 A JEF 56 ? O11 ? D JEF 1  O11 
44 1 N 1 A JEF 56 ? C33 ? D JEF 1  C33 
45 1 N 1 A JEF 56 ? C34 ? D JEF 1  C34 
46 1 N 1 A JEF 56 ? C32 ? D JEF 1  C32 
47 1 N 1 A JEF 56 ? O10 ? D JEF 1  O10 
48 1 N 1 A JEF 56 ? C19 ? D JEF 1  C19 
49 1 N 1 A JEF 56 ? C40 ? D JEF 1  C40 
50 1 N 1 A JEF 56 ? C20 ? D JEF 1  C20 
51 1 N 1 A JEF 56 ? O   ? D JEF 1  O   
52 1 N 1 A JEF 56 ? C   ? D JEF 1  C   
53 1 N 1 A JEF 56 ? C18 ? D JEF 1  C18 
54 1 N 1 A JEF 56 ? C17 ? D JEF 1  C17 
55 1 N 1 A JEF 56 ? C10 ? D JEF 1  C10 
56 1 N 1 A JEF 56 ? O5  ? D JEF 1  O5  
57 1 N 1 A JEF 56 ? C13 ? D JEF 1  C13 
58 1 N 1 A JEF 56 ? C15 ? D JEF 1  C15 
59 1 N 1 A JEF 56 ? C14 ? D JEF 1  C14 
60 1 N 1 A JEF 56 ? O6  ? D JEF 1  O6  
61 1 N 1 A JEF 56 ? C16 ? D JEF 1  C16 
62 1 N 1 A JEF 56 ? C30 ? D JEF 1  C30 
63 1 N 1 A JEF 56 ? C31 ? D JEF 1  C31 
64 1 N 1 A JEF 56 ? N1  ? D JEF 1  N1  
# 
loop_
_software.name 
_software.classification 
_software.version 
_software.citation_id 
_software.pdbx_ordinal 
ADSC      'data collection' Quantum  ? 1 
SOLVE     phasing           .        ? 2 
REFMAC    refinement        5.2.0019 ? 3 
DENZO     'data reduction'  .        ? 4 
SCALEPACK 'data scaling'    .        ? 5 
# 
_cell.entry_id           3GWO 
_cell.length_a           33.957 
_cell.length_b           33.957 
_cell.length_c           174.838 
_cell.angle_alpha        90.00 
_cell.angle_beta         90.00 
_cell.angle_gamma        120.00 
_cell.Z_PDB              12 
_cell.pdbx_unique_axis   ? 
_cell.length_a_esd       ? 
_cell.length_b_esd       ? 
_cell.length_c_esd       ? 
_cell.angle_alpha_esd    ? 
_cell.angle_beta_esd     ? 
_cell.angle_gamma_esd    ? 
# 
_symmetry.entry_id                         3GWO 
_symmetry.space_group_name_H-M             'P 31 2 1' 
_symmetry.pdbx_full_space_group_name_H-M   ? 
_symmetry.cell_setting                     ? 
_symmetry.Int_Tables_number                152 
_symmetry.space_group_name_Hall            ? 
# 
_exptl.entry_id          3GWO 
_exptl.method            'X-RAY DIFFRACTION' 
_exptl.crystals_number   1 
# 
_exptl_crystal.id                    1 
_exptl_crystal.density_meas          ? 
_exptl_crystal.density_Matthews      2.13 
_exptl_crystal.density_percent_sol   42.13 
_exptl_crystal.description           ? 
_exptl_crystal.F_000                 ? 
_exptl_crystal.preparation           ? 
# 
_exptl_crystal_grow.crystal_id      1 
_exptl_crystal_grow.method          'VAPOR DIFFUSION, HANGING DROP' 
_exptl_crystal_grow.temp            295 
_exptl_crystal_grow.temp_details    ? 
_exptl_crystal_grow.pH              6.0 
_exptl_crystal_grow.pdbx_details    '28% Jeffamine M600, 0.1M MES, pH 6.0, VAPOR DIFFUSION, HANGING DROP, temperature 295K' 
_exptl_crystal_grow.pdbx_pH_range   ? 
# 
_diffrn.id                     1 
_diffrn.ambient_temp           95 
_diffrn.ambient_temp_details   ? 
_diffrn.crystal_id             1 
# 
_diffrn_detector.diffrn_id              1 
_diffrn_detector.detector               CCD 
_diffrn_detector.type                   'ADSC QUANTUM 4' 
_diffrn_detector.pdbx_collection_date   2003-07-02 
_diffrn_detector.details                ? 
# 
_diffrn_radiation.diffrn_id                        1 
_diffrn_radiation.wavelength_id                    1 
_diffrn_radiation.pdbx_monochromatic_or_laue_m_l   M 
_diffrn_radiation.monochromator                    ? 
_diffrn_radiation.pdbx_diffrn_protocol             'SINGLE WAVELENGTH' 
_diffrn_radiation.pdbx_scattering_type             x-ray 
# 
loop_
_diffrn_radiation_wavelength.id 
_diffrn_radiation_wavelength.wavelength 
_diffrn_radiation_wavelength.wt 
1 0.9793 1.0 
2 0.9796 1.0 
3 0.9681 1.0 
# 
_diffrn_source.diffrn_id                   1 
_diffrn_source.source                      SYNCHROTRON 
_diffrn_source.type                        'NSLS BEAMLINE X4A' 
_diffrn_source.pdbx_synchrotron_site       NSLS 
_diffrn_source.pdbx_synchrotron_beamline   X4A 
_diffrn_source.pdbx_wavelength             ? 
_diffrn_source.pdbx_wavelength_list        0.9793,0.9796,0.9681 
# 
_reflns.entry_id                     3GWO 
_reflns.observed_criterion_sigma_I   0 
_reflns.observed_criterion_sigma_F   0 
_reflns.d_resolution_low             20.70 
_reflns.d_resolution_high            1.65 
_reflns.number_obs                   14912 
_reflns.number_all                   14912 
_reflns.percent_possible_obs         99.3 
_reflns.pdbx_Rmerge_I_obs            0.062 
_reflns.pdbx_Rsym_value              ? 
_reflns.pdbx_netI_over_sigmaI        15.6 
_reflns.B_iso_Wilson_estimate        28.0 
_reflns.pdbx_redundancy              8.4 
_reflns.R_free_details               ? 
_reflns.limit_h_max                  ? 
_reflns.limit_h_min                  ? 
_reflns.limit_k_max                  ? 
_reflns.limit_k_min                  ? 
_reflns.limit_l_max                  ? 
_reflns.limit_l_min                  ? 
_reflns.observed_criterion_F_max     ? 
_reflns.observed_criterion_F_min     ? 
_reflns.pdbx_chi_squared             ? 
_reflns.pdbx_scaling_rejects         ? 
_reflns.pdbx_ordinal                 1 
_reflns.pdbx_diffrn_id               1 
# 
_reflns_shell.d_res_high             1.65 
_reflns_shell.d_res_low              1.71 
_reflns_shell.percent_possible_all   100 
_reflns_shell.Rmerge_I_obs           0.485 
_reflns_shell.pdbx_Rsym_value        ? 
_reflns_shell.meanI_over_sigI_obs    5.2 
_reflns_shell.pdbx_redundancy        8.7 
_reflns_shell.percent_possible_obs   ? 
_reflns_shell.number_unique_all      1470 
_reflns_shell.number_measured_all    ? 
_reflns_shell.number_measured_obs    ? 
_reflns_shell.number_unique_obs      ? 
_reflns_shell.pdbx_chi_squared       ? 
_reflns_shell.pdbx_ordinal           1 
_reflns_shell.pdbx_diffrn_id         1 
# 
_refine.entry_id                                 3GWO 
_refine.ls_number_reflns_obs                     14912 
_refine.ls_number_reflns_all                     14912 
_refine.pdbx_ls_sigma_I                          0 
_refine.pdbx_ls_sigma_F                          0 
_refine.pdbx_data_cutoff_high_absF               ? 
_refine.pdbx_data_cutoff_low_absF                ? 
_refine.pdbx_data_cutoff_high_rms_absF           ? 
_refine.ls_d_res_low                             20.70 
_refine.ls_d_res_high                            1.65 
_refine.ls_percent_reflns_obs                    99.3 
_refine.ls_R_factor_obs                          0.23288 
_refine.ls_R_factor_all                          0.23288 
_refine.ls_R_factor_R_work                       0.23156 
_refine.ls_R_factor_R_free                       0.25930 
_refine.ls_R_factor_R_free_error                 ? 
_refine.ls_R_factor_R_free_error_details         ? 
_refine.ls_percent_reflns_R_free                 5.0 
_refine.ls_number_reflns_R_free                  752 
_refine.ls_number_parameters                     ? 
_refine.ls_number_restraints                     ? 
_refine.occupancy_min                            ? 
_refine.occupancy_max                            ? 
_refine.correlation_coeff_Fo_to_Fc               0.935 
_refine.correlation_coeff_Fo_to_Fc_free          0.926 
_refine.B_iso_mean                               31.224 
_refine.aniso_B[1][1]                            0.75 
_refine.aniso_B[2][2]                            0.75 
_refine.aniso_B[3][3]                            -1.13 
_refine.aniso_B[1][2]                            0.38 
_refine.aniso_B[1][3]                            0.00 
_refine.aniso_B[2][3]                            0.00 
_refine.solvent_model_details                    'BABINET MODEL WITH MASK' 
_refine.solvent_model_param_ksol                 ? 
_refine.solvent_model_param_bsol                 ? 
_refine.pdbx_solvent_vdw_probe_radii             1.20 
_refine.pdbx_solvent_ion_probe_radii             0.80 
_refine.pdbx_solvent_shrinkage_radii             0.80 
_refine.pdbx_ls_cross_valid_method               THROUGHOUT 
_refine.details                                  ? 
_refine.pdbx_starting_model                      ? 
_refine.pdbx_method_to_determine_struct          MAD 
_refine.pdbx_isotropic_thermal_model             'Isotropic with TLS groups assigned for each protein chain' 
_refine.pdbx_stereochemistry_target_values       'MAXIMUM LIKELIHOOD' 
_refine.pdbx_stereochem_target_val_spec_case     ? 
_refine.pdbx_R_Free_selection_details            RANDOM 
_refine.pdbx_overall_ESU_R                       0.115 
_refine.pdbx_overall_ESU_R_Free                  0.111 
_refine.overall_SU_ML                            0.066 
_refine.overall_SU_B                             3.953 
_refine.ls_redundancy_reflns_obs                 ? 
_refine.B_iso_min                                ? 
_refine.B_iso_max                                ? 
_refine.overall_SU_R_Cruickshank_DPI             ? 
_refine.overall_SU_R_free                        ? 
_refine.ls_wR_factor_R_free                      ? 
_refine.ls_wR_factor_R_work                      ? 
_refine.overall_FOM_free_R_set                   ? 
_refine.overall_FOM_work_R_set                   ? 
_refine.pdbx_overall_phase_error                 ? 
_refine.pdbx_refine_id                           'X-RAY DIFFRACTION' 
_refine.pdbx_diffrn_id                           1 
_refine.pdbx_TLS_residual_ADP_flag               ? 
_refine.pdbx_overall_SU_R_free_Cruickshank_DPI   ? 
_refine.pdbx_overall_SU_R_Blow_DPI               ? 
_refine.pdbx_overall_SU_R_free_Blow_DPI          ? 
# 
_refine_hist.pdbx_refine_id                   'X-RAY DIFFRACTION' 
_refine_hist.cycle_id                         LAST 
_refine_hist.pdbx_number_atoms_protein        829 
_refine_hist.pdbx_number_atoms_nucleic_acid   0 
_refine_hist.pdbx_number_atoms_ligand         37 
_refine_hist.number_atoms_solvent             47 
_refine_hist.number_atoms_total               913 
_refine_hist.d_res_high                       1.65 
_refine_hist.d_res_low                        20.70 
# 
loop_
_refine_ls_restr.type 
_refine_ls_restr.dev_ideal 
_refine_ls_restr.dev_ideal_target 
_refine_ls_restr.weight 
_refine_ls_restr.number 
_refine_ls_restr.pdbx_refine_id 
_refine_ls_restr.pdbx_restraint_function 
r_bond_refined_d             0.018  0.021  ? 890  'X-RAY DIFFRACTION' ? 
r_angle_refined_deg          1.722  1.902  ? 1211 'X-RAY DIFFRACTION' ? 
r_dihedral_angle_1_deg       3.500  5.000  ? 92   'X-RAY DIFFRACTION' ? 
r_dihedral_angle_2_deg       37.451 26.154 ? 52   'X-RAY DIFFRACTION' ? 
r_dihedral_angle_3_deg       15.423 15.000 ? 140  'X-RAY DIFFRACTION' ? 
r_dihedral_angle_4_deg       7.580  15.000 ? 1    'X-RAY DIFFRACTION' ? 
r_chiral_restr               0.127  0.200  ? 126  'X-RAY DIFFRACTION' ? 
r_gen_planes_refined         0.009  0.020  ? 669  'X-RAY DIFFRACTION' ? 
r_nbd_refined                0.231  0.200  ? 364  'X-RAY DIFFRACTION' ? 
r_nbtor_refined              0.313  0.200  ? 608  'X-RAY DIFFRACTION' ? 
r_xyhbond_nbd_refined        0.162  0.200  ? 40   'X-RAY DIFFRACTION' ? 
r_metal_ion_refined          0.057  0.200  ? 1    'X-RAY DIFFRACTION' ? 
r_symmetry_vdw_refined       0.252  0.200  ? 87   'X-RAY DIFFRACTION' ? 
r_symmetry_hbond_refined     0.151  0.200  ? 10   'X-RAY DIFFRACTION' ? 
r_symmetry_metal_ion_refined 0.129  0.200  ? 2    'X-RAY DIFFRACTION' ? 
r_mcbond_it                  1.202  1.500  ? 473  'X-RAY DIFFRACTION' ? 
r_mcangle_it                 2.149  2.000  ? 761  'X-RAY DIFFRACTION' ? 
r_scbond_it                  3.145  3.000  ? 475  'X-RAY DIFFRACTION' ? 
r_scangle_it                 4.552  4.500  ? 450  'X-RAY DIFFRACTION' ? 
# 
_refine_ls_shell.pdbx_total_number_of_bins_used   20 
_refine_ls_shell.d_res_high                       1.650 
_refine_ls_shell.d_res_low                        1.693 
_refine_ls_shell.number_reflns_R_work             1045 
_refine_ls_shell.R_factor_R_work                  0.232 
_refine_ls_shell.percent_reflns_obs               99.9 
_refine_ls_shell.R_factor_R_free                  0.310 
_refine_ls_shell.R_factor_R_free_error            ? 
_refine_ls_shell.percent_reflns_R_free            ? 
_refine_ls_shell.number_reflns_R_free             59 
_refine_ls_shell.number_reflns_all                ? 
_refine_ls_shell.R_factor_all                     ? 
_refine_ls_shell.number_reflns_obs                1104 
_refine_ls_shell.redundancy_reflns_obs            ? 
_refine_ls_shell.pdbx_refine_id                   'X-RAY DIFFRACTION' 
# 
_struct.entry_id                  3GWO 
_struct.title                     'Structure of the C-terminal Domain of a Putative HIV-1 gp41 Fusion Intermediate' 
_struct.pdbx_model_details        ? 
_struct.pdbx_CASP_flag            ? 
_struct.pdbx_model_type_details   ? 
# 
_struct_keywords.entry_id        3GWO 
_struct_keywords.pdbx_keywords   'VIRAL PROTEIN' 
_struct_keywords.text            
;viral membrane fusion, HIV-1, gp41, envelope protein, neutralizing antibodies, AIDS, Apoptosis, Cell membrane, Cleavage on pair of basic residues, Disulfide bond, Fusion protein, Glycoprotein, Host-virus interaction, Lipoprotein, Membrane, Palmitate, Transmembrane, Viral immunoevasion, Virion, VIRAL PROTEIN
;
# 
loop_
_struct_asym.id 
_struct_asym.pdbx_blank_PDB_chainid_flag 
_struct_asym.pdbx_modified 
_struct_asym.entity_id 
_struct_asym.details 
A N N 1 ? 
B N N 1 ? 
C N N 2 ? 
D N N 2 ? 
E N N 3 ? 
F N N 4 ? 
G N N 4 ? 
# 
_struct_ref.id                         1 
_struct_ref.db_name                    UNP 
_struct_ref.db_code                    ENV_HV1LW 
_struct_ref.pdbx_db_accession          Q70626 
_struct_ref.entity_id                  1 
_struct_ref.pdbx_seq_one_letter_code   EWDREINNYTSLIHSLIEESQNQQEKNEQELLELDKWASLWNWFNITNWLWYIK 
_struct_ref.pdbx_align_begin           630 
_struct_ref.pdbx_db_isoform            ? 
# 
loop_
_struct_ref_seq.align_id 
_struct_ref_seq.ref_id 
_struct_ref_seq.pdbx_PDB_id_code 
_struct_ref_seq.pdbx_strand_id 
_struct_ref_seq.seq_align_beg 
_struct_ref_seq.pdbx_seq_align_beg_ins_code 
_struct_ref_seq.seq_align_end 
_struct_ref_seq.pdbx_seq_align_end_ins_code 
_struct_ref_seq.pdbx_db_accession 
_struct_ref_seq.db_align_beg 
_struct_ref_seq.pdbx_db_align_beg_ins_code 
_struct_ref_seq.db_align_end 
_struct_ref_seq.pdbx_db_align_end_ins_code 
_struct_ref_seq.pdbx_auth_seq_align_beg 
_struct_ref_seq.pdbx_auth_seq_align_end 
1 1 3GWO A 1 ? 54 ? Q70626 630 ? 683 ? 1 54 
2 1 3GWO B 1 ? 54 ? Q70626 630 ? 683 ? 1 54 
# 
_pdbx_struct_assembly.id                   1 
_pdbx_struct_assembly.details              author_and_software_defined_assembly 
_pdbx_struct_assembly.method_details       PISA 
_pdbx_struct_assembly.oligomeric_details   dimeric 
_pdbx_struct_assembly.oligomeric_count     2 
# 
loop_
_pdbx_struct_assembly_prop.biol_id 
_pdbx_struct_assembly_prop.type 
_pdbx_struct_assembly_prop.value 
_pdbx_struct_assembly_prop.details 
1 'ABSA (A^2)' 2200 ? 
1 MORE         -18  ? 
1 'SSA (A^2)'  8720 ? 
# 
_pdbx_struct_assembly_gen.assembly_id       1 
_pdbx_struct_assembly_gen.oper_expression   1 
_pdbx_struct_assembly_gen.asym_id_list      A,B,C,D,E,F,G 
# 
_pdbx_struct_oper_list.id                   1 
_pdbx_struct_oper_list.type                 'identity operation' 
_pdbx_struct_oper_list.name                 1_555 
_pdbx_struct_oper_list.symmetry_operation   x,y,z 
_pdbx_struct_oper_list.matrix[1][1]         1.0000000000 
_pdbx_struct_oper_list.matrix[1][2]         0.0000000000 
_pdbx_struct_oper_list.matrix[1][3]         0.0000000000 
_pdbx_struct_oper_list.vector[1]            0.0000000000 
_pdbx_struct_oper_list.matrix[2][1]         0.0000000000 
_pdbx_struct_oper_list.matrix[2][2]         1.0000000000 
_pdbx_struct_oper_list.matrix[2][3]         0.0000000000 
_pdbx_struct_oper_list.vector[2]            0.0000000000 
_pdbx_struct_oper_list.matrix[3][1]         0.0000000000 
_pdbx_struct_oper_list.matrix[3][2]         0.0000000000 
_pdbx_struct_oper_list.matrix[3][3]         1.0000000000 
_pdbx_struct_oper_list.vector[3]            0.0000000000 
# 
_struct_biol.id        1 
_struct_biol.details   ? 
# 
loop_
_struct_conf.conf_type_id 
_struct_conf.id 
_struct_conf.pdbx_PDB_helix_id 
_struct_conf.beg_label_comp_id 
_struct_conf.beg_label_asym_id 
_struct_conf.beg_label_seq_id 
_struct_conf.pdbx_beg_PDB_ins_code 
_struct_conf.end_label_comp_id 
_struct_conf.end_label_asym_id 
_struct_conf.end_label_seq_id 
_struct_conf.pdbx_end_PDB_ins_code 
_struct_conf.beg_auth_comp_id 
_struct_conf.beg_auth_asym_id 
_struct_conf.beg_auth_seq_id 
_struct_conf.end_auth_comp_id 
_struct_conf.end_auth_asym_id 
_struct_conf.end_auth_seq_id 
_struct_conf.pdbx_PDB_helix_class 
_struct_conf.details 
_struct_conf.pdbx_PDB_helix_length 
HELX_P HELX_P1 1 ASP A 3  ? LYS A 54 ? ASP A 3  LYS A 54 1 ? 52 
HELX_P HELX_P2 2 LEU B 12 ? TYR B 52 ? LEU B 12 TYR B 52 1 ? 41 
# 
_struct_conf_type.id          HELX_P 
_struct_conf_type.criteria    ? 
_struct_conf_type.reference   ? 
# 
_struct_conn.id                            metalc1 
_struct_conn.conn_type_id                  metalc 
_struct_conn.pdbx_leaving_atom_flag        ? 
_struct_conn.pdbx_PDB_id                   ? 
_struct_conn.ptnr1_label_asym_id           E 
_struct_conn.ptnr1_label_comp_id           NA 
_struct_conn.ptnr1_label_seq_id            . 
_struct_conn.ptnr1_label_atom_id           NA 
_struct_conn.pdbx_ptnr1_label_alt_id       ? 
_struct_conn.pdbx_ptnr1_PDB_ins_code       ? 
_struct_conn.pdbx_ptnr1_standard_comp_id   ? 
_struct_conn.ptnr1_symmetry                1_555 
_struct_conn.ptnr2_label_asym_id           G 
_struct_conn.ptnr2_label_comp_id           HOH 
_struct_conn.ptnr2_label_seq_id            . 
_struct_conn.ptnr2_label_atom_id           O 
_struct_conn.pdbx_ptnr2_label_alt_id       ? 
_struct_conn.pdbx_ptnr2_PDB_ins_code       ? 
_struct_conn.ptnr1_auth_asym_id            A 
_struct_conn.ptnr1_auth_comp_id            NA 
_struct_conn.ptnr1_auth_seq_id             57 
_struct_conn.ptnr2_auth_asym_id            B 
_struct_conn.ptnr2_auth_comp_id            HOH 
_struct_conn.ptnr2_auth_seq_id             61 
_struct_conn.ptnr2_symmetry                1_555 
_struct_conn.pdbx_ptnr3_label_atom_id      ? 
_struct_conn.pdbx_ptnr3_label_seq_id       ? 
_struct_conn.pdbx_ptnr3_label_comp_id      ? 
_struct_conn.pdbx_ptnr3_label_asym_id      ? 
_struct_conn.pdbx_ptnr3_label_alt_id       ? 
_struct_conn.pdbx_ptnr3_PDB_ins_code       ? 
_struct_conn.details                       ? 
_struct_conn.pdbx_dist_value               2.353 
_struct_conn.pdbx_value_order              ? 
_struct_conn.pdbx_role                     ? 
# 
_struct_conn_type.id          metalc 
_struct_conn_type.criteria    ? 
_struct_conn_type.reference   ? 
# 
loop_
_struct_site.id 
_struct_site.pdbx_evidence_code 
_struct_site.pdbx_auth_asym_id 
_struct_site.pdbx_auth_comp_id 
_struct_site.pdbx_auth_seq_id 
_struct_site.pdbx_auth_ins_code 
_struct_site.pdbx_num_residues 
_struct_site.details 
AC1 Software A JEF 55 ? 8 'BINDING SITE FOR RESIDUE JEF A 55' 
AC2 Software A JEF 56 ? 4 'BINDING SITE FOR RESIDUE JEF A 56' 
AC3 Software A NA  57 ? 5 'BINDING SITE FOR RESIDUE NA A 57'  
# 
loop_
_struct_site_gen.id 
_struct_site_gen.site_id 
_struct_site_gen.pdbx_num_res 
_struct_site_gen.label_comp_id 
_struct_site_gen.label_asym_id 
_struct_site_gen.label_seq_id 
_struct_site_gen.pdbx_auth_ins_code 
_struct_site_gen.auth_comp_id 
_struct_site_gen.auth_asym_id 
_struct_site_gen.auth_seq_id 
_struct_site_gen.label_atom_id 
_struct_site_gen.label_alt_id 
_struct_site_gen.symmetry 
_struct_site_gen.details 
1  AC1 8 TRP A 37 ? TRP A 37 . ? 1_555 ? 
2  AC1 8 TRP A 41 ? TRP A 41 . ? 1_555 ? 
3  AC1 8 THR A 47 ? THR A 47 . ? 4_655 ? 
4  AC1 8 ASN A 48 ? ASN A 48 . ? 4_655 ? 
5  AC1 8 TRP A 51 ? TRP A 51 . ? 4_655 ? 
6  AC1 8 TRP B 37 ? TRP B 37 . ? 6_655 ? 
7  AC1 8 TRP B 41 ? TRP B 41 . ? 6_655 ? 
8  AC1 8 TRP B 51 ? TRP B 51 . ? 3_554 ? 
9  AC2 4 HOH F .  ? HOH A 89 . ? 1_555 ? 
10 AC2 4 TRP B 37 ? TRP B 37 . ? 3_554 ? 
11 AC2 4 LEU B 40 ? LEU B 40 . ? 3_554 ? 
12 AC2 4 TRP B 51 ? TRP B 51 . ? 6_545 ? 
13 AC3 5 TRP A 2  ? TRP A 2  . ? 1_555 ? 
14 AC3 5 SER A 39 ? SER A 39 . ? 6_565 ? 
15 AC3 5 HOH F .  ? HOH A 75 . ? 6_565 ? 
16 AC3 5 HOH F .  ? HOH A 78 . ? 6_565 ? 
17 AC3 5 HOH G .  ? HOH B 61 . ? 1_555 ? 
# 
loop_
_pdbx_validate_chiral.id 
_pdbx_validate_chiral.PDB_model_num 
_pdbx_validate_chiral.auth_atom_id 
_pdbx_validate_chiral.label_alt_id 
_pdbx_validate_chiral.auth_asym_id 
_pdbx_validate_chiral.auth_comp_id 
_pdbx_validate_chiral.auth_seq_id 
_pdbx_validate_chiral.PDB_ins_code 
_pdbx_validate_chiral.details 
_pdbx_validate_chiral.omega 
1 1 C  ? A JEF 55 ? 'WRONG HAND' . 
2 1 C2 ? A JEF 55 ? 'WRONG HAND' . 
3 1 C5 ? A JEF 55 ? 'WRONG HAND' . 
4 1 C2 ? A JEF 56 ? 'WRONG HAND' . 
5 1 C5 ? A JEF 56 ? 'WRONG HAND' . 
# 
loop_
_pdbx_refine_tls.id 
_pdbx_refine_tls.details 
_pdbx_refine_tls.method 
_pdbx_refine_tls.origin_x 
_pdbx_refine_tls.origin_y 
_pdbx_refine_tls.origin_z 
_pdbx_refine_tls.T[1][1] 
_pdbx_refine_tls.T[2][2] 
_pdbx_refine_tls.T[3][3] 
_pdbx_refine_tls.T[1][2] 
_pdbx_refine_tls.T[1][3] 
_pdbx_refine_tls.T[2][3] 
_pdbx_refine_tls.L[1][1] 
_pdbx_refine_tls.L[2][2] 
_pdbx_refine_tls.L[3][3] 
_pdbx_refine_tls.L[1][2] 
_pdbx_refine_tls.L[1][3] 
_pdbx_refine_tls.L[2][3] 
_pdbx_refine_tls.S[1][1] 
_pdbx_refine_tls.S[1][2] 
_pdbx_refine_tls.S[1][3] 
_pdbx_refine_tls.S[2][1] 
_pdbx_refine_tls.S[2][2] 
_pdbx_refine_tls.S[2][3] 
_pdbx_refine_tls.S[3][1] 
_pdbx_refine_tls.S[3][2] 
_pdbx_refine_tls.S[3][3] 
_pdbx_refine_tls.pdbx_refine_id 
1 ? refined 6.7674  -8.4869 2.7220  0.0430 0.0251 0.0482 0.0198 -0.0549 -0.0072 0.5064 4.1406 0.0169 -1.2587 -0.0880 0.1786  0.0487 0.0080  -0.0258 -0.1994 -0.0592 0.2184  0.0487  -0.0496 0.0105  'X-RAY DIFFRACTION' 
2 ? refined -8.8290 10.9652 -3.3508 0.0206 0.0409 0.0431 0.0093 -0.0378 0.0086  0.8476 3.4582 0.3612 -1.0327 0.5397  -0.8542 0.0960 -0.0441 -0.1099 0.0100  0.0315  -0.0254 -0.0584 0.0474  -0.1275 'X-RAY DIFFRACTION' 
# 
loop_
_pdbx_refine_tls_group.id 
_pdbx_refine_tls_group.refine_tls_id 
_pdbx_refine_tls_group.beg_auth_asym_id 
_pdbx_refine_tls_group.beg_auth_seq_id 
_pdbx_refine_tls_group.beg_label_asym_id 
_pdbx_refine_tls_group.beg_label_seq_id 
_pdbx_refine_tls_group.end_auth_asym_id 
_pdbx_refine_tls_group.end_auth_seq_id 
_pdbx_refine_tls_group.end_label_asym_id 
_pdbx_refine_tls_group.end_label_seq_id 
_pdbx_refine_tls_group.selection 
_pdbx_refine_tls_group.selection_details 
_pdbx_refine_tls_group.pdbx_refine_id 
1 1 A 2  ? ? A 54 ? ? ? ? 'X-RAY DIFFRACTION' 
2 2 B 12 ? ? B 52 ? ? ? ? 'X-RAY DIFFRACTION' 
# 
loop_
_pdbx_unobs_or_zero_occ_residues.id 
_pdbx_unobs_or_zero_occ_residues.PDB_model_num 
_pdbx_unobs_or_zero_occ_residues.polymer_flag 
_pdbx_unobs_or_zero_occ_residues.occupancy_flag 
_pdbx_unobs_or_zero_occ_residues.auth_asym_id 
_pdbx_unobs_or_zero_occ_residues.auth_comp_id 
_pdbx_unobs_or_zero_occ_residues.auth_seq_id 
_pdbx_unobs_or_zero_occ_residues.PDB_ins_code 
_pdbx_unobs_or_zero_occ_residues.label_asym_id 
_pdbx_unobs_or_zero_occ_residues.label_comp_id 
_pdbx_unobs_or_zero_occ_residues.label_seq_id 
1  1 Y 1 A GLU 1  ? A GLU 1  
2  1 Y 1 B GLU 1  ? B GLU 1  
3  1 Y 1 B TRP 2  ? B TRP 2  
4  1 Y 1 B ASP 3  ? B ASP 3  
5  1 Y 1 B ARG 4  ? B ARG 4  
6  1 Y 1 B GLU 5  ? B GLU 5  
7  1 Y 1 B ILE 6  ? B ILE 6  
8  1 Y 1 B ASN 7  ? B ASN 7  
9  1 Y 1 B ASN 8  ? B ASN 8  
10 1 Y 1 B TYR 9  ? B TYR 9  
11 1 Y 1 B THR 10 ? B THR 10 
12 1 Y 1 B SER 11 ? B SER 11 
13 1 Y 1 B ILE 53 ? B ILE 53 
14 1 Y 1 B LYS 54 ? B LYS 54 
# 
loop_
_chem_comp_atom.comp_id 
_chem_comp_atom.atom_id 
_chem_comp_atom.type_symbol 
_chem_comp_atom.pdbx_aromatic_flag 
_chem_comp_atom.pdbx_stereo_config 
_chem_comp_atom.pdbx_ordinal 
ALA N    N  N N 1   
ALA CA   C  N S 2   
ALA C    C  N N 3   
ALA O    O  N N 4   
ALA CB   C  N N 5   
ALA OXT  O  N N 6   
ALA H    H  N N 7   
ALA H2   H  N N 8   
ALA HA   H  N N 9   
ALA HB1  H  N N 10  
ALA HB2  H  N N 11  
ALA HB3  H  N N 12  
ALA HXT  H  N N 13  
ARG N    N  N N 14  
ARG CA   C  N S 15  
ARG C    C  N N 16  
ARG O    O  N N 17  
ARG CB   C  N N 18  
ARG CG   C  N N 19  
ARG CD   C  N N 20  
ARG NE   N  N N 21  
ARG CZ   C  N N 22  
ARG NH1  N  N N 23  
ARG NH2  N  N N 24  
ARG OXT  O  N N 25  
ARG H    H  N N 26  
ARG H2   H  N N 27  
ARG HA   H  N N 28  
ARG HB2  H  N N 29  
ARG HB3  H  N N 30  
ARG HG2  H  N N 31  
ARG HG3  H  N N 32  
ARG HD2  H  N N 33  
ARG HD3  H  N N 34  
ARG HE   H  N N 35  
ARG HH11 H  N N 36  
ARG HH12 H  N N 37  
ARG HH21 H  N N 38  
ARG HH22 H  N N 39  
ARG HXT  H  N N 40  
ASN N    N  N N 41  
ASN CA   C  N S 42  
ASN C    C  N N 43  
ASN O    O  N N 44  
ASN CB   C  N N 45  
ASN CG   C  N N 46  
ASN OD1  O  N N 47  
ASN ND2  N  N N 48  
ASN OXT  O  N N 49  
ASN H    H  N N 50  
ASN H2   H  N N 51  
ASN HA   H  N N 52  
ASN HB2  H  N N 53  
ASN HB3  H  N N 54  
ASN HD21 H  N N 55  
ASN HD22 H  N N 56  
ASN HXT  H  N N 57  
ASP N    N  N N 58  
ASP CA   C  N S 59  
ASP C    C  N N 60  
ASP O    O  N N 61  
ASP CB   C  N N 62  
ASP CG   C  N N 63  
ASP OD1  O  N N 64  
ASP OD2  O  N N 65  
ASP OXT  O  N N 66  
ASP H    H  N N 67  
ASP H2   H  N N 68  
ASP HA   H  N N 69  
ASP HB2  H  N N 70  
ASP HB3  H  N N 71  
ASP HD2  H  N N 72  
ASP HXT  H  N N 73  
GLN N    N  N N 74  
GLN CA   C  N S 75  
GLN C    C  N N 76  
GLN O    O  N N 77  
GLN CB   C  N N 78  
GLN CG   C  N N 79  
GLN CD   C  N N 80  
GLN OE1  O  N N 81  
GLN NE2  N  N N 82  
GLN OXT  O  N N 83  
GLN H    H  N N 84  
GLN H2   H  N N 85  
GLN HA   H  N N 86  
GLN HB2  H  N N 87  
GLN HB3  H  N N 88  
GLN HG2  H  N N 89  
GLN HG3  H  N N 90  
GLN HE21 H  N N 91  
GLN HE22 H  N N 92  
GLN HXT  H  N N 93  
GLU N    N  N N 94  
GLU CA   C  N S 95  
GLU C    C  N N 96  
GLU O    O  N N 97  
GLU CB   C  N N 98  
GLU CG   C  N N 99  
GLU CD   C  N N 100 
GLU OE1  O  N N 101 
GLU OE2  O  N N 102 
GLU OXT  O  N N 103 
GLU H    H  N N 104 
GLU H2   H  N N 105 
GLU HA   H  N N 106 
GLU HB2  H  N N 107 
GLU HB3  H  N N 108 
GLU HG2  H  N N 109 
GLU HG3  H  N N 110 
GLU HE2  H  N N 111 
GLU HXT  H  N N 112 
HIS N    N  N N 113 
HIS CA   C  N S 114 
HIS C    C  N N 115 
HIS O    O  N N 116 
HIS CB   C  N N 117 
HIS CG   C  Y N 118 
HIS ND1  N  Y N 119 
HIS CD2  C  Y N 120 
HIS CE1  C  Y N 121 
HIS NE2  N  Y N 122 
HIS OXT  O  N N 123 
HIS H    H  N N 124 
HIS H2   H  N N 125 
HIS HA   H  N N 126 
HIS HB2  H  N N 127 
HIS HB3  H  N N 128 
HIS HD1  H  N N 129 
HIS HD2  H  N N 130 
HIS HE1  H  N N 131 
HIS HE2  H  N N 132 
HIS HXT  H  N N 133 
HOH O    O  N N 134 
HOH H1   H  N N 135 
HOH H2   H  N N 136 
ILE N    N  N N 137 
ILE CA   C  N S 138 
ILE C    C  N N 139 
ILE O    O  N N 140 
ILE CB   C  N S 141 
ILE CG1  C  N N 142 
ILE CG2  C  N N 143 
ILE CD1  C  N N 144 
ILE OXT  O  N N 145 
ILE H    H  N N 146 
ILE H2   H  N N 147 
ILE HA   H  N N 148 
ILE HB   H  N N 149 
ILE HG12 H  N N 150 
ILE HG13 H  N N 151 
ILE HG21 H  N N 152 
ILE HG22 H  N N 153 
ILE HG23 H  N N 154 
ILE HD11 H  N N 155 
ILE HD12 H  N N 156 
ILE HD13 H  N N 157 
ILE HXT  H  N N 158 
JEF C38  C  N N 159 
JEF O12  O  N N 160 
JEF C37  C  N N 161 
JEF C36  C  N N 162 
JEF O11  O  N N 163 
JEF C33  C  N N 164 
JEF C34  C  N N 165 
JEF C32  C  N N 166 
JEF O10  O  N N 167 
JEF C19  C  N N 168 
JEF C40  C  N N 169 
JEF C20  C  N N 170 
JEF O    O  N N 171 
JEF C    C  N R 172 
JEF C18  C  N N 173 
JEF C17  C  N N 174 
JEF OH   O  N N 175 
JEF C2   C  N R 176 
JEF C1   C  N N 177 
JEF C3   C  N N 178 
JEF O2   O  N N 179 
JEF C5   C  N S 180 
JEF C6   C  N N 181 
JEF C4   C  N N 182 
JEF O3   O  N N 183 
JEF C7   C  N S 184 
JEF C9   C  N N 185 
JEF C8   C  N N 186 
JEF O4   O  N N 187 
JEF C11  C  N R 188 
JEF C12  C  N N 189 
JEF C10  C  N N 190 
JEF O5   O  N N 191 
JEF C13  C  N R 192 
JEF C15  C  N N 193 
JEF C14  C  N N 194 
JEF O6   O  N N 195 
JEF C16  C  N N 196 
JEF C30  C  N N 197 
JEF C31  C  N N 198 
JEF N1   N  N N 199 
JEF H381 H  N N 200 
JEF H382 H  N N 201 
JEF H383 H  N N 202 
JEF H371 H  N N 203 
JEF H372 H  N N 204 
JEF H361 H  N N 205 
JEF H362 H  N N 206 
JEF H33  H  N N 207 
JEF H341 H  N N 208 
JEF H342 H  N N 209 
JEF H343 H  N N 210 
JEF H321 H  N N 211 
JEF H322 H  N N 212 
JEF H19  H  N N 213 
JEF H401 H  N N 214 
JEF H402 H  N N 215 
JEF H403 H  N N 216 
JEF H201 H  N N 217 
JEF H202 H  N N 218 
JEF H    H  N N 219 
JEF H181 H  N N 220 
JEF H182 H  N N 221 
JEF H183 H  N N 222 
JEF H171 H  N N 223 
JEF H172 H  N N 224 
JEF H2   H  N N 225 
JEF H11A H  N N 226 
JEF H12  H  N N 227 
JEF H13A H  N N 228 
JEF H31  H  N N 229 
JEF H32  H  N N 230 
JEF H5   H  N N 231 
JEF H61  H  N N 232 
JEF H62  H  N N 233 
JEF H63  H  N N 234 
JEF H41  H  N N 235 
JEF H42  H  N N 236 
JEF H7   H  N N 237 
JEF H91  H  N N 238 
JEF H92  H  N N 239 
JEF H93  H  N N 240 
JEF H81  H  N N 241 
JEF H82  H  N N 242 
JEF H11  H  N N 243 
JEF H121 H  N N 244 
JEF H122 H  N N 245 
JEF H123 H  N N 246 
JEF H101 H  N N 247 
JEF H102 H  N N 248 
JEF H13  H  N N 249 
JEF H151 H  N N 250 
JEF H152 H  N N 251 
JEF H153 H  N N 252 
JEF H141 H  N N 253 
JEF H142 H  N N 254 
JEF H161 H  N N 255 
JEF H162 H  N N 256 
JEF H30  H  N N 257 
JEF H311 H  N N 258 
JEF H312 H  N N 259 
JEF H313 H  N N 260 
JEF HN11 H  N N 261 
JEF HN12 H  N N 262 
LEU N    N  N N 263 
LEU CA   C  N S 264 
LEU C    C  N N 265 
LEU O    O  N N 266 
LEU CB   C  N N 267 
LEU CG   C  N N 268 
LEU CD1  C  N N 269 
LEU CD2  C  N N 270 
LEU OXT  O  N N 271 
LEU H    H  N N 272 
LEU H2   H  N N 273 
LEU HA   H  N N 274 
LEU HB2  H  N N 275 
LEU HB3  H  N N 276 
LEU HG   H  N N 277 
LEU HD11 H  N N 278 
LEU HD12 H  N N 279 
LEU HD13 H  N N 280 
LEU HD21 H  N N 281 
LEU HD22 H  N N 282 
LEU HD23 H  N N 283 
LEU HXT  H  N N 284 
LYS N    N  N N 285 
LYS CA   C  N S 286 
LYS C    C  N N 287 
LYS O    O  N N 288 
LYS CB   C  N N 289 
LYS CG   C  N N 290 
LYS CD   C  N N 291 
LYS CE   C  N N 292 
LYS NZ   N  N N 293 
LYS OXT  O  N N 294 
LYS H    H  N N 295 
LYS H2   H  N N 296 
LYS HA   H  N N 297 
LYS HB2  H  N N 298 
LYS HB3  H  N N 299 
LYS HG2  H  N N 300 
LYS HG3  H  N N 301 
LYS HD2  H  N N 302 
LYS HD3  H  N N 303 
LYS HE2  H  N N 304 
LYS HE3  H  N N 305 
LYS HZ1  H  N N 306 
LYS HZ2  H  N N 307 
LYS HZ3  H  N N 308 
LYS HXT  H  N N 309 
NA  NA   NA N N 310 
PHE N    N  N N 311 
PHE CA   C  N S 312 
PHE C    C  N N 313 
PHE O    O  N N 314 
PHE CB   C  N N 315 
PHE CG   C  Y N 316 
PHE CD1  C  Y N 317 
PHE CD2  C  Y N 318 
PHE CE1  C  Y N 319 
PHE CE2  C  Y N 320 
PHE CZ   C  Y N 321 
PHE OXT  O  N N 322 
PHE H    H  N N 323 
PHE H2   H  N N 324 
PHE HA   H  N N 325 
PHE HB2  H  N N 326 
PHE HB3  H  N N 327 
PHE HD1  H  N N 328 
PHE HD2  H  N N 329 
PHE HE1  H  N N 330 
PHE HE2  H  N N 331 
PHE HZ   H  N N 332 
PHE HXT  H  N N 333 
SER N    N  N N 334 
SER CA   C  N S 335 
SER C    C  N N 336 
SER O    O  N N 337 
SER CB   C  N N 338 
SER OG   O  N N 339 
SER OXT  O  N N 340 
SER H    H  N N 341 
SER H2   H  N N 342 
SER HA   H  N N 343 
SER HB2  H  N N 344 
SER HB3  H  N N 345 
SER HG   H  N N 346 
SER HXT  H  N N 347 
THR N    N  N N 348 
THR CA   C  N S 349 
THR C    C  N N 350 
THR O    O  N N 351 
THR CB   C  N R 352 
THR OG1  O  N N 353 
THR CG2  C  N N 354 
THR OXT  O  N N 355 
THR H    H  N N 356 
THR H2   H  N N 357 
THR HA   H  N N 358 
THR HB   H  N N 359 
THR HG1  H  N N 360 
THR HG21 H  N N 361 
THR HG22 H  N N 362 
THR HG23 H  N N 363 
THR HXT  H  N N 364 
TRP N    N  N N 365 
TRP CA   C  N S 366 
TRP C    C  N N 367 
TRP O    O  N N 368 
TRP CB   C  N N 369 
TRP CG   C  Y N 370 
TRP CD1  C  Y N 371 
TRP CD2  C  Y N 372 
TRP NE1  N  Y N 373 
TRP CE2  C  Y N 374 
TRP CE3  C  Y N 375 
TRP CZ2  C  Y N 376 
TRP CZ3  C  Y N 377 
TRP CH2  C  Y N 378 
TRP OXT  O  N N 379 
TRP H    H  N N 380 
TRP H2   H  N N 381 
TRP HA   H  N N 382 
TRP HB2  H  N N 383 
TRP HB3  H  N N 384 
TRP HD1  H  N N 385 
TRP HE1  H  N N 386 
TRP HE3  H  N N 387 
TRP HZ2  H  N N 388 
TRP HZ3  H  N N 389 
TRP HH2  H  N N 390 
TRP HXT  H  N N 391 
TYR N    N  N N 392 
TYR CA   C  N S 393 
TYR C    C  N N 394 
TYR O    O  N N 395 
TYR CB   C  N N 396 
TYR CG   C  Y N 397 
TYR CD1  C  Y N 398 
TYR CD2  C  Y N 399 
TYR CE1  C  Y N 400 
TYR CE2  C  Y N 401 
TYR CZ   C  Y N 402 
TYR OH   O  N N 403 
TYR OXT  O  N N 404 
TYR H    H  N N 405 
TYR H2   H  N N 406 
TYR HA   H  N N 407 
TYR HB2  H  N N 408 
TYR HB3  H  N N 409 
TYR HD1  H  N N 410 
TYR HD2  H  N N 411 
TYR HE1  H  N N 412 
TYR HE2  H  N N 413 
TYR HH   H  N N 414 
TYR HXT  H  N N 415 
# 
loop_
_chem_comp_bond.comp_id 
_chem_comp_bond.atom_id_1 
_chem_comp_bond.atom_id_2 
_chem_comp_bond.value_order 
_chem_comp_bond.pdbx_aromatic_flag 
_chem_comp_bond.pdbx_stereo_config 
_chem_comp_bond.pdbx_ordinal 
ALA N   CA   sing N N 1   
ALA N   H    sing N N 2   
ALA N   H2   sing N N 3   
ALA CA  C    sing N N 4   
ALA CA  CB   sing N N 5   
ALA CA  HA   sing N N 6   
ALA C   O    doub N N 7   
ALA C   OXT  sing N N 8   
ALA CB  HB1  sing N N 9   
ALA CB  HB2  sing N N 10  
ALA CB  HB3  sing N N 11  
ALA OXT HXT  sing N N 12  
ARG N   CA   sing N N 13  
ARG N   H    sing N N 14  
ARG N   H2   sing N N 15  
ARG CA  C    sing N N 16  
ARG CA  CB   sing N N 17  
ARG CA  HA   sing N N 18  
ARG C   O    doub N N 19  
ARG C   OXT  sing N N 20  
ARG CB  CG   sing N N 21  
ARG CB  HB2  sing N N 22  
ARG CB  HB3  sing N N 23  
ARG CG  CD   sing N N 24  
ARG CG  HG2  sing N N 25  
ARG CG  HG3  sing N N 26  
ARG CD  NE   sing N N 27  
ARG CD  HD2  sing N N 28  
ARG CD  HD3  sing N N 29  
ARG NE  CZ   sing N N 30  
ARG NE  HE   sing N N 31  
ARG CZ  NH1  sing N N 32  
ARG CZ  NH2  doub N N 33  
ARG NH1 HH11 sing N N 34  
ARG NH1 HH12 sing N N 35  
ARG NH2 HH21 sing N N 36  
ARG NH2 HH22 sing N N 37  
ARG OXT HXT  sing N N 38  
ASN N   CA   sing N N 39  
ASN N   H    sing N N 40  
ASN N   H2   sing N N 41  
ASN CA  C    sing N N 42  
ASN CA  CB   sing N N 43  
ASN CA  HA   sing N N 44  
ASN C   O    doub N N 45  
ASN C   OXT  sing N N 46  
ASN CB  CG   sing N N 47  
ASN CB  HB2  sing N N 48  
ASN CB  HB3  sing N N 49  
ASN CG  OD1  doub N N 50  
ASN CG  ND2  sing N N 51  
ASN ND2 HD21 sing N N 52  
ASN ND2 HD22 sing N N 53  
ASN OXT HXT  sing N N 54  
ASP N   CA   sing N N 55  
ASP N   H    sing N N 56  
ASP N   H2   sing N N 57  
ASP CA  C    sing N N 58  
ASP CA  CB   sing N N 59  
ASP CA  HA   sing N N 60  
ASP C   O    doub N N 61  
ASP C   OXT  sing N N 62  
ASP CB  CG   sing N N 63  
ASP CB  HB2  sing N N 64  
ASP CB  HB3  sing N N 65  
ASP CG  OD1  doub N N 66  
ASP CG  OD2  sing N N 67  
ASP OD2 HD2  sing N N 68  
ASP OXT HXT  sing N N 69  
GLN N   CA   sing N N 70  
GLN N   H    sing N N 71  
GLN N   H2   sing N N 72  
GLN CA  C    sing N N 73  
GLN CA  CB   sing N N 74  
GLN CA  HA   sing N N 75  
GLN C   O    doub N N 76  
GLN C   OXT  sing N N 77  
GLN CB  CG   sing N N 78  
GLN CB  HB2  sing N N 79  
GLN CB  HB3  sing N N 80  
GLN CG  CD   sing N N 81  
GLN CG  HG2  sing N N 82  
GLN CG  HG3  sing N N 83  
GLN CD  OE1  doub N N 84  
GLN CD  NE2  sing N N 85  
GLN NE2 HE21 sing N N 86  
GLN NE2 HE22 sing N N 87  
GLN OXT HXT  sing N N 88  
GLU N   CA   sing N N 89  
GLU N   H    sing N N 90  
GLU N   H2   sing N N 91  
GLU CA  C    sing N N 92  
GLU CA  CB   sing N N 93  
GLU CA  HA   sing N N 94  
GLU C   O    doub N N 95  
GLU C   OXT  sing N N 96  
GLU CB  CG   sing N N 97  
GLU CB  HB2  sing N N 98  
GLU CB  HB3  sing N N 99  
GLU CG  CD   sing N N 100 
GLU CG  HG2  sing N N 101 
GLU CG  HG3  sing N N 102 
GLU CD  OE1  doub N N 103 
GLU CD  OE2  sing N N 104 
GLU OE2 HE2  sing N N 105 
GLU OXT HXT  sing N N 106 
HIS N   CA   sing N N 107 
HIS N   H    sing N N 108 
HIS N   H2   sing N N 109 
HIS CA  C    sing N N 110 
HIS CA  CB   sing N N 111 
HIS CA  HA   sing N N 112 
HIS C   O    doub N N 113 
HIS C   OXT  sing N N 114 
HIS CB  CG   sing N N 115 
HIS CB  HB2  sing N N 116 
HIS CB  HB3  sing N N 117 
HIS CG  ND1  sing Y N 118 
HIS CG  CD2  doub Y N 119 
HIS ND1 CE1  doub Y N 120 
HIS ND1 HD1  sing N N 121 
HIS CD2 NE2  sing Y N 122 
HIS CD2 HD2  sing N N 123 
HIS CE1 NE2  sing Y N 124 
HIS CE1 HE1  sing N N 125 
HIS NE2 HE2  sing N N 126 
HIS OXT HXT  sing N N 127 
HOH O   H1   sing N N 128 
HOH O   H2   sing N N 129 
ILE N   CA   sing N N 130 
ILE N   H    sing N N 131 
ILE N   H2   sing N N 132 
ILE CA  C    sing N N 133 
ILE CA  CB   sing N N 134 
ILE CA  HA   sing N N 135 
ILE C   O    doub N N 136 
ILE C   OXT  sing N N 137 
ILE CB  CG1  sing N N 138 
ILE CB  CG2  sing N N 139 
ILE CB  HB   sing N N 140 
ILE CG1 CD1  sing N N 141 
ILE CG1 HG12 sing N N 142 
ILE CG1 HG13 sing N N 143 
ILE CG2 HG21 sing N N 144 
ILE CG2 HG22 sing N N 145 
ILE CG2 HG23 sing N N 146 
ILE CD1 HD11 sing N N 147 
ILE CD1 HD12 sing N N 148 
ILE CD1 HD13 sing N N 149 
ILE OXT HXT  sing N N 150 
JEF C38 O12  sing N N 151 
JEF C38 H381 sing N N 152 
JEF C38 H382 sing N N 153 
JEF C38 H383 sing N N 154 
JEF O12 C37  sing N N 155 
JEF C37 C36  sing N N 156 
JEF C37 H371 sing N N 157 
JEF C37 H372 sing N N 158 
JEF C36 O11  sing N N 159 
JEF C36 H361 sing N N 160 
JEF C36 H362 sing N N 161 
JEF C33 C34  sing N N 162 
JEF C33 C32  sing N N 163 
JEF C33 H33  sing N N 164 
JEF C34 H341 sing N N 165 
JEF C34 H342 sing N N 166 
JEF C34 H343 sing N N 167 
JEF C32 O10  sing N N 168 
JEF C32 H321 sing N N 169 
JEF C32 H322 sing N N 170 
JEF O10 C19  sing N N 171 
JEF C19 C40  sing N N 172 
JEF C19 C20  sing N N 173 
JEF C19 H19  sing N N 174 
JEF C40 H401 sing N N 175 
JEF C40 H402 sing N N 176 
JEF C40 H403 sing N N 177 
JEF C20 O    sing N N 178 
JEF C20 H201 sing N N 179 
JEF C20 H202 sing N N 180 
JEF O   C    sing N N 181 
JEF C   C18  sing N N 182 
JEF C   C17  sing N N 183 
JEF C   H    sing N N 184 
JEF C18 H181 sing N N 185 
JEF C18 H182 sing N N 186 
JEF C18 H183 sing N N 187 
JEF C17 OH   sing N N 188 
JEF C17 H171 sing N N 189 
JEF C17 H172 sing N N 190 
JEF OH  C2   sing N N 191 
JEF C2  C1   sing N N 192 
JEF C2  C3   sing N N 193 
JEF C2  H2   sing N N 194 
JEF C1  H11A sing N N 195 
JEF C1  H12  sing N N 196 
JEF C1  H13A sing N N 197 
JEF C3  O2   sing N N 198 
JEF C3  H31  sing N N 199 
JEF C3  H32  sing N N 200 
JEF O2  C5   sing N N 201 
JEF C5  C6   sing N N 202 
JEF C5  C4   sing N N 203 
JEF C5  H5   sing N N 204 
JEF C6  H61  sing N N 205 
JEF C6  H62  sing N N 206 
JEF C6  H63  sing N N 207 
JEF C4  O3   sing N N 208 
JEF C4  H41  sing N N 209 
JEF C4  H42  sing N N 210 
JEF O3  C7   sing N N 211 
JEF C7  C9   sing N N 212 
JEF C7  C8   sing N N 213 
JEF C7  H7   sing N N 214 
JEF C9  H91  sing N N 215 
JEF C9  H92  sing N N 216 
JEF C9  H93  sing N N 217 
JEF C8  O4   sing N N 218 
JEF C8  H81  sing N N 219 
JEF C8  H82  sing N N 220 
JEF O4  C11  sing N N 221 
JEF C11 C12  sing N N 222 
JEF C11 C10  sing N N 223 
JEF C11 H11  sing N N 224 
JEF C12 H121 sing N N 225 
JEF C12 H122 sing N N 226 
JEF C12 H123 sing N N 227 
JEF C10 O5   sing N N 228 
JEF C10 H101 sing N N 229 
JEF C10 H102 sing N N 230 
JEF O5  C13  sing N N 231 
JEF C13 C15  sing N N 232 
JEF C13 C14  sing N N 233 
JEF C13 H13  sing N N 234 
JEF C15 H151 sing N N 235 
JEF C15 H152 sing N N 236 
JEF C15 H153 sing N N 237 
JEF C14 O6   sing N N 238 
JEF C14 H141 sing N N 239 
JEF C14 H142 sing N N 240 
JEF O6  C16  sing N N 241 
JEF C16 C30  sing N N 242 
JEF C16 H161 sing N N 243 
JEF C16 H162 sing N N 244 
JEF C30 C31  sing N N 245 
JEF C30 N1   sing N N 246 
JEF C30 H30  sing N N 247 
JEF C31 H311 sing N N 248 
JEF C31 H312 sing N N 249 
JEF C31 H313 sing N N 250 
JEF N1  HN11 sing N N 251 
JEF N1  HN12 sing N N 252 
JEF C33 O11  sing N N 253 
LEU N   CA   sing N N 254 
LEU N   H    sing N N 255 
LEU N   H2   sing N N 256 
LEU CA  C    sing N N 257 
LEU CA  CB   sing N N 258 
LEU CA  HA   sing N N 259 
LEU C   O    doub N N 260 
LEU C   OXT  sing N N 261 
LEU CB  CG   sing N N 262 
LEU CB  HB2  sing N N 263 
LEU CB  HB3  sing N N 264 
LEU CG  CD1  sing N N 265 
LEU CG  CD2  sing N N 266 
LEU CG  HG   sing N N 267 
LEU CD1 HD11 sing N N 268 
LEU CD1 HD12 sing N N 269 
LEU CD1 HD13 sing N N 270 
LEU CD2 HD21 sing N N 271 
LEU CD2 HD22 sing N N 272 
LEU CD2 HD23 sing N N 273 
LEU OXT HXT  sing N N 274 
LYS N   CA   sing N N 275 
LYS N   H    sing N N 276 
LYS N   H2   sing N N 277 
LYS CA  C    sing N N 278 
LYS CA  CB   sing N N 279 
LYS CA  HA   sing N N 280 
LYS C   O    doub N N 281 
LYS C   OXT  sing N N 282 
LYS CB  CG   sing N N 283 
LYS CB  HB2  sing N N 284 
LYS CB  HB3  sing N N 285 
LYS CG  CD   sing N N 286 
LYS CG  HG2  sing N N 287 
LYS CG  HG3  sing N N 288 
LYS CD  CE   sing N N 289 
LYS CD  HD2  sing N N 290 
LYS CD  HD3  sing N N 291 
LYS CE  NZ   sing N N 292 
LYS CE  HE2  sing N N 293 
LYS CE  HE3  sing N N 294 
LYS NZ  HZ1  sing N N 295 
LYS NZ  HZ2  sing N N 296 
LYS NZ  HZ3  sing N N 297 
LYS OXT HXT  sing N N 298 
PHE N   CA   sing N N 299 
PHE N   H    sing N N 300 
PHE N   H2   sing N N 301 
PHE CA  C    sing N N 302 
PHE CA  CB   sing N N 303 
PHE CA  HA   sing N N 304 
PHE C   O    doub N N 305 
PHE C   OXT  sing N N 306 
PHE CB  CG   sing N N 307 
PHE CB  HB2  sing N N 308 
PHE CB  HB3  sing N N 309 
PHE CG  CD1  doub Y N 310 
PHE CG  CD2  sing Y N 311 
PHE CD1 CE1  sing Y N 312 
PHE CD1 HD1  sing N N 313 
PHE CD2 CE2  doub Y N 314 
PHE CD2 HD2  sing N N 315 
PHE CE1 CZ   doub Y N 316 
PHE CE1 HE1  sing N N 317 
PHE CE2 CZ   sing Y N 318 
PHE CE2 HE2  sing N N 319 
PHE CZ  HZ   sing N N 320 
PHE OXT HXT  sing N N 321 
SER N   CA   sing N N 322 
SER N   H    sing N N 323 
SER N   H2   sing N N 324 
SER CA  C    sing N N 325 
SER CA  CB   sing N N 326 
SER CA  HA   sing N N 327 
SER C   O    doub N N 328 
SER C   OXT  sing N N 329 
SER CB  OG   sing N N 330 
SER CB  HB2  sing N N 331 
SER CB  HB3  sing N N 332 
SER OG  HG   sing N N 333 
SER OXT HXT  sing N N 334 
THR N   CA   sing N N 335 
THR N   H    sing N N 336 
THR N   H2   sing N N 337 
THR CA  C    sing N N 338 
THR CA  CB   sing N N 339 
THR CA  HA   sing N N 340 
THR C   O    doub N N 341 
THR C   OXT  sing N N 342 
THR CB  OG1  sing N N 343 
THR CB  CG2  sing N N 344 
THR CB  HB   sing N N 345 
THR OG1 HG1  sing N N 346 
THR CG2 HG21 sing N N 347 
THR CG2 HG22 sing N N 348 
THR CG2 HG23 sing N N 349 
THR OXT HXT  sing N N 350 
TRP N   CA   sing N N 351 
TRP N   H    sing N N 352 
TRP N   H2   sing N N 353 
TRP CA  C    sing N N 354 
TRP CA  CB   sing N N 355 
TRP CA  HA   sing N N 356 
TRP C   O    doub N N 357 
TRP C   OXT  sing N N 358 
TRP CB  CG   sing N N 359 
TRP CB  HB2  sing N N 360 
TRP CB  HB3  sing N N 361 
TRP CG  CD1  doub Y N 362 
TRP CG  CD2  sing Y N 363 
TRP CD1 NE1  sing Y N 364 
TRP CD1 HD1  sing N N 365 
TRP CD2 CE2  doub Y N 366 
TRP CD2 CE3  sing Y N 367 
TRP NE1 CE2  sing Y N 368 
TRP NE1 HE1  sing N N 369 
TRP CE2 CZ2  sing Y N 370 
TRP CE3 CZ3  doub Y N 371 
TRP CE3 HE3  sing N N 372 
TRP CZ2 CH2  doub Y N 373 
TRP CZ2 HZ2  sing N N 374 
TRP CZ3 CH2  sing Y N 375 
TRP CZ3 HZ3  sing N N 376 
TRP CH2 HH2  sing N N 377 
TRP OXT HXT  sing N N 378 
TYR N   CA   sing N N 379 
TYR N   H    sing N N 380 
TYR N   H2   sing N N 381 
TYR CA  C    sing N N 382 
TYR CA  CB   sing N N 383 
TYR CA  HA   sing N N 384 
TYR C   O    doub N N 385 
TYR C   OXT  sing N N 386 
TYR CB  CG   sing N N 387 
TYR CB  HB2  sing N N 388 
TYR CB  HB3  sing N N 389 
TYR CG  CD1  doub Y N 390 
TYR CG  CD2  sing Y N 391 
TYR CD1 CE1  sing Y N 392 
TYR CD1 HD1  sing N N 393 
TYR CD2 CE2  doub Y N 394 
TYR CD2 HD2  sing N N 395 
TYR CE1 CZ   doub Y N 396 
TYR CE1 HE1  sing N N 397 
TYR CE2 CZ   sing Y N 398 
TYR CE2 HE2  sing N N 399 
TYR CZ  OH   sing N N 400 
TYR OH  HH   sing N N 401 
TYR OXT HXT  sing N N 402 
# 
_atom_sites.entry_id                    3GWO 
_atom_sites.fract_transf_matrix[1][1]   0.00128957 
_atom_sites.fract_transf_matrix[1][2]   0.00947230 
_atom_sites.fract_transf_matrix[1][3]   0.03263317 
_atom_sites.fract_transf_matrix[2][1]   0.01502108 
_atom_sites.fract_transf_matrix[2][2]   0.02926156 
_atom_sites.fract_transf_matrix[2][3]   0.00862950 
_atom_sites.fract_transf_matrix[3][1]   -0.00498741 
_atom_sites.fract_transf_matrix[3][2]   0.00273634 
_atom_sites.fract_transf_matrix[3][3]   -0.00059718 
_atom_sites.fract_transf_vector[1]      0.231762 
_atom_sites.fract_transf_vector[2]      0.154265 
_atom_sites.fract_transf_vector[3]      0.171527 
# 
loop_
_atom_type.symbol 
C  
N  
NA 
O  
# 
loop_
_atom_site.group_PDB 
_atom_site.id 
_atom_site.type_symbol 
_atom_site.label_atom_id 
_atom_site.label_alt_id 
_atom_site.label_comp_id 
_atom_site.label_asym_id 
_atom_site.label_entity_id 
_atom_site.label_seq_id 
_atom_site.pdbx_PDB_ins_code 
_atom_site.Cartn_x 
_atom_site.Cartn_y 
_atom_site.Cartn_z 
_atom_site.occupancy 
_atom_site.B_iso_or_equiv 
_atom_site.pdbx_formal_charge 
_atom_site.auth_seq_id 
_atom_site.auth_comp_id 
_atom_site.auth_asym_id 
_atom_site.auth_atom_id 
_atom_site.pdbx_PDB_model_num 
ATOM   1   N  N   . TRP A 1 2  ? -3.910  25.570  -7.123  1.00 57.32 ? 2  TRP A N   1 
ATOM   2   C  CA  . TRP A 1 2  ? -4.838  25.386  -5.970  1.00 55.70 ? 2  TRP A CA  1 
ATOM   3   C  C   . TRP A 1 2  ? -4.454  26.293  -4.782  1.00 53.74 ? 2  TRP A C   1 
ATOM   4   O  O   . TRP A 1 2  ? -3.279  26.635  -4.599  1.00 53.12 ? 2  TRP A O   1 
ATOM   5   C  CB  . TRP A 1 2  ? -4.867  23.907  -5.564  1.00 56.77 ? 2  TRP A CB  1 
ATOM   6   C  CG  . TRP A 1 2  ? -5.497  22.976  -6.595  1.00 58.35 ? 2  TRP A CG  1 
ATOM   7   C  CD1 . TRP A 1 2  ? -5.929  23.308  -7.852  1.00 62.69 ? 2  TRP A CD1 1 
ATOM   8   C  CD2 . TRP A 1 2  ? -5.736  21.569  -6.454  1.00 59.51 ? 2  TRP A CD2 1 
ATOM   9   N  NE1 . TRP A 1 2  ? -6.436  22.196  -8.498  1.00 63.27 ? 2  TRP A NE1 1 
ATOM   10  C  CE2 . TRP A 1 2  ? -6.330  21.118  -7.663  1.00 61.60 ? 2  TRP A CE2 1 
ATOM   11  C  CE3 . TRP A 1 2  ? -5.496  20.643  -5.431  1.00 59.52 ? 2  TRP A CE3 1 
ATOM   12  C  CZ2 . TRP A 1 2  ? -6.697  19.784  -7.871  1.00 62.69 ? 2  TRP A CZ2 1 
ATOM   13  C  CZ3 . TRP A 1 2  ? -5.856  19.316  -5.637  1.00 60.38 ? 2  TRP A CZ3 1 
ATOM   14  C  CH2 . TRP A 1 2  ? -6.450  18.897  -6.854  1.00 61.97 ? 2  TRP A CH2 1 
ATOM   15  N  N   . ASP A 1 3  ? -5.453  26.676  -3.984  1.00 51.72 ? 3  ASP A N   1 
ATOM   16  C  CA  . ASP A 1 3  ? -5.274  27.532  -2.788  1.00 50.01 ? 3  ASP A CA  1 
ATOM   17  C  C   . ASP A 1 3  ? -4.408  26.875  -1.702  1.00 46.95 ? 3  ASP A C   1 
ATOM   18  O  O   . ASP A 1 3  ? -4.244  25.648  -1.687  1.00 45.90 ? 3  ASP A O   1 
ATOM   19  C  CB  . ASP A 1 3  ? -6.660  27.853  -2.212  1.00 51.43 ? 3  ASP A CB  1 
ATOM   20  C  CG  . ASP A 1 3  ? -6.636  28.907  -1.118  1.00 55.39 ? 3  ASP A CG  1 
ATOM   21  O  OD1 . ASP A 1 3  ? -5.648  29.679  -1.019  1.00 59.44 ? 3  ASP A OD1 1 
ATOM   22  O  OD2 . ASP A 1 3  ? -7.637  28.979  -0.362  1.00 57.81 ? 3  ASP A OD2 1 
ATOM   23  N  N   . ARG A 1 4  ? -3.863  27.692  -0.794  1.00 44.21 ? 4  ARG A N   1 
ATOM   24  C  CA  . ARG A 1 4  ? -3.025  27.189  0.310   1.00 42.26 ? 4  ARG A CA  1 
ATOM   25  C  C   . ARG A 1 4  ? -3.663  26.125  1.220   1.00 38.97 ? 4  ARG A C   1 
ATOM   26  O  O   . ARG A 1 4  ? -2.990  25.127  1.553   1.00 37.69 ? 4  ARG A O   1 
ATOM   27  C  CB  . ARG A 1 4  ? -2.530  28.358  1.188   1.00 42.82 ? 4  ARG A CB  1 
ATOM   28  C  CG  . ARG A 1 4  ? -1.537  27.943  2.258   1.00 46.20 ? 4  ARG A CG  1 
ATOM   29  C  CD  . ARG A 1 4  ? -1.373  29.003  3.348   1.00 53.85 ? 4  ARG A CD  1 
ATOM   30  N  NE  . ARG A 1 4  ? -0.680  28.455  4.524   1.00 58.90 ? 4  ARG A NE  1 
ATOM   31  C  CZ  . ARG A 1 4  ? -1.297  28.008  5.626   1.00 60.88 ? 4  ARG A CZ  1 
ATOM   32  N  NH1 . ARG A 1 4  ? -2.630  28.043  5.724   1.00 60.84 ? 4  ARG A NH1 1 
ATOM   33  N  NH2 . ARG A 1 4  ? -0.581  27.522  6.633   1.00 60.77 ? 4  ARG A NH2 1 
ATOM   34  N  N   . GLU A 1 5  ? -4.884  26.390  1.698   1.00 37.32 ? 5  GLU A N   1 
ATOM   35  C  CA  . GLU A 1 5  ? -5.699  25.443  2.488   1.00 35.34 ? 5  GLU A CA  1 
ATOM   36  C  C   . GLU A 1 5  ? -5.754  24.124  1.714   1.00 32.97 ? 5  GLU A C   1 
ATOM   37  O  O   . GLU A 1 5  ? -5.536  23.078  2.303   1.00 31.66 ? 5  GLU A O   1 
ATOM   38  C  CB  . GLU A 1 5  ? -7.153  25.928  2.712   1.00 37.56 ? 5  GLU A CB  1 
ATOM   39  C  CG  . GLU A 1 5  ? -7.585  26.609  4.033   1.00 41.11 ? 5  GLU A CG  1 
ATOM   40  C  CD  . GLU A 1 5  ? -6.864  26.114  5.278   1.00 44.94 ? 5  GLU A CD  1 
ATOM   41  O  OE1 . GLU A 1 5  ? -7.223  25.056  5.895   1.00 37.67 ? 5  GLU A OE1 1 
ATOM   42  O  OE2 . GLU A 1 5  ? -5.899  26.825  5.637   1.00 46.54 ? 5  GLU A OE2 1 
ATOM   43  N  N   . ILE A 1 6  ? -6.029  24.172  0.398   1.00 30.47 ? 6  ILE A N   1 
ATOM   44  C  CA  . ILE A 1 6  ? -6.157  22.926  -0.353  1.00 28.70 ? 6  ILE A CA  1 
ATOM   45  C  C   . ILE A 1 6  ? -4.815  22.225  -0.465  1.00 28.91 ? 6  ILE A C   1 
ATOM   46  O  O   . ILE A 1 6  ? -4.730  21.006  -0.325  1.00 29.92 ? 6  ILE A O   1 
ATOM   47  C  CB  . ILE A 1 6  ? -6.729  23.115  -1.783  1.00 30.26 ? 6  ILE A CB  1 
ATOM   48  C  CG1 . ILE A 1 6  ? -8.101  23.758  -1.656  1.00 28.84 ? 6  ILE A CG1 1 
ATOM   49  C  CG2 . ILE A 1 6  ? -6.905  21.800  -2.497  1.00 32.94 ? 6  ILE A CG2 1 
ATOM   50  C  CD1 . ILE A 1 6  ? -8.768  24.075  -3.017  1.00 29.45 ? 6  ILE A CD1 1 
ATOM   51  N  N   . ASN A 1 7  ? -3.774  23.006  -0.712  1.00 29.97 ? 7  ASN A N   1 
ATOM   52  C  CA  . ASN A 1 7  ? -2.454  22.401  -0.824  1.00 30.75 ? 7  ASN A CA  1 
ATOM   53  C  C   . ASN A 1 7  ? -1.976  21.814  0.496   1.00 29.49 ? 7  ASN A C   1 
ATOM   54  O  O   . ASN A 1 7  ? -1.315  20.783  0.508   1.00 28.87 ? 7  ASN A O   1 
ATOM   55  C  CB  . ASN A 1 7  ? -1.455  23.457  -1.300  1.00 33.21 ? 7  ASN A CB  1 
ATOM   56  C  CG  . ASN A 1 7  ? -1.687  23.892  -2.773  1.00 38.95 ? 7  ASN A CG  1 
ATOM   57  O  OD1 . ASN A 1 7  ? -2.127  23.102  -3.638  1.00 43.15 ? 7  ASN A OD1 1 
ATOM   58  N  ND2 . ASN A 1 7  ? -1.367  25.157  -3.052  1.00 45.21 ? 7  ASN A ND2 1 
ATOM   59  N  N   . ASN A 1 8  ? -2.347  22.439  1.618   1.00 28.71 ? 8  ASN A N   1 
ATOM   60  C  CA  . ASN A 1 8  ? -1.917  21.873  2.918   1.00 28.16 ? 8  ASN A CA  1 
ATOM   61  C  C   . ASN A 1 8  ? -2.625  20.520  3.147   1.00 27.82 ? 8  ASN A C   1 
ATOM   62  O  O   . ASN A 1 8  ? -2.025  19.567  3.686   1.00 27.08 ? 8  ASN A O   1 
ATOM   63  C  CB  . ASN A 1 8  ? -2.265  22.859  4.048   1.00 30.57 ? 8  ASN A CB  1 
ATOM   64  C  CG  . ASN A 1 8  ? -1.355  24.066  4.072   1.00 31.87 ? 8  ASN A CG  1 
ATOM   65  O  OD1 . ASN A 1 8  ? -0.330  24.088  3.405   1.00 35.97 ? 8  ASN A OD1 1 
ATOM   66  N  ND2 . ASN A 1 8  ? -1.733  25.060  4.857   1.00 36.92 ? 8  ASN A ND2 1 
ATOM   67  N  N   . TYR A 1 9  ? -3.891  20.466  2.724   1.00 26.78 ? 9  TYR A N   1 
ATOM   68  C  CA  . TYR A 1 9  ? -4.732  19.268  2.831   1.00 26.88 ? 9  TYR A CA  1 
ATOM   69  C  C   . TYR A 1 9  ? -4.187  18.136  1.929   1.00 27.65 ? 9  TYR A C   1 
ATOM   70  O  O   . TYR A 1 9  ? -3.857  17.053  2.424   1.00 26.76 ? 9  TYR A O   1 
ATOM   71  C  CB  . TYR A 1 9  ? -6.210  19.659  2.531   1.00 27.11 ? 9  TYR A CB  1 
ATOM   72  C  CG  . TYR A 1 9  ? -7.080  18.455  2.607   1.00 31.44 ? 9  TYR A CG  1 
ATOM   73  C  CD1 . TYR A 1 9  ? -7.320  17.855  3.860   1.00 29.81 ? 9  TYR A CD1 1 
ATOM   74  C  CD2 . TYR A 1 9  ? -7.561  17.859  1.450   1.00 32.58 ? 9  TYR A CD2 1 
ATOM   75  C  CE1 . TYR A 1 9  ? -8.105  16.692  3.947   1.00 36.97 ? 9  TYR A CE1 1 
ATOM   76  C  CE2 . TYR A 1 9  ? -8.380  16.705  1.539   1.00 35.88 ? 9  TYR A CE2 1 
ATOM   77  C  CZ  . TYR A 1 9  ? -8.592  16.133  2.798   1.00 37.24 ? 9  TYR A CZ  1 
ATOM   78  O  OH  . TYR A 1 9  ? -9.345  14.976  2.954   1.00 42.35 ? 9  TYR A OH  1 
ATOM   79  N  N   . THR A 1 10 ? -3.967  18.419  0.654   1.00 27.50 ? 10 THR A N   1 
ATOM   80  C  CA  . THR A 1 10 ? -3.571  17.345  -0.279  1.00 29.81 ? 10 THR A CA  1 
ATOM   81  C  C   . THR A 1 10 ? -2.156  16.948  0.053   1.00 29.00 ? 10 THR A C   1 
ATOM   82  O  O   . THR A 1 10 ? -1.762  15.783  -0.132  1.00 31.38 ? 10 THR A O   1 
ATOM   83  C  CB  . THR A 1 10 ? -3.686  17.810  -1.741  1.00 31.06 ? 10 THR A CB  1 
ATOM   84  O  OG1 . THR A 1 10 ? -2.872  18.965  -1.928  1.00 32.48 ? 10 THR A OG1 1 
ATOM   85  C  CG2 . THR A 1 10 ? -5.111  18.167  -2.049  1.00 30.12 ? 10 THR A CG2 1 
ATOM   86  N  N   . SER A 1 11 ? -1.382  17.877  0.610   1.00 28.68 ? 11 SER A N   1 
ATOM   87  C  CA  . SER A 1 11 ? 0.034   17.511  0.899   1.00 28.59 ? 11 SER A CA  1 
ATOM   88  C  C   . SER A 1 11 ? 0.056   16.529  2.030   1.00 28.51 ? 11 SER A C   1 
ATOM   89  O  O   . SER A 1 11 ? 0.853   15.549  2.035   1.00 29.59 ? 11 SER A O   1 
ATOM   90  C  CB  . SER A 1 11 ? 0.828   18.739  1.301   1.00 29.77 ? 11 SER A CB  1 
ATOM   91  O  OG  . SER A 1 11 ? 1.062   19.484  0.134   1.00 37.88 ? 11 SER A OG  1 
ATOM   92  N  N   . LEU A 1 12 ? -0.740  16.797  3.047   1.00 27.85 ? 12 LEU A N   1 
ATOM   93  C  CA  . LEU A 1 12 ? -0.813  15.876  4.159   1.00 27.74 ? 12 LEU A CA  1 
ATOM   94  C  C   . LEU A 1 12 ? -1.309  14.508  3.676   1.00 29.86 ? 12 LEU A C   1 
ATOM   95  O  O   . LEU A 1 12 ? -0.697  13.465  3.994   1.00 29.31 ? 12 LEU A O   1 
ATOM   96  C  CB  . LEU A 1 12 ? -1.782  16.375  5.237   1.00 28.60 ? 12 LEU A CB  1 
ATOM   97  C  CG  . LEU A 1 12 ? -2.000  15.367  6.393   1.00 29.38 ? 12 LEU A CG  1 
ATOM   98  C  CD1 . LEU A 1 12 ? -0.743  15.176  7.318   1.00 27.82 ? 12 LEU A CD1 1 
ATOM   99  C  CD2 . LEU A 1 12 ? -3.154  15.843  7.235   1.00 30.99 ? 12 LEU A CD2 1 
ATOM   100 N  N   . ILE A 1 13 ? -2.460  14.484  3.017   1.00 30.92 ? 13 ILE A N   1 
ATOM   101 C  CA  . ILE A 1 13 ? -3.061  13.169  2.712   1.00 33.34 ? 13 ILE A CA  1 
ATOM   102 C  C   . ILE A 1 13 ? -2.155  12.339  1.779   1.00 35.19 ? 13 ILE A C   1 
ATOM   103 O  O   . ILE A 1 13 ? -1.940  11.129  2.045   1.00 35.38 ? 13 ILE A O   1 
ATOM   104 C  CB  . ILE A 1 13 ? -4.552  13.260  2.269   1.00 34.72 ? 13 ILE A CB  1 
ATOM   105 C  CG1 . ILE A 1 13 ? -5.391  14.067  3.267   1.00 36.36 ? 13 ILE A CG1 1 
ATOM   106 C  CG2 . ILE A 1 13 ? -5.147  11.840  2.051   1.00 34.58 ? 13 ILE A CG2 1 
ATOM   107 C  CD1 . ILE A 1 13 ? -5.524  13.491  4.677   1.00 39.52 ? 13 ILE A CD1 1 
ATOM   108 N  N   . HIS A 1 14 ? -1.555  12.975  0.761   1.00 35.70 ? 14 HIS A N   1 
ATOM   109 C  CA  . HIS A 1 14 ? -0.593  12.298  -0.120  1.00 38.41 ? 14 HIS A CA  1 
ATOM   110 C  C   . HIS A 1 14 ? 0.564   11.751  0.684   1.00 37.84 ? 14 HIS A C   1 
ATOM   111 O  O   . HIS A 1 14 ? 0.910   10.559  0.530   1.00 38.56 ? 14 HIS A O   1 
ATOM   112 C  CB  . HIS A 1 14 ? -0.040  13.169  -1.253  1.00 39.67 ? 14 HIS A CB  1 
ATOM   113 C  CG  . HIS A 1 14 ? -0.994  13.365  -2.383  1.00 45.47 ? 14 HIS A CG  1 
ATOM   114 N  ND1 . HIS A 1 14 ? -1.364  14.613  -2.833  1.00 48.04 ? 14 HIS A ND1 1 
ATOM   115 C  CD2 . HIS A 1 14 ? -1.654  12.474  -3.164  1.00 48.92 ? 14 HIS A CD2 1 
ATOM   116 C  CE1 . HIS A 1 14 ? -2.228  14.489  -3.824  1.00 47.94 ? 14 HIS A CE1 1 
ATOM   117 N  NE2 . HIS A 1 14 ? -2.429  13.200  -4.040  1.00 49.89 ? 14 HIS A NE2 1 
ATOM   118 N  N   . SER A 1 15 ? 1.137   12.569  1.558   1.00 36.37 ? 15 SER A N   1 
ATOM   119 C  CA  . SER A 1 15 ? 2.261   12.106  2.373   1.00 37.66 ? 15 SER A CA  1 
ATOM   120 C  C   . SER A 1 15 ? 1.841   10.902  3.243   1.00 37.62 ? 15 SER A C   1 
ATOM   121 O  O   . SER A 1 15 ? 2.599   9.911   3.342   1.00 38.01 ? 15 SER A O   1 
ATOM   122 C  CB  . SER A 1 15 ? 2.838   13.226  3.217   1.00 36.53 ? 15 SER A CB  1 
ATOM   123 O  OG  . SER A 1 15 ? 2.108   13.327  4.403   1.00 42.07 ? 15 SER A OG  1 
ATOM   124 N  N   . LEU A 1 16 ? 0.645   10.949  3.836   1.00 38.22 ? 16 LEU A N   1 
ATOM   125 C  CA  . LEU A 1 16 ? 0.188   9.868   4.720   1.00 38.29 ? 16 LEU A CA  1 
ATOM   126 C  C   . LEU A 1 16 ? -0.061  8.592   3.927   1.00 40.20 ? 16 LEU A C   1 
ATOM   127 O  O   . LEU A 1 16 ? 0.267   7.491   4.389   1.00 39.59 ? 16 LEU A O   1 
ATOM   128 C  CB  . LEU A 1 16 ? -1.087  10.219  5.492   1.00 38.50 ? 16 LEU A CB  1 
ATOM   129 C  CG  . LEU A 1 16 ? -1.030  11.244  6.631   1.00 37.51 ? 16 LEU A CG  1 
ATOM   130 C  CD1 . LEU A 1 16 ? -2.446  11.633  7.056   1.00 39.00 ? 16 LEU A CD1 1 
ATOM   131 C  CD2 . LEU A 1 16 ? -0.259  10.733  7.799   1.00 39.00 ? 16 LEU A CD2 1 
ATOM   132 N  N   . ILE A 1 17 ? -0.643  8.727   2.741   1.00 40.43 ? 17 ILE A N   1 
ATOM   133 C  CA  . ILE A 1 17 ? -0.991  7.508   1.983   1.00 41.97 ? 17 ILE A CA  1 
ATOM   134 C  C   . ILE A 1 17 ? 0.294   6.854   1.448   1.00 43.10 ? 17 ILE A C   1 
ATOM   135 O  O   . ILE A 1 17 ? 0.431   5.618   1.503   1.00 43.09 ? 17 ILE A O   1 
ATOM   136 C  CB  . ILE A 1 17 ? -2.096  7.751   0.918   1.00 43.48 ? 17 ILE A CB  1 
ATOM   137 C  CG1 . ILE A 1 17 ? -3.457  7.955   1.592   1.00 41.38 ? 17 ILE A CG1 1 
ATOM   138 C  CG2 . ILE A 1 17 ? -2.229  6.544   -0.045  1.00 42.97 ? 17 ILE A CG2 1 
ATOM   139 C  CD1 . ILE A 1 17 ? -4.545  8.630   0.665   1.00 43.75 ? 17 ILE A CD1 1 
ATOM   140 N  N   . GLU A 1 18 ? 1.238   7.679   0.979   1.00 43.57 ? 18 GLU A N   1 
ATOM   141 C  CA  . GLU A 1 18 ? 2.522   7.202   0.467   1.00 44.72 ? 18 GLU A CA  1 
ATOM   142 C  C   . GLU A 1 18 ? 3.246   6.436   1.534   1.00 44.51 ? 18 GLU A C   1 
ATOM   143 O  O   . GLU A 1 18 ? 3.845   5.385   1.242   1.00 45.20 ? 18 GLU A O   1 
ATOM   144 C  CB  . GLU A 1 18 ? 3.408   8.345   -0.020  1.00 45.12 ? 18 GLU A CB  1 
ATOM   145 N  N   . GLU A 1 19 ? 3.195   6.942   2.762   1.00 43.79 ? 19 GLU A N   1 
ATOM   146 C  CA  . GLU A 1 19 ? 3.861   6.267   3.886   1.00 43.65 ? 19 GLU A CA  1 
ATOM   147 C  C   . GLU A 1 19 ? 3.231   4.891   4.119   1.00 43.12 ? 19 GLU A C   1 
ATOM   148 O  O   . GLU A 1 19 ? 3.928   3.865   4.283   1.00 40.58 ? 19 GLU A O   1 
ATOM   149 C  CB  . GLU A 1 19 ? 3.820   7.145   5.141   1.00 44.80 ? 19 GLU A CB  1 
ATOM   150 C  CG  . GLU A 1 19 ? 4.505   8.513   4.890   1.00 48.48 ? 19 GLU A CG  1 
ATOM   151 C  CD  . GLU A 1 19 ? 4.645   9.432   6.113   1.00 55.89 ? 19 GLU A CD  1 
ATOM   152 O  OE1 . GLU A 1 19 ? 3.749   9.447   6.997   1.00 57.92 ? 19 GLU A OE1 1 
ATOM   153 O  OE2 . GLU A 1 19 ? 5.674   10.163  6.169   1.00 57.79 ? 19 GLU A OE2 1 
ATOM   154 N  N   . SER A 1 20 ? 1.908   4.852   4.103   1.00 42.36 ? 20 SER A N   1 
ATOM   155 C  CA  . SER A 1 20 ? 1.200   3.595   4.279   1.00 43.49 ? 20 SER A CA  1 
ATOM   156 C  C   . SER A 1 20 ? 1.507   2.647   3.117   1.00 43.12 ? 20 SER A C   1 
ATOM   157 O  O   . SER A 1 20 ? 1.695   1.438   3.339   1.00 42.04 ? 20 SER A O   1 
ATOM   158 C  CB  . SER A 1 20 ? -0.305  3.821   4.453   1.00 43.75 ? 20 SER A CB  1 
ATOM   159 O  OG  . SER A 1 20 ? -1.023  2.584   4.463   1.00 46.82 ? 20 SER A OG  1 
ATOM   160 N  N   . GLN A 1 21 ? 1.624   3.191   1.902   1.00 42.22 ? 21 GLN A N   1 
ATOM   161 C  CA  . GLN A 1 21 ? 2.002   2.380   0.729   1.00 43.62 ? 21 GLN A CA  1 
ATOM   162 C  C   . GLN A 1 21 ? 3.445   1.850   0.811   1.00 43.51 ? 21 GLN A C   1 
ATOM   163 O  O   . GLN A 1 21 ? 3.709   0.673   0.497   1.00 43.89 ? 21 GLN A O   1 
ATOM   164 C  CB  . GLN A 1 21 ? 1.843   3.167   -0.571  1.00 43.88 ? 21 GLN A CB  1 
ATOM   165 C  CG  . GLN A 1 21 ? 0.391   3.374   -1.054  1.00 46.43 ? 21 GLN A CG  1 
ATOM   166 C  CD  . GLN A 1 21 ? -0.417  2.088   -1.306  1.00 48.52 ? 21 GLN A CD  1 
ATOM   167 O  OE1 . GLN A 1 21 ? -0.530  1.229   -0.437  1.00 46.80 ? 21 GLN A OE1 1 
ATOM   168 N  NE2 . GLN A 1 21 ? -1.048  2.004   -2.490  1.00 49.98 ? 21 GLN A NE2 1 
ATOM   169 N  N   . ASN A 1 22 ? 4.387   2.714   1.182   1.00 42.56 ? 22 ASN A N   1 
ATOM   170 C  CA  . ASN A 1 22 ? 5.750   2.261   1.448   1.00 43.16 ? 22 ASN A CA  1 
ATOM   171 C  C   . ASN A 1 22 ? 5.777   1.124   2.475   1.00 42.01 ? 22 ASN A C   1 
ATOM   172 O  O   . ASN A 1 22 ? 6.472   0.114   2.253   1.00 41.40 ? 22 ASN A O   1 
ATOM   173 C  CB  . ASN A 1 22 ? 6.638   3.436   1.906   1.00 43.07 ? 22 ASN A CB  1 
ATOM   174 C  CG  . ASN A 1 22 ? 6.875   4.471   0.801   1.00 47.38 ? 22 ASN A CG  1 
ATOM   175 O  OD1 . ASN A 1 22 ? 6.833   4.157   -0.390  1.00 51.52 ? 22 ASN A OD1 1 
ATOM   176 N  ND2 . ASN A 1 22 ? 7.146   5.717   1.206   1.00 51.15 ? 22 ASN A ND2 1 
ATOM   177 N  N   . GLN A 1 23 ? 5.032   1.261   3.579   1.00 41.12 ? 23 GLN A N   1 
ATOM   178 C  CA  . GLN A 1 23 ? 5.012   0.212   4.614   1.00 41.28 ? 23 GLN A CA  1 
ATOM   179 C  C   . GLN A 1 23 ? 4.437   -1.101  4.032   1.00 40.79 ? 23 GLN A C   1 
ATOM   180 O  O   . GLN A 1 23 ? 4.945   -2.199  4.302   1.00 39.13 ? 23 GLN A O   1 
ATOM   181 C  CB  . GLN A 1 23 ? 4.191   0.648   5.823   1.00 42.45 ? 23 GLN A CB  1 
ATOM   182 C  CG  . GLN A 1 23 ? 4.194   -0.343  6.989   1.00 47.89 ? 23 GLN A CG  1 
ATOM   183 C  CD  . GLN A 1 23 ? 2.806   -0.549  7.571   1.00 54.90 ? 23 GLN A CD  1 
ATOM   184 O  OE1 . GLN A 1 23 ? 2.350   -1.690  7.730   1.00 57.21 ? 23 GLN A OE1 1 
ATOM   185 N  NE2 . GLN A 1 23 ? 2.114   0.557   7.883   1.00 56.58 ? 23 GLN A NE2 1 
ATOM   186 N  N   . GLN A 1 24 ? 3.369   -0.992  3.249   1.00 39.52 ? 24 GLN A N   1 
ATOM   187 C  CA  . GLN A 1 24 ? 2.798   -2.191  2.635   1.00 40.17 ? 24 GLN A CA  1 
ATOM   188 C  C   . GLN A 1 24 ? 3.757   -2.869  1.677   1.00 39.40 ? 24 GLN A C   1 
ATOM   189 O  O   . GLN A 1 24 ? 3.821   -4.116  1.636   1.00 38.54 ? 24 GLN A O   1 
ATOM   190 C  CB  . GLN A 1 24 ? 1.479   -1.885  1.947   1.00 41.53 ? 24 GLN A CB  1 
ATOM   191 C  CG  . GLN A 1 24 ? 0.387   -1.505  2.941   1.00 44.02 ? 24 GLN A CG  1 
ATOM   192 C  CD  . GLN A 1 24 ? -0.088  -2.684  3.740   1.00 46.14 ? 24 GLN A CD  1 
ATOM   193 O  OE1 . GLN A 1 24 ? -0.241  -3.770  3.205   1.00 52.42 ? 24 GLN A OE1 1 
ATOM   194 N  NE2 . GLN A 1 24 ? -0.294  -2.492  5.031   1.00 49.56 ? 24 GLN A NE2 1 
ATOM   195 N  N   . GLU A 1 25 ? 4.478   -2.076  0.887   1.00 38.53 ? 25 GLU A N   1 
ATOM   196 C  CA  . GLU A 1 25 ? 5.467   -2.597  -0.066  1.00 39.08 ? 25 GLU A CA  1 
ATOM   197 C  C   . GLU A 1 25 ? 6.598   -3.296  0.722   1.00 37.21 ? 25 GLU A C   1 
ATOM   198 O  O   . GLU A 1 25 ? 7.046   -4.396  0.359   1.00 37.45 ? 25 GLU A O   1 
ATOM   199 C  CB  . GLU A 1 25 ? 6.024   -1.460  -0.922  1.00 40.80 ? 25 GLU A CB  1 
ATOM   200 C  CG  . GLU A 1 25 ? 7.117   -1.865  -1.919  1.00 41.61 ? 25 GLU A CG  1 
ATOM   201 N  N   . LYS A 1 26 ? 7.037   -2.667  1.800   1.00 34.46 ? 26 LYS A N   1 
ATOM   202 C  CA  . LYS A 1 26 ? 8.072   -3.296  2.659   1.00 34.86 ? 26 LYS A CA  1 
ATOM   203 C  C   . LYS A 1 26 ? 7.546   -4.602  3.244   1.00 33.55 ? 26 LYS A C   1 
ATOM   204 O  O   . LYS A 1 26 ? 8.288   -5.609  3.255   1.00 31.58 ? 26 LYS A O   1 
ATOM   205 C  CB  . LYS A 1 26 ? 8.560   -2.332  3.758   1.00 35.52 ? 26 LYS A CB  1 
ATOM   206 C  CG  . LYS A 1 26 ? 9.437   -1.203  3.216   1.00 37.57 ? 26 LYS A CG  1 
ATOM   207 C  CD  . LYS A 1 26 ? 9.981   -0.303  4.343   1.00 39.91 ? 26 LYS A CD  1 
ATOM   208 N  N   . ASN A 1 27 ? 6.285   -4.623  3.702   1.00 31.42 ? 27 ASN A N   1 
ATOM   209 C  CA  . ASN A 1 27 ? 5.733   -5.849  4.277   1.00 31.65 ? 27 ASN A CA  1 
ATOM   210 C  C   . ASN A 1 27 ? 5.692   -6.953  3.221   1.00 30.29 ? 27 ASN A C   1 
ATOM   211 O  O   . ASN A 1 27 ? 5.999   -8.123  3.500   1.00 29.34 ? 27 ASN A O   1 
ATOM   212 C  CB  . ASN A 1 27 ? 4.340   -5.634  4.854   1.00 32.14 ? 27 ASN A CB  1 
ATOM   213 C  CG  . ASN A 1 27 ? 4.345   -4.886  6.211   1.00 32.73 ? 27 ASN A CG  1 
ATOM   214 O  OD1 . ASN A 1 27 ? 5.383   -4.652  6.823   1.00 33.39 ? 27 ASN A OD1 1 
ATOM   215 N  ND2 . ASN A 1 27 ? 3.151   -4.483  6.655   1.00 37.99 ? 27 ASN A ND2 1 
ATOM   216 N  N   . GLU A 1 28 ? 5.339   -6.578  2.000   1.00 30.47 ? 28 GLU A N   1 
ATOM   217 C  CA  . GLU A 1 28 ? 5.266   -7.565  0.904   1.00 30.87 ? 28 GLU A CA  1 
ATOM   218 C  C   . GLU A 1 28 ? 6.653   -8.119  0.666   1.00 30.35 ? 28 GLU A C   1 
ATOM   219 O  O   . GLU A 1 28 ? 6.807   -9.333  0.529   1.00 30.97 ? 28 GLU A O   1 
ATOM   220 C  CB  . GLU A 1 28 ? 4.661   -6.953  -0.390  1.00 32.68 ? 28 GLU A CB  1 
ATOM   221 C  CG  . GLU A 1 28 ? 4.186   -8.014  -1.331  1.00 37.45 ? 28 GLU A CG  1 
ATOM   222 C  CD  . GLU A 1 28 ? 3.404   -7.498  -2.528  1.00 45.09 ? 28 GLU A CD  1 
ATOM   223 O  OE1 . GLU A 1 28 ? 3.182   -6.267  -2.660  1.00 42.29 ? 28 GLU A OE1 1 
ATOM   224 O  OE2 . GLU A 1 28 ? 3.019   -8.359  -3.349  1.00 50.47 ? 28 GLU A OE2 1 
ATOM   225 N  N   . GLN A 1 29 ? 7.652   -7.264  0.574   1.00 30.25 ? 29 GLN A N   1 
ATOM   226 C  CA  . GLN A 1 29 ? 9.024   -7.748  0.299   1.00 32.75 ? 29 GLN A CA  1 
ATOM   227 C  C   . GLN A 1 29 ? 9.491   -8.612  1.462   1.00 30.71 ? 29 GLN A C   1 
ATOM   228 O  O   . GLN A 1 29 ? 10.148  -9.645  1.257   1.00 31.79 ? 29 GLN A O   1 
ATOM   229 C  CB  . GLN A 1 29 ? 10.002  -6.604  0.065   1.00 34.08 ? 29 GLN A CB  1 
ATOM   230 C  CG  . GLN A 1 29 ? 9.784   -5.744  -1.204  1.00 40.49 ? 29 GLN A CG  1 
ATOM   231 C  CD  . GLN A 1 29 ? 10.030  -6.471  -2.536  1.00 48.73 ? 29 GLN A CD  1 
ATOM   232 O  OE1 . GLN A 1 29 ? 10.584  -7.582  -2.595  1.00 51.56 ? 29 GLN A OE1 1 
ATOM   233 N  NE2 . GLN A 1 29 ? 9.621   -5.820  -3.622  1.00 53.13 ? 29 GLN A NE2 1 
ATOM   234 N  N   . GLU A 1 30 ? 9.081   -8.276  2.667   1.00 27.84 ? 30 GLU A N   1 
ATOM   235 C  CA  . GLU A 1 30 ? 9.446   -9.129  3.818   1.00 27.11 ? 30 GLU A CA  1 
ATOM   236 C  C   . GLU A 1 30 ? 8.750   -10.503 3.798   1.00 26.48 ? 30 GLU A C   1 
ATOM   237 O  O   . GLU A 1 30 ? 9.362   -11.561 4.138   1.00 25.94 ? 30 GLU A O   1 
ATOM   238 C  CB  . GLU A 1 30 ? 9.181   -8.427  5.135   1.00 26.76 ? 30 GLU A CB  1 
ATOM   239 C  CG  . GLU A 1 30 ? 9.805   -9.182  6.347   1.00 25.58 ? 30 GLU A CG  1 
ATOM   240 C  CD  . GLU A 1 30 ? 11.349  -9.122  6.383   1.00 30.16 ? 30 GLU A CD  1 
ATOM   241 O  OE1 . GLU A 1 30 ? 11.955  -8.320  5.608   1.00 31.61 ? 30 GLU A OE1 1 
ATOM   242 O  OE2 . GLU A 1 30 ? 11.916  -9.838  7.258   1.00 27.10 ? 30 GLU A OE2 1 
ATOM   243 N  N   . LEU A 1 31 ? 7.482   -10.510 3.414   1.00 25.58 ? 31 LEU A N   1 
ATOM   244 C  CA  . LEU A 1 31 ? 6.771   -11.767 3.271   1.00 26.04 ? 31 LEU A CA  1 
ATOM   245 C  C   . LEU A 1 31 ? 7.435   -12.615 2.212   1.00 27.12 ? 31 LEU A C   1 
ATOM   246 O  O   . LEU A 1 31 ? 7.509   -13.856 2.392   1.00 29.06 ? 31 LEU A O   1 
ATOM   247 C  CB  . LEU A 1 31 ? 5.270   -11.550 2.938   1.00 27.69 ? 31 LEU A CB  1 
ATOM   248 C  CG  . LEU A 1 31 ? 4.507   -11.062 4.176   1.00 25.98 ? 31 LEU A CG  1 
ATOM   249 C  CD1 . LEU A 1 31 ? 3.247   -10.290 3.686   1.00 27.68 ? 31 LEU A CD1 1 
ATOM   250 C  CD2 . LEU A 1 31 ? 4.144   -12.176 5.121   1.00 27.95 ? 31 LEU A CD2 1 
ATOM   251 N  N   . LEU A 1 32 ? 7.922   -12.012 1.123   1.00 27.50 ? 32 LEU A N   1 
ATOM   252 C  CA  . LEU A 1 32 ? 8.594   -12.785 0.090   1.00 29.32 ? 32 LEU A CA  1 
ATOM   253 C  C   . LEU A 1 32 ? 9.877   -13.408 0.632   1.00 29.16 ? 32 LEU A C   1 
ATOM   254 O  O   . LEU A 1 32 ? 10.173  -14.572 0.306   1.00 28.51 ? 32 LEU A O   1 
ATOM   255 C  CB  . LEU A 1 32 ? 8.839   -11.996 -1.208  1.00 32.29 ? 32 LEU A CB  1 
ATOM   256 C  CG  . LEU A 1 32 ? 7.484   -11.695 -1.905  1.00 34.97 ? 32 LEU A CG  1 
ATOM   257 C  CD1 . LEU A 1 32 ? 7.563   -10.510 -2.865  1.00 36.02 ? 32 LEU A CD1 1 
ATOM   258 C  CD2 . LEU A 1 32 ? 6.937   -12.888 -2.639  1.00 36.80 ? 32 LEU A CD2 1 
ATOM   259 N  N   . GLU A 1 33 ? 10.596  -12.624 1.423   1.00 26.56 ? 33 GLU A N   1 
ATOM   260 C  CA  . GLU A 1 33 ? 11.813  -13.139 2.129   1.00 26.95 ? 33 GLU A CA  1 
ATOM   261 C  C   . GLU A 1 33 ? 11.434  -14.320 2.962   1.00 26.15 ? 33 GLU A C   1 
ATOM   262 O  O   . GLU A 1 33 ? 12.154  -15.359 2.947   1.00 25.04 ? 33 GLU A O   1 
ATOM   263 C  CB  . GLU A 1 33 ? 12.505  -12.068 2.975   1.00 26.44 ? 33 GLU A CB  1 
ATOM   264 C  CG  . GLU A 1 33 ? 13.401  -11.122 2.160   1.00 30.25 ? 33 GLU A CG  1 
ATOM   265 C  CD  . GLU A 1 33 ? 14.509  -10.386 2.957   1.00 37.45 ? 33 GLU A CD  1 
ATOM   266 O  OE1 . GLU A 1 33 ? 15.470  -10.987 3.584   1.00 32.83 ? 33 GLU A OE1 1 
ATOM   267 O  OE2 . GLU A 1 33 ? 14.472  -9.114  2.899   1.00 42.19 ? 33 GLU A OE2 1 
ATOM   268 N  N   . LEU A 1 34 ? 10.391  -14.203 3.772   1.00 24.70 ? 34 LEU A N   1 
ATOM   269 C  CA  . LEU A 1 34 ? 9.970   -15.302 4.599   1.00 25.63 ? 34 LEU A CA  1 
ATOM   270 C  C   . LEU A 1 34 ? 9.565   -16.553 3.791   1.00 25.46 ? 34 LEU A C   1 
ATOM   271 O  O   . LEU A 1 34 ? 9.782   -17.667 4.252   1.00 26.63 ? 34 LEU A O   1 
ATOM   272 C  CB  . LEU A 1 34 ? 8.845   -14.864 5.541   1.00 25.05 ? 34 LEU A CB  1 
ATOM   273 C  CG  . LEU A 1 34 ? 9.317   -13.875 6.613   1.00 26.70 ? 34 LEU A CG  1 
ATOM   274 C  CD1 . LEU A 1 34 ? 8.124   -13.479 7.469   1.00 29.34 ? 34 LEU A CD1 1 
ATOM   275 C  CD2 . LEU A 1 34 ? 10.432  -14.458 7.563   1.00 28.41 ? 34 LEU A CD2 1 
ATOM   276 N  N   . ASP A 1 35 ? 9.000   -16.345 2.602   1.00 25.47 ? 35 ASP A N   1 
ATOM   277 C  CA  . ASP A 1 35 ? 8.672   -17.447 1.739   1.00 26.61 ? 35 ASP A CA  1 
ATOM   278 C  C   . ASP A 1 35 ? 9.963   -18.155 1.322   1.00 25.77 ? 35 ASP A C   1 
ATOM   279 O  O   . ASP A 1 35 ? 10.004  -19.403 1.339   1.00 27.62 ? 35 ASP A O   1 
ATOM   280 C  CB  . ASP A 1 35 ? 7.881   -16.938 0.523   1.00 28.92 ? 35 ASP A CB  1 
ATOM   281 C  CG  . ASP A 1 35 ? 7.252   -18.069 -0.196  1.00 37.40 ? 35 ASP A CG  1 
ATOM   282 O  OD1 . ASP A 1 35 ? 6.627   -18.908 0.494   1.00 40.02 ? 35 ASP A OD1 1 
ATOM   283 O  OD2 . ASP A 1 35 ? 7.453   -18.155 -1.418  1.00 44.18 ? 35 ASP A OD2 1 
ATOM   284 N  N   . LYS A 1 36 ? 11.007  -17.386 0.996   1.00 25.51 ? 36 LYS A N   1 
ATOM   285 C  CA  . LYS A 1 36 ? 12.298  -18.003 0.601   1.00 23.58 ? 36 LYS A CA  1 
ATOM   286 C  C   . LYS A 1 36 ? 12.844  -18.790 1.809   1.00 22.47 ? 36 LYS A C   1 
ATOM   287 O  O   . LYS A 1 36 ? 13.490  -19.861 1.638   1.00 22.68 ? 36 LYS A O   1 
ATOM   288 C  CB  . LYS A 1 36 ? 13.325  -16.954 0.222   1.00 25.00 ? 36 LYS A CB  1 
ATOM   289 C  CG  . LYS A 1 36 ? 12.954  -16.216 -1.084  1.00 27.36 ? 36 LYS A CG  1 
ATOM   290 C  CD  . LYS A 1 36 ? 14.023  -15.199 -1.416  1.00 31.58 ? 36 LYS A CD  1 
ATOM   291 C  CE  . LYS A 1 36 ? 13.734  -14.565 -2.767  1.00 37.07 ? 36 LYS A CE  1 
ATOM   292 N  NZ  . LYS A 1 36 ? 14.332  -13.221 -2.702  1.00 44.55 ? 36 LYS A NZ  1 
ATOM   293 N  N   . TRP A 1 37 ? 12.672  -18.236 3.006   1.00 21.04 ? 37 TRP A N   1 
ATOM   294 C  CA  . TRP A 1 37 ? 13.186  -18.918 4.224   1.00 20.16 ? 37 TRP A CA  1 
ATOM   295 C  C   . TRP A 1 37 ? 12.418  -20.209 4.430   1.00 21.78 ? 37 TRP A C   1 
ATOM   296 O  O   . TRP A 1 37 ? 13.012  -21.267 4.691   1.00 21.06 ? 37 TRP A O   1 
ATOM   297 C  CB  . TRP A 1 37 ? 13.074  -17.996 5.428   1.00 20.75 ? 37 TRP A CB  1 
ATOM   298 C  CG  . TRP A 1 37 ? 13.655  -18.676 6.645   1.00 21.18 ? 37 TRP A CG  1 
ATOM   299 C  CD1 . TRP A 1 37 ? 12.982  -19.117 7.758   1.00 27.26 ? 37 TRP A CD1 1 
ATOM   300 C  CD2 . TRP A 1 37 ? 15.076  -18.966 6.880   1.00 20.82 ? 37 TRP A CD2 1 
ATOM   301 N  NE1 . TRP A 1 37 ? 13.878  -19.756 8.644   1.00 28.13 ? 37 TRP A NE1 1 
ATOM   302 C  CE2 . TRP A 1 37 ? 15.151  -19.660 8.132   1.00 27.34 ? 37 TRP A CE2 1 
ATOM   303 C  CE3 . TRP A 1 37 ? 16.246  -18.824 6.110   1.00 20.33 ? 37 TRP A CE3 1 
ATOM   304 C  CZ2 . TRP A 1 37 ? 16.349  -20.129 8.652   1.00 29.69 ? 37 TRP A CZ2 1 
ATOM   305 C  CZ3 . TRP A 1 37 ? 17.428  -19.265 6.632   1.00 22.13 ? 37 TRP A CZ3 1 
ATOM   306 C  CH2 . TRP A 1 37 ? 17.479  -19.924 7.902   1.00 26.26 ? 37 TRP A CH2 1 
ATOM   307 N  N   . ALA A 1 38 ? 11.093  -20.158 4.312   1.00 22.06 ? 38 ALA A N   1 
ATOM   308 C  CA  . ALA A 1 38 ? 10.312  -21.397 4.333   1.00 23.29 ? 38 ALA A CA  1 
ATOM   309 C  C   . ALA A 1 38 ? 10.764  -22.445 3.282   1.00 24.15 ? 38 ALA A C   1 
ATOM   310 O  O   . ALA A 1 38 ? 10.831  -23.634 3.602   1.00 25.26 ? 38 ALA A O   1 
ATOM   311 C  CB  . ALA A 1 38 ? 8.831   -21.031 4.105   1.00 25.87 ? 38 ALA A CB  1 
ATOM   312 N  N   . SER A 1 39 ? 11.057  -22.004 2.050   1.00 23.21 ? 39 SER A N   1 
ATOM   313 C  CA  . SER A 1 39 ? 11.539  -22.897 0.995   1.00 23.66 ? 39 SER A CA  1 
ATOM   314 C  C   . SER A 1 39 ? 12.869  -23.559 1.379   1.00 22.38 ? 39 SER A C   1 
ATOM   315 O  O   . SER A 1 39 ? 13.111  -24.755 1.138   1.00 21.92 ? 39 SER A O   1 
ATOM   316 C  CB  . SER A 1 39 ? 11.733  -22.156 -0.296  1.00 25.45 ? 39 SER A CB  1 
ATOM   317 O  OG  . SER A 1 39 ? 10.439  -21.860 -0.840  1.00 29.05 ? 39 SER A OG  1 
ATOM   318 N  N   . LEU A 1 40 ? 13.751  -22.755 1.941   1.00 20.49 ? 40 LEU A N   1 
ATOM   319 C  CA  . LEU A 1 40 ? 15.064  -23.301 2.390   1.00 20.84 ? 40 LEU A CA  1 
ATOM   320 C  C   . LEU A 1 40 ? 14.828  -24.333 3.480   1.00 19.19 ? 40 LEU A C   1 
ATOM   321 O  O   . LEU A 1 40 ? 15.413  -25.442 3.467   1.00 18.73 ? 40 LEU A O   1 
ATOM   322 C  CB  . LEU A 1 40 ? 15.945  -22.148 2.918   1.00 21.06 ? 40 LEU A CB  1 
ATOM   323 C  CG  . LEU A 1 40 ? 17.321  -22.556 3.469   1.00 20.81 ? 40 LEU A CG  1 
ATOM   324 C  CD1 . LEU A 1 40 ? 18.306  -21.459 3.189   1.00 23.65 ? 40 LEU A CD1 1 
ATOM   325 C  CD2 . LEU A 1 40 ? 17.202  -22.812 5.013   1.00 23.59 ? 40 LEU A CD2 1 
ATOM   326 N  N   . TRP A 1 41 ? 13.981  -23.996 4.458   1.00 19.17 ? 41 TRP A N   1 
ATOM   327 C  CA  . TRP A 1 41 ? 13.689  -24.936 5.570   1.00 19.31 ? 41 TRP A CA  1 
ATOM   328 C  C   . TRP A 1 41 ? 13.029  -26.211 5.080   1.00 20.60 ? 41 TRP A C   1 
ATOM   329 O  O   . TRP A 1 41 ? 13.466  -27.289 5.473   1.00 20.83 ? 41 TRP A O   1 
ATOM   330 C  CB  . TRP A 1 41 ? 12.817  -24.223 6.623   1.00 20.76 ? 41 TRP A CB  1 
ATOM   331 C  CG  . TRP A 1 41 ? 12.573  -25.024 7.865   1.00 20.03 ? 41 TRP A CG  1 
ATOM   332 C  CD1 . TRP A 1 41 ? 11.356  -25.571 8.292   1.00 23.91 ? 41 TRP A CD1 1 
ATOM   333 C  CD2 . TRP A 1 41 ? 13.517  -25.393 8.844   1.00 20.88 ? 41 TRP A CD2 1 
ATOM   334 N  NE1 . TRP A 1 41 ? 11.517  -26.228 9.474   1.00 25.71 ? 41 TRP A NE1 1 
ATOM   335 C  CE2 . TRP A 1 41 ? 12.831  -26.100 9.858   1.00 23.90 ? 41 TRP A CE2 1 
ATOM   336 C  CE3 . TRP A 1 41 ? 14.872  -25.089 9.037   1.00 23.32 ? 41 TRP A CE3 1 
ATOM   337 C  CZ2 . TRP A 1 41 ? 13.476  -26.613 10.995  1.00 23.66 ? 41 TRP A CZ2 1 
ATOM   338 C  CZ3 . TRP A 1 41 ? 15.504  -25.603 10.163  1.00 22.99 ? 41 TRP A CZ3 1 
ATOM   339 C  CH2 . TRP A 1 41 ? 14.809  -26.383 11.127  1.00 23.82 ? 41 TRP A CH2 1 
ATOM   340 N  N   . ASN A 1 42 ? 12.090  -26.077 4.143   1.00 20.80 ? 42 ASN A N   1 
ATOM   341 C  CA  . ASN A 1 42 ? 11.426  -27.256 3.572   1.00 21.64 ? 42 ASN A CA  1 
ATOM   342 C  C   . ASN A 1 42 ? 12.458  -28.140 2.861   1.00 20.92 ? 42 ASN A C   1 
ATOM   343 O  O   . ASN A 1 42 ? 12.377  -29.387 2.948   1.00 20.32 ? 42 ASN A O   1 
ATOM   344 C  CB  . ASN A 1 42 ? 10.345  -26.790 2.639   1.00 22.54 ? 42 ASN A CB  1 
ATOM   345 C  CG  . ASN A 1 42 ? 9.564   -27.887 2.004   1.00 30.98 ? 42 ASN A CG  1 
ATOM   346 O  OD1 . ASN A 1 42 ? 8.858   -28.649 2.661   1.00 39.67 ? 42 ASN A OD1 1 
ATOM   347 N  ND2 . ASN A 1 42 ? 9.651   -27.957 0.678   1.00 37.67 ? 42 ASN A ND2 1 
ATOM   348 N  N   . TRP A 1 43 ? 13.422  -27.534 2.170   1.00 18.57 ? 43 TRP A N   1 
ATOM   349 C  CA  . TRP A 1 43 ? 14.475  -28.349 1.486   1.00 18.75 ? 43 TRP A CA  1 
ATOM   350 C  C   . TRP A 1 43 ? 15.252  -29.199 2.510   1.00 18.02 ? 43 TRP A C   1 
ATOM   351 O  O   . TRP A 1 43 ? 15.470  -30.418 2.293   1.00 18.51 ? 43 TRP A O   1 
ATOM   352 C  CB  . TRP A 1 43 ? 15.425  -27.442 0.633   1.00 20.45 ? 43 TRP A CB  1 
ATOM   353 C  CG  . TRP A 1 43 ? 16.485  -28.278 -0.013  1.00 18.43 ? 43 TRP A CG  1 
ATOM   354 C  CD1 . TRP A 1 43 ? 16.374  -28.958 -1.198  1.00 20.25 ? 43 TRP A CD1 1 
ATOM   355 C  CD2 . TRP A 1 43 ? 17.776  -28.621 0.520   1.00 20.76 ? 43 TRP A CD2 1 
ATOM   356 N  NE1 . TRP A 1 43 ? 17.509  -29.661 -1.431  1.00 20.22 ? 43 TRP A NE1 1 
ATOM   357 C  CE2 . TRP A 1 43 ? 18.402  -29.467 -0.424  1.00 20.58 ? 43 TRP A CE2 1 
ATOM   358 C  CE3 . TRP A 1 43 ? 18.494  -28.232 1.676   1.00 21.73 ? 43 TRP A CE3 1 
ATOM   359 C  CZ2 . TRP A 1 43 ? 19.668  -30.030 -0.224  1.00 21.62 ? 43 TRP A CZ2 1 
ATOM   360 C  CZ3 . TRP A 1 43 ? 19.748  -28.762 1.859   1.00 23.81 ? 43 TRP A CZ3 1 
ATOM   361 C  CH2 . TRP A 1 43 ? 20.332  -29.636 0.918   1.00 22.51 ? 43 TRP A CH2 1 
ATOM   362 N  N   . PHE A 1 44 ? 15.664  -28.594 3.655   1.00 18.88 ? 44 PHE A N   1 
ATOM   363 C  CA  . PHE A 1 44 ? 16.358  -29.382 4.681   1.00 17.21 ? 44 PHE A CA  1 
ATOM   364 C  C   . PHE A 1 44 ? 15.487  -30.445 5.252   1.00 17.52 ? 44 PHE A C   1 
ATOM   365 O  O   . PHE A 1 44 ? 15.904  -31.578 5.440   1.00 17.21 ? 44 PHE A O   1 
ATOM   366 C  CB  . PHE A 1 44 ? 16.777  -28.440 5.833   1.00 18.16 ? 44 PHE A CB  1 
ATOM   367 C  CG  . PHE A 1 44 ? 18.077  -27.757 5.613   1.00 18.44 ? 44 PHE A CG  1 
ATOM   368 C  CD1 . PHE A 1 44 ? 19.232  -28.398 5.962   1.00 19.58 ? 44 PHE A CD1 1 
ATOM   369 C  CD2 . PHE A 1 44 ? 18.136  -26.455 5.057   1.00 20.13 ? 44 PHE A CD2 1 
ATOM   370 C  CE1 . PHE A 1 44 ? 20.518  -27.771 5.764   1.00 22.00 ? 44 PHE A CE1 1 
ATOM   371 C  CE2 . PHE A 1 44 ? 19.426  -25.813 4.843   1.00 20.06 ? 44 PHE A CE2 1 
ATOM   372 C  CZ  . PHE A 1 44 ? 20.598  -26.491 5.228   1.00 20.35 ? 44 PHE A CZ  1 
ATOM   373 N  N   . ASN A 1 45 ? 14.219  -30.105 5.448   1.00 18.31 ? 45 ASN A N   1 
ATOM   374 C  CA  . ASN A 1 45 ? 13.301  -31.121 6.010   1.00 19.20 ? 45 ASN A CA  1 
ATOM   375 C  C   . ASN A 1 45 ? 13.054  -32.308 5.090   1.00 18.07 ? 45 ASN A C   1 
ATOM   376 O  O   . ASN A 1 45 ? 13.017  -33.464 5.558   1.00 19.22 ? 45 ASN A O   1 
ATOM   377 C  CB  . ASN A 1 45 ? 11.947  -30.453 6.310   1.00 20.92 ? 45 ASN A CB  1 
ATOM   378 C  CG  . ASN A 1 45 ? 11.897  -29.995 7.758   1.00 25.51 ? 45 ASN A CG  1 
ATOM   379 O  OD1 . ASN A 1 45 ? 12.059  -30.791 8.688   1.00 29.28 ? 45 ASN A OD1 1 
ATOM   380 N  ND2 . ASN A 1 45 ? 11.722  -28.721 7.951   1.00 35.21 ? 45 ASN A ND2 1 
ATOM   381 N  N   . ILE A 1 46 ? 12.905  -32.035 3.806   1.00 16.83 ? 46 ILE A N   1 
ATOM   382 C  CA  . ILE A 1 46 ? 12.699  -33.118 2.835   1.00 16.91 ? 46 ILE A CA  1 
ATOM   383 C  C   . ILE A 1 46 ? 13.954  -33.968 2.756   1.00 15.91 ? 46 ILE A C   1 
ATOM   384 O  O   . ILE A 1 46 ? 13.889  -35.190 2.731   1.00 18.30 ? 46 ILE A O   1 
ATOM   385 C  CB  . ILE A 1 46 ? 12.251  -32.543 1.470   1.00 16.28 ? 46 ILE A CB  1 
ATOM   386 C  CG1 . ILE A 1 46 ? 10.811  -31.988 1.559   1.00 18.90 ? 46 ILE A CG1 1 
ATOM   387 C  CG2 . ILE A 1 46 ? 12.199  -33.760 0.475   1.00 19.06 ? 46 ILE A CG2 1 
ATOM   388 C  CD1 . ILE A 1 46 ? 10.377  -31.239 0.296   1.00 22.41 ? 46 ILE A CD1 1 
ATOM   389 N  N   . THR A 1 47 ? 15.125  -33.283 2.689   1.00 16.60 ? 47 THR A N   1 
ATOM   390 C  CA  . THR A 1 47 ? 16.381  -34.045 2.665   1.00 16.49 ? 47 THR A CA  1 
ATOM   391 C  C   . THR A 1 47 ? 16.473  -34.993 3.890   1.00 15.99 ? 47 THR A C   1 
ATOM   392 O  O   . THR A 1 47 ? 16.882  -36.161 3.752   1.00 17.98 ? 47 THR A O   1 
ATOM   393 C  CB  . THR A 1 47 ? 17.585  -33.067 2.635   1.00 16.11 ? 47 THR A CB  1 
ATOM   394 O  OG1 . THR A 1 47 ? 17.457  -32.237 1.507   1.00 17.09 ? 47 THR A OG1 1 
ATOM   395 C  CG2 . THR A 1 47 ? 18.956  -33.849 2.503   1.00 19.41 ? 47 THR A CG2 1 
ATOM   396 N  N   . ASN A 1 48 ? 16.212  -34.446 5.070   1.00 17.53 ? 48 ASN A N   1 
ATOM   397 C  CA  . ASN A 1 48 ? 16.254  -35.216 6.306   1.00 18.38 ? 48 ASN A CA  1 
ATOM   398 C  C   . ASN A 1 48 ? 15.285  -36.422 6.247   1.00 20.01 ? 48 ASN A C   1 
ATOM   399 O  O   . ASN A 1 48 ? 15.672  -37.496 6.625   1.00 19.99 ? 48 ASN A O   1 
ATOM   400 C  CB  . ASN A 1 48 ? 15.928  -34.252 7.446   1.00 18.05 ? 48 ASN A CB  1 
ATOM   401 C  CG  . ASN A 1 48 ? 16.115  -34.915 8.769   1.00 21.99 ? 48 ASN A CG  1 
ATOM   402 O  OD1 . ASN A 1 48 ? 17.213  -35.385 9.074   1.00 23.96 ? 48 ASN A OD1 1 
ATOM   403 N  ND2 . ASN A 1 48 ? 15.046  -35.003 9.526   1.00 23.95 ? 48 ASN A ND2 1 
ATOM   404 N  N   . TRP A 1 49 ? 14.051  -36.174 5.783   1.00 18.88 ? 49 TRP A N   1 
ATOM   405 C  CA  . TRP A 1 49 ? 13.031  -37.237 5.715   1.00 21.80 ? 49 TRP A CA  1 
ATOM   406 C  C   . TRP A 1 49 ? 13.438  -38.280 4.738   1.00 20.67 ? 49 TRP A C   1 
ATOM   407 O  O   . TRP A 1 49 ? 13.389  -39.455 5.033   1.00 21.64 ? 49 TRP A O   1 
ATOM   408 C  CB  . TRP A 1 49 ? 11.719  -36.577 5.292   1.00 20.49 ? 49 TRP A CB  1 
ATOM   409 C  CG  . TRP A 1 49 ? 10.607  -37.578 5.146   1.00 23.94 ? 49 TRP A CG  1 
ATOM   410 C  CD1 . TRP A 1 49 ? 9.926   -38.191 6.200   1.00 28.28 ? 49 TRP A CD1 1 
ATOM   411 C  CD2 . TRP A 1 49 ? 10.037  -38.099 3.937   1.00 26.83 ? 49 TRP A CD2 1 
ATOM   412 N  NE1 . TRP A 1 49 ? 9.013   -39.070 5.702   1.00 29.07 ? 49 TRP A NE1 1 
ATOM   413 C  CE2 . TRP A 1 49 ? 9.014   -39.018 4.329   1.00 30.62 ? 49 TRP A CE2 1 
ATOM   414 C  CE3 . TRP A 1 49 ? 10.250  -37.870 2.572   1.00 31.10 ? 49 TRP A CE3 1 
ATOM   415 C  CZ2 . TRP A 1 49 ? 8.233   -39.702 3.408   1.00 31.01 ? 49 TRP A CZ2 1 
ATOM   416 C  CZ3 . TRP A 1 49 ? 9.484   -38.554 1.653   1.00 30.35 ? 49 TRP A CZ3 1 
ATOM   417 C  CH2 . TRP A 1 49 ? 8.478   -39.483 2.075   1.00 33.64 ? 49 TRP A CH2 1 
ATOM   418 N  N   . LEU A 1 50 ? 13.966  -37.936 3.554   1.00 18.56 ? 50 LEU A N   1 
ATOM   419 C  CA  . LEU A 1 50 ? 14.406  -38.975 2.612   1.00 18.57 ? 50 LEU A CA  1 
ATOM   420 C  C   . LEU A 1 50 ? 15.572  -39.772 3.168   1.00 19.16 ? 50 LEU A C   1 
ATOM   421 O  O   . LEU A 1 50 ? 15.680  -40.962 2.960   1.00 20.63 ? 50 LEU A O   1 
ATOM   422 C  CB  . LEU A 1 50 ? 14.806  -38.318 1.293   1.00 17.49 ? 50 LEU A CB  1 
ATOM   423 C  CG  . LEU A 1 50 ? 13.624  -37.704 0.536   1.00 17.69 ? 50 LEU A CG  1 
ATOM   424 C  CD1 . LEU A 1 50 ? 14.101  -36.868 -0.670  1.00 20.52 ? 50 LEU A CD1 1 
ATOM   425 C  CD2 . LEU A 1 50 ? 12.722  -38.871 -0.012  1.00 21.64 ? 50 LEU A CD2 1 
ATOM   426 N  N   . TRP A 1 51 ? 16.454  -39.122 3.911   1.00 18.19 ? 51 TRP A N   1 
ATOM   427 C  CA  . TRP A 1 51 ? 17.581  -39.851 4.492   1.00 19.49 ? 51 TRP A CA  1 
ATOM   428 C  C   . TRP A 1 51 ? 17.091  -40.889 5.510   1.00 21.27 ? 51 TRP A C   1 
ATOM   429 O  O   . TRP A 1 51 ? 17.630  -41.993 5.588   1.00 21.86 ? 51 TRP A O   1 
ATOM   430 C  CB  . TRP A 1 51 ? 18.556  -38.876 5.163   1.00 18.89 ? 51 TRP A CB  1 
ATOM   431 C  CG  . TRP A 1 51 ? 19.750  -39.546 5.789   1.00 18.80 ? 51 TRP A CG  1 
ATOM   432 C  CD1 . TRP A 1 51 ? 19.892  -39.794 7.123   1.00 23.56 ? 51 TRP A CD1 1 
ATOM   433 C  CD2 . TRP A 1 51 ? 20.908  -40.115 5.146   1.00 21.94 ? 51 TRP A CD2 1 
ATOM   434 N  NE1 . TRP A 1 51 ? 21.073  -40.498 7.367   1.00 25.23 ? 51 TRP A NE1 1 
ATOM   435 C  CE2 . TRP A 1 51 ? 21.723  -40.663 6.173   1.00 23.23 ? 51 TRP A CE2 1 
ATOM   436 C  CE3 . TRP A 1 51 ? 21.368  -40.160 3.825   1.00 21.37 ? 51 TRP A CE3 1 
ATOM   437 C  CZ2 . TRP A 1 51 ? 22.942  -41.257 5.901   1.00 23.83 ? 51 TRP A CZ2 1 
ATOM   438 C  CZ3 . TRP A 1 51 ? 22.575  -40.775 3.542   1.00 22.17 ? 51 TRP A CZ3 1 
ATOM   439 C  CH2 . TRP A 1 51 ? 23.370  -41.291 4.589   1.00 23.84 ? 51 TRP A CH2 1 
ATOM   440 N  N   . TYR A 1 52 ? 16.062  -40.494 6.252   1.00 21.38 ? 52 TYR A N   1 
ATOM   441 C  CA  . TYR A 1 52 ? 15.496  -41.362 7.299   1.00 23.06 ? 52 TYR A CA  1 
ATOM   442 C  C   . TYR A 1 52 ? 14.742  -42.510 6.655   1.00 23.68 ? 52 TYR A C   1 
ATOM   443 O  O   . TYR A 1 52 ? 14.801  -43.626 7.221   1.00 25.96 ? 52 TYR A O   1 
ATOM   444 C  CB  . TYR A 1 52 ? 14.540  -40.535 8.108   1.00 26.00 ? 52 TYR A CB  1 
ATOM   445 C  CG  . TYR A 1 52 ? 13.951  -41.346 9.218   1.00 29.43 ? 52 TYR A CG  1 
ATOM   446 C  CD1 . TYR A 1 52 ? 14.712  -41.639 10.356  1.00 34.52 ? 52 TYR A CD1 1 
ATOM   447 C  CD2 . TYR A 1 52 ? 12.647  -41.834 9.112   1.00 33.93 ? 52 TYR A CD2 1 
ATOM   448 C  CE1 . TYR A 1 52 ? 14.198  -42.411 11.362  1.00 39.60 ? 52 TYR A CE1 1 
ATOM   449 C  CE2 . TYR A 1 52 ? 12.109  -42.640 10.149  1.00 40.10 ? 52 TYR A CE2 1 
ATOM   450 C  CZ  . TYR A 1 52 ? 12.900  -42.899 11.257  1.00 40.24 ? 52 TYR A CZ  1 
ATOM   451 O  OH  . TYR A 1 52 ? 12.432  -43.665 12.294  1.00 39.71 ? 52 TYR A OH  1 
ATOM   452 N  N   . ILE A 1 53 ? 14.096  -42.309 5.502   1.00 22.62 ? 53 ILE A N   1 
ATOM   453 C  CA  . ILE A 1 53 ? 13.285  -43.418 4.887   1.00 24.90 ? 53 ILE A CA  1 
ATOM   454 C  C   . ILE A 1 53 ? 13.975  -44.274 3.837   1.00 26.02 ? 53 ILE A C   1 
ATOM   455 O  O   . ILE A 1 53 ? 13.383  -45.280 3.312   1.00 28.05 ? 53 ILE A O   1 
ATOM   456 C  CB  . ILE A 1 53 ? 11.883  -42.918 4.411   1.00 26.49 ? 53 ILE A CB  1 
ATOM   457 C  CG1 . ILE A 1 53 ? 12.004  -41.890 3.309   1.00 26.51 ? 53 ILE A CG1 1 
ATOM   458 C  CG2 . ILE A 1 53 ? 11.139  -42.293 5.560   1.00 30.10 ? 53 ILE A CG2 1 
ATOM   459 C  CD1 . ILE A 1 53 ? 12.397  -42.389 2.058   1.00 31.52 ? 53 ILE A CD1 1 
ATOM   460 N  N   . LYS A 1 54 ? 15.223  -43.969 3.510   1.00 23.92 ? 54 LYS A N   1 
ATOM   461 C  CA  . LYS A 1 54 ? 15.916  -44.651 2.439   1.00 24.68 ? 54 LYS A CA  1 
ATOM   462 C  C   . LYS A 1 54 ? 16.072  -46.159 2.718   1.00 27.08 ? 54 LYS A C   1 
ATOM   463 O  O   . LYS A 1 54 ? 16.072  -46.674 3.862   1.00 28.42 ? 54 LYS A O   1 
ATOM   464 C  CB  . LYS A 1 54 ? 17.301  -44.006 2.238   1.00 23.74 ? 54 LYS A CB  1 
ATOM   465 C  CG  . LYS A 1 54 ? 18.231  -44.288 3.423   1.00 22.02 ? 54 LYS A CG  1 
ATOM   466 C  CD  . LYS A 1 54 ? 19.460  -43.422 3.305   1.00 21.26 ? 54 LYS A CD  1 
ATOM   467 C  CE  . LYS A 1 54 ? 20.469  -43.770 4.419   1.00 22.23 ? 54 LYS A CE  1 
ATOM   468 N  NZ  . LYS A 1 54 ? 19.937  -43.450 5.757   1.00 22.14 ? 54 LYS A NZ  1 
ATOM   469 O  OXT . LYS A 1 54 ? 16.219  -46.903 1.751   1.00 29.11 ? 54 LYS A OXT 1 
ATOM   470 N  N   . LEU B 1 12 ? -0.097  -19.608 4.236   1.00 54.57 ? 12 LEU B N   1 
ATOM   471 C  CA  . LEU B 1 12 ? -0.236  -18.465 5.186   1.00 53.60 ? 12 LEU B CA  1 
ATOM   472 C  C   . LEU B 1 12 ? 0.399   -17.225 4.561   1.00 51.84 ? 12 LEU B C   1 
ATOM   473 O  O   . LEU B 1 12 ? -0.251  -16.179 4.390   1.00 50.65 ? 12 LEU B O   1 
ATOM   474 C  CB  . LEU B 1 12 ? 0.479   -18.779 6.494   1.00 54.60 ? 12 LEU B CB  1 
ATOM   475 C  CG  . LEU B 1 12 ? 0.013   -18.267 7.865   1.00 56.69 ? 12 LEU B CG  1 
ATOM   476 C  CD1 . LEU B 1 12 ? 1.221   -18.115 8.768   1.00 55.14 ? 12 LEU B CD1 1 
ATOM   477 C  CD2 . LEU B 1 12 ? -0.798  -16.981 7.842   1.00 57.97 ? 12 LEU B CD2 1 
ATOM   478 N  N   . ILE B 1 13 ? 1.668   -17.361 4.199   1.00 50.39 ? 13 ILE B N   1 
ATOM   479 C  CA  . ILE B 1 13 ? 2.409   -16.272 3.600   1.00 48.70 ? 13 ILE B CA  1 
ATOM   480 C  C   . ILE B 1 13 ? 1.728   -15.786 2.317   1.00 49.32 ? 13 ILE B C   1 
ATOM   481 O  O   . ILE B 1 13 ? 1.555   -14.578 2.148   1.00 48.09 ? 13 ILE B O   1 
ATOM   482 C  CB  . ILE B 1 13 ? 3.893   -16.627 3.398   1.00 50.15 ? 13 ILE B CB  1 
ATOM   483 C  CG1 . ILE B 1 13 ? 4.556   -16.860 4.760   1.00 47.73 ? 13 ILE B CG1 1 
ATOM   484 C  CG2 . ILE B 1 13 ? 4.625   -15.478 2.675   1.00 48.37 ? 13 ILE B CG2 1 
ATOM   485 C  CD1 . ILE B 1 13 ? 5.933   -17.502 4.679   1.00 53.00 ? 13 ILE B CD1 1 
ATOM   486 N  N   . HIS B 1 14 ? 1.270   -16.704 1.455   1.00 49.31 ? 14 HIS B N   1 
ATOM   487 C  CA  . HIS B 1 14 ? 0.593   -16.286 0.228   1.00 49.60 ? 14 HIS B CA  1 
ATOM   488 C  C   . HIS B 1 14 ? -0.662  -15.483 0.562   1.00 48.67 ? 14 HIS B C   1 
ATOM   489 O  O   . HIS B 1 14 ? -0.985  -14.492 -0.130  1.00 47.93 ? 14 HIS B O   1 
ATOM   490 C  CB  . HIS B 1 14 ? 0.217   -17.475 -0.685  1.00 51.14 ? 14 HIS B CB  1 
ATOM   491 C  CG  . HIS B 1 14 ? -0.414  -17.052 -1.977  1.00 54.06 ? 14 HIS B CG  1 
ATOM   492 N  ND1 . HIS B 1 14 ? -1.770  -17.140 -2.214  1.00 56.48 ? 14 HIS B ND1 1 
ATOM   493 C  CD2 . HIS B 1 14 ? 0.125   -16.490 -3.087  1.00 56.35 ? 14 HIS B CD2 1 
ATOM   494 C  CE1 . HIS B 1 14 ? -2.035  -16.676 -3.424  1.00 56.59 ? 14 HIS B CE1 1 
ATOM   495 N  NE2 . HIS B 1 14 ? -0.901  -16.277 -3.975  1.00 57.97 ? 14 HIS B NE2 1 
ATOM   496 N  N   . SER B 1 15 ? -1.365  -15.908 1.620   1.00 47.49 ? 15 SER B N   1 
ATOM   497 C  CA  . SER B 1 15 ? -2.623  -15.255 2.042   1.00 46.66 ? 15 SER B CA  1 
ATOM   498 C  C   . SER B 1 15 ? -2.352  -13.813 2.519   1.00 44.51 ? 15 SER B C   1 
ATOM   499 O  O   . SER B 1 15 ? -3.141  -12.881 2.260   1.00 44.94 ? 15 SER B O   1 
ATOM   500 C  CB  . SER B 1 15 ? -3.279  -16.049 3.184   1.00 47.54 ? 15 SER B CB  1 
ATOM   501 O  OG  . SER B 1 15 ? -4.102  -17.111 2.683   1.00 51.89 ? 15 SER B OG  1 
ATOM   502 N  N   . LEU B 1 16 ? -1.237  -13.675 3.224   1.00 43.74 ? 16 LEU B N   1 
ATOM   503 C  CA  . LEU B 1 16 ? -0.775  -12.408 3.797   1.00 41.02 ? 16 LEU B CA  1 
ATOM   504 C  C   . LEU B 1 16 ? -0.334  -11.438 2.722   1.00 40.64 ? 16 LEU B C   1 
ATOM   505 O  O   . LEU B 1 16 ? -0.577  -10.224 2.849   1.00 40.22 ? 16 LEU B O   1 
ATOM   506 C  CB  . LEU B 1 16 ? 0.362   -12.679 4.773   1.00 41.50 ? 16 LEU B CB  1 
ATOM   507 C  CG  . LEU B 1 16 ? 0.097   -12.801 6.286   1.00 43.62 ? 16 LEU B CG  1 
ATOM   508 C  CD1 . LEU B 1 16 ? -1.347  -12.940 6.659   1.00 46.44 ? 16 LEU B CD1 1 
ATOM   509 C  CD2 . LEU B 1 16 ? 1.029   -13.858 6.985   1.00 43.65 ? 16 LEU B CD2 1 
ATOM   510 N  N   . ILE B 1 17 ? 0.309   -11.953 1.674   1.00 40.40 ? 17 ILE B N   1 
ATOM   511 C  CA  . ILE B 1 17 ? 0.731   -11.109 0.554   1.00 39.65 ? 17 ILE B CA  1 
ATOM   512 C  C   . ILE B 1 17 ? -0.500  -10.555 -0.150  1.00 40.01 ? 17 ILE B C   1 
ATOM   513 O  O   . ILE B 1 17 ? -0.568  -9.360  -0.434  1.00 39.20 ? 17 ILE B O   1 
ATOM   514 C  CB  . ILE B 1 17 ? 1.649   -11.848 -0.435  1.00 40.96 ? 17 ILE B CB  1 
ATOM   515 C  CG1 . ILE B 1 17 ? 3.004   -12.086 0.231   1.00 38.35 ? 17 ILE B CG1 1 
ATOM   516 C  CG2 . ILE B 1 17 ? 1.806   -11.043 -1.732  1.00 40.29 ? 17 ILE B CG2 1 
ATOM   517 C  CD1 . ILE B 1 17 ? 3.872   -13.121 -0.428  1.00 39.32 ? 17 ILE B CD1 1 
ATOM   518 N  N   . GLU B 1 18 ? -1.462  -11.429 -0.438  1.00 40.21 ? 18 GLU B N   1 
ATOM   519 C  CA  . GLU B 1 18 ? -2.726  -10.971 -1.032  1.00 41.06 ? 18 GLU B CA  1 
ATOM   520 C  C   . GLU B 1 18 ? -3.435  -9.897  -0.186  1.00 41.91 ? 18 GLU B C   1 
ATOM   521 O  O   . GLU B 1 18 ? -3.918  -8.873  -0.743  1.00 41.29 ? 18 GLU B O   1 
ATOM   522 C  CB  . GLU B 1 18 ? -3.637  -12.163 -1.332  1.00 41.06 ? 18 GLU B CB  1 
ATOM   523 C  CG  . GLU B 1 18 ? -3.093  -12.993 -2.486  1.00 44.58 ? 18 GLU B CG  1 
ATOM   524 N  N   . GLU B 1 19 ? -3.523  -10.123 1.126   1.00 42.25 ? 19 GLU B N   1 
ATOM   525 C  CA  . GLU B 1 19 ? -4.022  -9.125  2.073   1.00 43.61 ? 19 GLU B CA  1 
ATOM   526 C  C   . GLU B 1 19 ? -3.236  -7.799  1.992   1.00 42.82 ? 19 GLU B C   1 
ATOM   527 O  O   . GLU B 1 19 ? -3.822  -6.703  1.939   1.00 43.48 ? 19 GLU B O   1 
ATOM   528 C  CB  . GLU B 1 19 ? -4.052  -9.696  3.510   1.00 44.14 ? 19 GLU B CB  1 
ATOM   529 C  CG  . GLU B 1 19 ? -5.292  -10.588 3.767   1.00 49.24 ? 19 GLU B CG  1 
ATOM   530 C  CD  . GLU B 1 19 ? -5.325  -11.299 5.142   1.00 56.19 ? 19 GLU B CD  1 
ATOM   531 O  OE1 . GLU B 1 19 ? -4.348  -11.980 5.502   1.00 58.49 ? 19 GLU B OE1 1 
ATOM   532 O  OE2 . GLU B 1 19 ? -6.363  -11.227 5.848   1.00 59.60 ? 19 GLU B OE2 1 
ATOM   533 N  N   . SER B 1 20 ? -1.918  -7.893  1.946   1.00 41.91 ? 20 SER B N   1 
ATOM   534 C  CA  . SER B 1 20 ? -1.092  -6.693  1.787   1.00 40.70 ? 20 SER B CA  1 
ATOM   535 C  C   . SER B 1 20 ? -1.462  -5.960  0.491   1.00 40.62 ? 20 SER B C   1 
ATOM   536 O  O   . SER B 1 20 ? -1.682  -4.720  0.477   1.00 39.84 ? 20 SER B O   1 
ATOM   537 C  CB  . SER B 1 20 ? 0.376   -7.068  1.755   1.00 40.89 ? 20 SER B CB  1 
ATOM   538 O  OG  . SER B 1 20 ? 1.160   -5.924  1.462   1.00 40.80 ? 20 SER B OG  1 
ATOM   539 N  N   . GLN B 1 21 ? -1.556  -6.724  -0.598  1.00 39.81 ? 21 GLN B N   1 
ATOM   540 C  CA  . GLN B 1 21 ? -1.892  -6.155  -1.912  1.00 39.73 ? 21 GLN B CA  1 
ATOM   541 C  C   . GLN B 1 21 ? -3.272  -5.534  -1.920  1.00 39.89 ? 21 GLN B C   1 
ATOM   542 O  O   . GLN B 1 21 ? -3.498  -4.496  -2.556  1.00 39.64 ? 21 GLN B O   1 
ATOM   543 C  CB  . GLN B 1 21 ? -1.750  -7.200  -3.025  1.00 39.68 ? 21 GLN B CB  1 
ATOM   544 C  CG  . GLN B 1 21 ? -0.293  -7.646  -3.234  1.00 39.42 ? 21 GLN B CG  1 
ATOM   545 C  CD  . GLN B 1 21 ? -0.162  -8.926  -4.026  1.00 39.37 ? 21 GLN B CD  1 
ATOM   546 O  OE1 . GLN B 1 21 ? -1.147  -9.600  -4.307  1.00 42.35 ? 21 GLN B OE1 1 
ATOM   547 N  NE2 . GLN B 1 21 ? 1.084   -9.278  -4.388  1.00 41.80 ? 21 GLN B NE2 1 
ATOM   548 N  N   . ASN B 1 22 ? -4.204  -6.140  -1.194  1.00 40.43 ? 22 ASN B N   1 
ATOM   549 C  CA  . ASN B 1 22 ? -5.536  -5.543  -1.077  1.00 42.08 ? 22 ASN B CA  1 
ATOM   550 C  C   . ASN B 1 22 ? -5.459  -4.182  -0.373  1.00 42.93 ? 22 ASN B C   1 
ATOM   551 O  O   . ASN B 1 22 ? -6.193  -3.235  -0.716  1.00 41.64 ? 22 ASN B O   1 
ATOM   552 C  CB  . ASN B 1 22 ? -6.455  -6.483  -0.318  1.00 42.87 ? 22 ASN B CB  1 
ATOM   553 C  CG  . ASN B 1 22 ? -6.923  -7.676  -1.167  1.00 45.67 ? 22 ASN B CG  1 
ATOM   554 O  OD1 . ASN B 1 22 ? -7.312  -8.719  -0.617  1.00 48.72 ? 22 ASN B OD1 1 
ATOM   555 N  ND2 . ASN B 1 22 ? -6.945  -7.516  -2.508  1.00 47.26 ? 22 ASN B ND2 1 
ATOM   556 N  N   . GLN B 1 23 ? -4.560  -4.062  0.607   1.00 43.41 ? 23 GLN B N   1 
ATOM   557 C  CA  . GLN B 1 23 ? -4.419  -2.780  1.300   1.00 44.22 ? 23 GLN B CA  1 
ATOM   558 C  C   . GLN B 1 23 ? -3.806  -1.739  0.395   1.00 43.17 ? 23 GLN B C   1 
ATOM   559 O  O   . GLN B 1 23 ? -4.213  -0.577  0.419   1.00 43.83 ? 23 GLN B O   1 
ATOM   560 C  CB  . GLN B 1 23 ? -3.635  -2.927  2.595   1.00 45.54 ? 23 GLN B CB  1 
ATOM   561 C  CG  . GLN B 1 23 ? -4.222  -3.994  3.516   1.00 49.89 ? 23 GLN B CG  1 
ATOM   562 C  CD  . GLN B 1 23 ? -5.621  -3.652  3.983   1.00 55.68 ? 23 GLN B CD  1 
ATOM   563 O  OE1 . GLN B 1 23 ? -5.866  -3.473  5.185   1.00 59.44 ? 23 GLN B OE1 1 
ATOM   564 N  NE2 . GLN B 1 23 ? -6.551  -3.550  3.039   1.00 57.10 ? 23 GLN B NE2 1 
ATOM   565 N  N   . GLN B 1 24 ? -2.845  -2.157  -0.420  1.00 43.47 ? 24 GLN B N   1 
ATOM   566 C  CA  . GLN B 1 24 ? -2.220  -1.256  -1.382  1.00 43.35 ? 24 GLN B CA  1 
ATOM   567 C  C   . GLN B 1 24 ? -3.296  -0.703  -2.310  1.00 43.54 ? 24 GLN B C   1 
ATOM   568 O  O   . GLN B 1 24 ? -3.326  0.501   -2.577  1.00 42.92 ? 24 GLN B O   1 
ATOM   569 C  CB  . GLN B 1 24 ? -1.082  -1.954  -2.135  1.00 43.74 ? 24 GLN B CB  1 
ATOM   570 C  CG  . GLN B 1 24 ? 0.063   -2.293  -1.165  1.00 44.64 ? 24 GLN B CG  1 
ATOM   571 C  CD  . GLN B 1 24 ? 1.173   -3.116  -1.778  1.00 47.52 ? 24 GLN B CD  1 
ATOM   572 O  OE1 . GLN B 1 24 ? 1.542   -2.929  -2.947  1.00 49.65 ? 24 GLN B OE1 1 
ATOM   573 N  NE2 . GLN B 1 24 ? 1.710   -4.059  -0.991  1.00 43.83 ? 24 GLN B NE2 1 
ATOM   574 N  N   . GLU B 1 25 ? -4.206  -1.569  -2.748  1.00 42.96 ? 25 GLU B N   1 
ATOM   575 C  CA  . GLU B 1 25 ? -5.334  -1.118  -3.567  1.00 43.56 ? 25 GLU B CA  1 
ATOM   576 C  C   . GLU B 1 25 ? -6.285  -0.147  -2.840  1.00 44.01 ? 25 GLU B C   1 
ATOM   577 O  O   . GLU B 1 25 ? -6.673  0.905   -3.378  1.00 42.56 ? 25 GLU B O   1 
ATOM   578 C  CB  . GLU B 1 25 ? -6.116  -2.318  -4.099  1.00 44.42 ? 25 GLU B CB  1 
ATOM   579 C  CG  . GLU B 1 25 ? -7.389  -1.942  -4.903  1.00 45.87 ? 25 GLU B CG  1 
ATOM   580 C  CD  . GLU B 1 25 ? -7.075  -1.100  -6.142  1.00 50.53 ? 25 GLU B CD  1 
ATOM   581 O  OE1 . GLU B 1 25 ? -5.933  -1.200  -6.654  1.00 50.28 ? 25 GLU B OE1 1 
ATOM   582 O  OE2 . GLU B 1 25 ? -7.970  -0.343  -6.603  1.00 50.42 ? 25 GLU B OE2 1 
ATOM   583 N  N   . LYS B 1 26 ? -6.681  -0.514  -1.628  1.00 44.79 ? 26 LYS B N   1 
ATOM   584 C  CA  . LYS B 1 26 ? -7.530  0.340   -0.792  1.00 45.71 ? 26 LYS B CA  1 
ATOM   585 C  C   . LYS B 1 26 ? -6.892  1.747   -0.668  1.00 45.76 ? 26 LYS B C   1 
ATOM   586 O  O   . LYS B 1 26 ? -7.607  2.767   -0.713  1.00 45.13 ? 26 LYS B O   1 
ATOM   587 C  CB  . LYS B 1 26 ? -7.727  -0.301  0.586   1.00 46.62 ? 26 LYS B CB  1 
ATOM   588 C  CG  . LYS B 1 26 ? -9.161  -0.559  0.986   1.00 47.93 ? 26 LYS B CG  1 
ATOM   589 N  N   . ASN B 1 27 ? -5.565  1.804   -0.552  1.00 45.57 ? 27 ASN B N   1 
ATOM   590 C  CA  . ASN B 1 27 ? -4.831  3.093   -0.513  1.00 45.92 ? 27 ASN B CA  1 
ATOM   591 C  C   . ASN B 1 27 ? -4.825  3.878   -1.842  1.00 45.89 ? 27 ASN B C   1 
ATOM   592 O  O   . ASN B 1 27 ? -4.913  5.126   -1.840  1.00 44.90 ? 27 ASN B O   1 
ATOM   593 C  CB  . ASN B 1 27 ? -3.369  2.893   -0.078  1.00 47.18 ? 27 ASN B CB  1 
ATOM   594 C  CG  . ASN B 1 27 ? -3.232  2.447   1.361   1.00 49.20 ? 27 ASN B CG  1 
ATOM   595 O  OD1 . ASN B 1 27 ? -4.168  2.555   2.161   1.00 52.93 ? 27 ASN B OD1 1 
ATOM   596 N  ND2 . ASN B 1 27 ? -2.063  1.911   1.692   1.00 50.91 ? 27 ASN B ND2 1 
ATOM   597 N  N   . GLU B 1 28 ? -4.680  3.167   -2.960  1.00 45.17 ? 28 GLU B N   1 
ATOM   598 C  CA  . GLU B 1 28 ? -4.853  3.772   -4.294  1.00 45.86 ? 28 GLU B CA  1 
ATOM   599 C  C   . GLU B 1 28 ? -6.259  4.336   -4.481  1.00 45.61 ? 28 GLU B C   1 
ATOM   600 O  O   . GLU B 1 28 ? -6.423  5.363   -5.153  1.00 45.82 ? 28 GLU B O   1 
ATOM   601 C  CB  . GLU B 1 28 ? -4.569  2.777   -5.427  1.00 46.53 ? 28 GLU B CB  1 
ATOM   602 C  CG  . GLU B 1 28 ? -3.136  2.247   -5.415  1.00 48.93 ? 28 GLU B CG  1 
ATOM   603 C  CD  . GLU B 1 28 ? -3.056  0.786   -5.796  1.00 55.93 ? 28 GLU B CD  1 
ATOM   604 O  OE1 . GLU B 1 28 ? -4.092  0.095   -5.685  1.00 57.12 ? 28 GLU B OE1 1 
ATOM   605 O  OE2 . GLU B 1 28 ? -1.955  0.322   -6.186  1.00 57.84 ? 28 GLU B OE2 1 
ATOM   606 N  N   . GLN B 1 29 ? -7.267  3.691   -3.892  1.00 45.29 ? 29 GLN B N   1 
ATOM   607 C  CA  . GLN B 1 29 ? -8.644  4.194   -3.997  1.00 45.49 ? 29 GLN B CA  1 
ATOM   608 C  C   . GLN B 1 29 ? -8.839  5.446   -3.141  1.00 45.71 ? 29 GLN B C   1 
ATOM   609 O  O   . GLN B 1 29 ? -9.555  6.359   -3.549  1.00 44.01 ? 29 GLN B O   1 
ATOM   610 C  CB  . GLN B 1 29 ? -9.679  3.145   -3.599  1.00 46.31 ? 29 GLN B CB  1 
ATOM   611 C  CG  . GLN B 1 29 ? -9.813  1.954   -4.571  1.00 49.63 ? 29 GLN B CG  1 
ATOM   612 C  CD  . GLN B 1 29 ? -9.998  2.375   -6.014  1.00 51.77 ? 29 GLN B CD  1 
ATOM   613 O  OE1 . GLN B 1 29 ? -10.972 3.050   -6.365  1.00 54.33 ? 29 GLN B OE1 1 
ATOM   614 N  NE2 . GLN B 1 29 ? -9.051  1.987   -6.864  1.00 53.08 ? 29 GLN B NE2 1 
ATOM   615 N  N   . GLU B 1 30 ? -8.215  5.484   -1.961  1.00 45.40 ? 30 GLU B N   1 
ATOM   616 C  CA  . GLU B 1 30 ? -8.262  6.695   -1.111  1.00 46.36 ? 30 GLU B CA  1 
ATOM   617 C  C   . GLU B 1 30 ? -7.610  7.876   -1.808  1.00 46.18 ? 30 GLU B C   1 
ATOM   618 O  O   . GLU B 1 30 ? -8.169  8.974   -1.791  1.00 46.58 ? 30 GLU B O   1 
ATOM   619 C  CB  . GLU B 1 30 ? -7.616  6.455   0.248   1.00 47.58 ? 30 GLU B CB  1 
ATOM   620 C  CG  . GLU B 1 30 ? -8.508  5.680   1.204   1.00 50.79 ? 30 GLU B CG  1 
ATOM   621 C  CD  . GLU B 1 30 ? -7.744  5.089   2.397   1.00 55.62 ? 30 GLU B CD  1 
ATOM   622 O  OE1 . GLU B 1 30 ? -6.582  5.491   2.653   1.00 55.59 ? 30 GLU B OE1 1 
ATOM   623 O  OE2 . GLU B 1 30 ? -8.319  4.215   3.083   1.00 57.37 ? 30 GLU B OE2 1 
ATOM   624 N  N   . LEU B 1 31 ? -6.450  7.644   -2.428  1.00 45.45 ? 31 LEU B N   1 
ATOM   625 C  CA  . LEU B 1 31 ? -5.756  8.646   -3.237  1.00 45.43 ? 31 LEU B CA  1 
ATOM   626 C  C   . LEU B 1 31 ? -6.683  9.200   -4.315  1.00 45.09 ? 31 LEU B C   1 
ATOM   627 O  O   . LEU B 1 31 ? -6.762  10.427  -4.505  1.00 44.82 ? 31 LEU B O   1 
ATOM   628 C  CB  . LEU B 1 31 ? -4.515  8.061   -3.912  1.00 46.50 ? 31 LEU B CB  1 
ATOM   629 C  CG  . LEU B 1 31 ? -3.252  7.931   -3.064  1.00 46.93 ? 31 LEU B CG  1 
ATOM   630 C  CD1 . LEU B 1 31 ? -2.121  7.207   -3.840  1.00 50.07 ? 31 LEU B CD1 1 
ATOM   631 C  CD2 . LEU B 1 31 ? -2.793  9.307   -2.531  1.00 46.71 ? 31 LEU B CD2 1 
ATOM   632 N  N   . LEU B 1 32 ? -7.383  8.310   -5.016  1.00 43.30 ? 32 LEU B N   1 
ATOM   633 C  CA  . LEU B 1 32 ? -8.343  8.781   -6.013  1.00 43.93 ? 32 LEU B CA  1 
ATOM   634 C  C   . LEU B 1 32 ? -9.505  9.580   -5.373  1.00 43.68 ? 32 LEU B C   1 
ATOM   635 O  O   . LEU B 1 32 ? -9.932  10.594  -5.944  1.00 43.93 ? 32 LEU B O   1 
ATOM   636 C  CB  . LEU B 1 32 ? -8.820  7.649   -6.931  1.00 44.43 ? 32 LEU B CB  1 
ATOM   637 C  CG  . LEU B 1 32 ? -7.766  7.032   -7.887  1.00 46.63 ? 32 LEU B CG  1 
ATOM   638 C  CD1 . LEU B 1 32 ? -8.282  5.746   -8.580  1.00 49.75 ? 32 LEU B CD1 1 
ATOM   639 C  CD2 . LEU B 1 32 ? -7.288  8.006   -8.940  1.00 49.81 ? 32 LEU B CD2 1 
ATOM   640 N  N   . GLU B 1 33 ? -9.978  9.173   -4.192  1.00 43.56 ? 33 GLU B N   1 
ATOM   641 C  CA  . GLU B 1 33 ? -11.077 9.879   -3.517  1.00 43.74 ? 33 GLU B CA  1 
ATOM   642 C  C   . GLU B 1 33 ? -10.618 11.261  -3.019  1.00 43.37 ? 33 GLU B C   1 
ATOM   643 O  O   . GLU B 1 33 ? -11.390 12.242  -3.091  1.00 41.62 ? 33 GLU B O   1 
ATOM   644 C  CB  . GLU B 1 33 ? -11.627 9.071   -2.345  1.00 45.55 ? 33 GLU B CB  1 
ATOM   645 C  CG  . GLU B 1 33 ? -12.530 7.900   -2.715  1.00 50.83 ? 33 GLU B CG  1 
ATOM   646 C  CD  . GLU B 1 33 ? -13.203 7.262   -1.480  1.00 58.24 ? 33 GLU B CD  1 
ATOM   647 O  OE1 . GLU B 1 33 ? -13.127 7.859   -0.382  1.00 62.19 ? 33 GLU B OE1 1 
ATOM   648 O  OE2 . GLU B 1 33 ? -13.808 6.168   -1.598  1.00 61.02 ? 33 GLU B OE2 1 
ATOM   649 N  N   . LEU B 1 34 ? -9.363  11.323  -2.562  1.00 42.38 ? 34 LEU B N   1 
ATOM   650 C  CA  . LEU B 1 34 ? -8.672  12.588  -2.174  1.00 42.60 ? 34 LEU B CA  1 
ATOM   651 C  C   . LEU B 1 34 ? -8.573  13.527  -3.350  1.00 42.42 ? 34 LEU B C   1 
ATOM   652 O  O   . LEU B 1 34 ? -8.861  14.737  -3.273  1.00 42.32 ? 34 LEU B O   1 
ATOM   653 C  CB  . LEU B 1 34 ? -7.244  12.290  -1.636  1.00 43.55 ? 34 LEU B CB  1 
ATOM   654 C  CG  . LEU B 1 34 ? -6.264  13.478  -1.531  1.00 43.18 ? 34 LEU B CG  1 
ATOM   655 C  CD1 . LEU B 1 34 ? -6.685  14.407  -0.410  1.00 41.24 ? 34 LEU B CD1 1 
ATOM   656 C  CD2 . LEU B 1 34 ? -4.762  13.066  -1.363  1.00 41.04 ? 34 LEU B CD2 1 
ATOM   657 N  N   . ASP B 1 35 ? -8.153  13.012  -4.481  1.00 42.26 ? 35 ASP B N   1 
ATOM   658 C  CA  . ASP B 1 35 ? -7.954  13.963  -5.507  1.00 42.43 ? 35 ASP B CA  1 
ATOM   659 C  C   . ASP B 1 35 ? -9.294  14.463  -6.023  1.00 40.84 ? 35 ASP B C   1 
ATOM   660 O  O   . ASP B 1 35 ? -9.379  15.586  -6.508  1.00 40.68 ? 35 ASP B O   1 
ATOM   661 C  CB  . ASP B 1 35 ? -6.987  13.426  -6.501  1.00 45.54 ? 35 ASP B CB  1 
ATOM   662 C  CG  . ASP B 1 35 ? -5.634  13.178  -5.846  1.00 47.32 ? 35 ASP B CG  1 
ATOM   663 O  OD1 . ASP B 1 35 ? -5.414  13.643  -4.679  1.00 50.02 ? 35 ASP B OD1 1 
ATOM   664 O  OD2 . ASP B 1 35 ? -4.811  12.514  -6.488  1.00 54.10 ? 35 ASP B OD2 1 
ATOM   665 N  N   . LYS B 1 36 ? -10.342 13.661  -5.824  1.00 37.51 ? 36 LYS B N   1 
ATOM   666 C  CA  . LYS B 1 36 ? -11.685 14.089  -6.242  1.00 35.28 ? 36 LYS B CA  1 
ATOM   667 C  C   . LYS B 1 36 ? -12.181 15.211  -5.318  1.00 33.22 ? 36 LYS B C   1 
ATOM   668 O  O   . LYS B 1 36 ? -12.677 16.204  -5.848  1.00 31.07 ? 36 LYS B O   1 
ATOM   669 C  CB  . LYS B 1 36 ? -12.682 12.934  -6.287  1.00 36.00 ? 36 LYS B CB  1 
ATOM   670 C  CG  . LYS B 1 36 ? -12.542 12.050  -7.541  1.00 38.30 ? 36 LYS B CG  1 
ATOM   671 N  N   . TRP B 1 37 ? -12.119 15.041  -3.980  1.00 32.26 ? 37 TRP B N   1 
ATOM   672 C  CA  . TRP B 1 37 ? -12.514 16.157  -3.027  1.00 30.11 ? 37 TRP B CA  1 
ATOM   673 C  C   . TRP B 1 37 ? -11.737 17.412  -3.252  1.00 28.62 ? 37 TRP B C   1 
ATOM   674 O  O   . TRP B 1 37 ? -12.326 18.490  -3.295  1.00 26.76 ? 37 TRP B O   1 
ATOM   675 C  CB  . TRP B 1 37 ? -12.521 15.811  -1.459  1.00 32.94 ? 37 TRP B CB  1 
ATOM   676 C  CG  . TRP B 1 37 ? -13.046 17.042  -0.574  1.00 34.12 ? 37 TRP B CG  1 
ATOM   677 C  CD1 . TRP B 1 37 ? -12.339 17.762  0.405   1.00 36.13 ? 37 TRP B CD1 1 
ATOM   678 C  CD2 . TRP B 1 37 ? -14.330 17.717  -0.683  1.00 33.71 ? 37 TRP B CD2 1 
ATOM   679 N  NE1 . TRP B 1 37 ? -13.109 18.806  0.879   1.00 36.13 ? 37 TRP B NE1 1 
ATOM   680 C  CE2 . TRP B 1 37 ? -14.327 18.801  0.235   1.00 34.36 ? 37 TRP B CE2 1 
ATOM   681 C  CE3 . TRP B 1 37 ? -15.481 17.516  -1.490  1.00 33.67 ? 37 TRP B CE3 1 
ATOM   682 C  CZ2 . TRP B 1 37 ? -15.405 19.678  0.353   1.00 32.97 ? 37 TRP B CZ2 1 
ATOM   683 C  CZ3 . TRP B 1 37 ? -16.580 18.386  -1.319  1.00 32.65 ? 37 TRP B CZ3 1 
ATOM   684 C  CH2 . TRP B 1 37 ? -16.534 19.425  -0.396  1.00 35.55 ? 37 TRP B CH2 1 
ATOM   685 N  N   . ALA B 1 38 ? -10.413 17.309  -3.400  1.00 27.63 ? 38 ALA B N   1 
ATOM   686 C  CA  . ALA B 1 38 ? -9.566  18.481  -3.624  1.00 28.15 ? 38 ALA B CA  1 
ATOM   687 C  C   . ALA B 1 38 ? -10.026 19.216  -4.875  1.00 26.82 ? 38 ALA B C   1 
ATOM   688 O  O   . ALA B 1 38 ? -10.034 20.443  -4.924  1.00 25.82 ? 38 ALA B O   1 
ATOM   689 C  CB  . ALA B 1 38 ? -8.076  18.027  -3.793  1.00 30.35 ? 38 ALA B CB  1 
ATOM   690 N  N   . SER B 1 39 ? -10.395 18.440  -5.900  1.00 24.81 ? 39 SER B N   1 
ATOM   691 C  CA  . SER B 1 39 ? -10.810 18.979  -7.195  1.00 24.74 ? 39 SER B CA  1 
ATOM   692 C  C   . SER B 1 39 ? -12.111 19.740  -7.003  1.00 22.35 ? 39 SER B C   1 
ATOM   693 O  O   . SER B 1 39 ? -12.293 20.830  -7.587  1.00 20.39 ? 39 SER B O   1 
ATOM   694 C  CB  . SER B 1 39 ? -11.042 17.882  -8.233  1.00 26.97 ? 39 SER B CB  1 
ATOM   695 O  OG  . SER B 1 39 ? -9.764  17.290  -8.530  1.00 34.28 ? 39 SER B OG  1 
ATOM   696 N  N   . LEU B 1 40 ? -12.995 19.157  -6.196  1.00 21.70 ? 40 LEU B N   1 
ATOM   697 C  CA  . LEU B 1 40 ? -14.300 19.897  -5.969  1.00 19.63 ? 40 LEU B CA  1 
ATOM   698 C  C   . LEU B 1 40 ? -14.091 21.171  -5.132  1.00 21.31 ? 40 LEU B C   1 
ATOM   699 O  O   . LEU B 1 40 ? -14.728 22.231  -5.363  1.00 20.52 ? 40 LEU B O   1 
ATOM   700 C  CB  . LEU B 1 40 ? -15.363 18.980  -5.296  1.00 20.17 ? 40 LEU B CB  1 
ATOM   701 C  CG  . LEU B 1 40 ? -15.737 17.788  -6.154  1.00 21.27 ? 40 LEU B CG  1 
ATOM   702 C  CD1 . LEU B 1 40 ? -16.659 16.858  -5.380  1.00 25.28 ? 40 LEU B CD1 1 
ATOM   703 C  CD2 . LEU B 1 40 ? -16.488 18.328  -7.402  1.00 23.69 ? 40 LEU B CD2 1 
ATOM   704 N  N   . TRP B 1 41 ? -13.240 21.083  -4.101  1.00 18.91 ? 41 TRP B N   1 
ATOM   705 C  CA  . TRP B 1 41 ? -12.899 22.265  -3.285  1.00 20.62 ? 41 TRP B CA  1 
ATOM   706 C  C   . TRP B 1 41 ? -12.246 23.357  -4.158  1.00 20.66 ? 41 TRP B C   1 
ATOM   707 O  O   . TRP B 1 41 ? -12.600 24.537  -4.059  1.00 18.92 ? 41 TRP B O   1 
ATOM   708 C  CB  . TRP B 1 41 ? -11.984 21.791  -2.120  1.00 22.36 ? 41 TRP B CB  1 
ATOM   709 C  CG  . TRP B 1 41 ? -11.640 22.819  -1.008  1.00 23.46 ? 41 TRP B CG  1 
ATOM   710 C  CD1 . TRP B 1 41 ? -11.963 24.154  -0.918  1.00 25.29 ? 41 TRP B CD1 1 
ATOM   711 C  CD2 . TRP B 1 41 ? -10.814 22.537  0.150   1.00 26.26 ? 41 TRP B CD2 1 
ATOM   712 N  NE1 . TRP B 1 41 ? -11.437 24.696  0.241   1.00 25.83 ? 41 TRP B NE1 1 
ATOM   713 C  CE2 . TRP B 1 41 ? -10.707 23.737  0.901   1.00 27.40 ? 41 TRP B CE2 1 
ATOM   714 C  CE3 . TRP B 1 41 ? -10.140 21.388  0.604   1.00 26.29 ? 41 TRP B CE3 1 
ATOM   715 C  CZ2 . TRP B 1 41 ? -9.960  23.810  2.095   1.00 27.09 ? 41 TRP B CZ2 1 
ATOM   716 C  CZ3 . TRP B 1 41 ? -9.456  21.449  1.808   1.00 26.30 ? 41 TRP B CZ3 1 
ATOM   717 C  CH2 . TRP B 1 41 ? -9.346  22.649  2.531   1.00 26.39 ? 41 TRP B CH2 1 
ATOM   718 N  N   . ASN B 1 42 ? -11.320 22.961  -5.040  1.00 19.38 ? 42 ASN B N   1 
ATOM   719 C  CA  . ASN B 1 42 ? -10.731 23.914  -5.948  1.00 20.45 ? 42 ASN B CA  1 
ATOM   720 C  C   . ASN B 1 42 ? -11.779 24.539  -6.864  1.00 18.39 ? 42 ASN B C   1 
ATOM   721 O  O   . ASN B 1 42 ? -11.759 25.746  -7.068  1.00 19.83 ? 42 ASN B O   1 
ATOM   722 C  CB  . ASN B 1 42 ? -9.685  23.196  -6.776  1.00 21.63 ? 42 ASN B CB  1 
ATOM   723 C  CG  . ASN B 1 42 ? -8.907  24.130  -7.674  1.00 23.11 ? 42 ASN B CG  1 
ATOM   724 O  OD1 . ASN B 1 42 ? -8.269  25.130  -7.251  1.00 26.62 ? 42 ASN B OD1 1 
ATOM   725 N  ND2 . ASN B 1 42 ? -9.032  23.881  -8.930  1.00 26.59 ? 42 ASN B ND2 1 
ATOM   726 N  N   . TRP B 1 43 ? -12.678 23.695  -7.399  1.00 18.74 ? 43 TRP B N   1 
ATOM   727 C  CA  . TRP B 1 43 ? -13.774 24.215  -8.222  1.00 17.18 ? 43 TRP B CA  1 
ATOM   728 C  C   . TRP B 1 43 ? -14.555 25.275  -7.425  1.00 16.98 ? 43 TRP B C   1 
ATOM   729 O  O   . TRP B 1 43 ? -14.907 26.345  -7.959  1.00 17.49 ? 43 TRP B O   1 
ATOM   730 C  CB  . TRP B 1 43 ? -14.700 23.055  -8.682  1.00 17.58 ? 43 TRP B CB  1 
ATOM   731 C  CG  . TRP B 1 43 ? -15.979 23.608  -9.318  1.00 17.34 ? 43 TRP B CG  1 
ATOM   732 C  CD1 . TRP B 1 43 ? -16.145 23.953  -10.638 1.00 16.81 ? 43 TRP B CD1 1 
ATOM   733 C  CD2 . TRP B 1 43 ? -17.210 23.897  -8.648  1.00 18.62 ? 43 TRP B CD2 1 
ATOM   734 N  NE1 . TRP B 1 43 ? -17.425 24.434  -10.811 1.00 16.80 ? 43 TRP B NE1 1 
ATOM   735 C  CE2 . TRP B 1 43 ? -18.085 24.399  -9.606  1.00 17.50 ? 43 TRP B CE2 1 
ATOM   736 C  CE3 . TRP B 1 43 ? -17.659 23.713  -7.308  1.00 19.05 ? 43 TRP B CE3 1 
ATOM   737 C  CZ2 . TRP B 1 43 ? -19.394 24.782  -9.306  1.00 17.05 ? 43 TRP B CZ2 1 
ATOM   738 C  CZ3 . TRP B 1 43 ? -18.964 24.104  -7.022  1.00 17.98 ? 43 TRP B CZ3 1 
ATOM   739 C  CH2 . TRP B 1 43 ? -19.793 24.637  -7.995  1.00 17.66 ? 43 TRP B CH2 1 
ATOM   740 N  N   . PHE B 1 44 ? -14.895 24.947  -6.186  1.00 17.17 ? 44 PHE B N   1 
ATOM   741 C  CA  . PHE B 1 44 ? -15.642 25.914  -5.405  1.00 17.91 ? 44 PHE B CA  1 
ATOM   742 C  C   . PHE B 1 44 ? -14.912 27.256  -5.227  1.00 18.22 ? 44 PHE B C   1 
ATOM   743 O  O   . PHE B 1 44 ? -15.507 28.340  -5.407  1.00 17.88 ? 44 PHE B O   1 
ATOM   744 C  CB  . PHE B 1 44 ? -15.946 25.299  -4.038  1.00 17.98 ? 44 PHE B CB  1 
ATOM   745 C  CG  . PHE B 1 44 ? -16.605 26.294  -3.125  1.00 17.78 ? 44 PHE B CG  1 
ATOM   746 C  CD1 . PHE B 1 44 ? -17.946 26.624  -3.328  1.00 21.34 ? 44 PHE B CD1 1 
ATOM   747 C  CD2 . PHE B 1 44 ? -15.881 26.904  -2.104  1.00 23.06 ? 44 PHE B CD2 1 
ATOM   748 C  CE1 . PHE B 1 44 ? -18.578 27.568  -2.466  1.00 24.91 ? 44 PHE B CE1 1 
ATOM   749 C  CE2 . PHE B 1 44 ? -16.518 27.829  -1.270  1.00 24.85 ? 44 PHE B CE2 1 
ATOM   750 C  CZ  . PHE B 1 44 ? -17.842 28.145  -1.493  1.00 25.55 ? 44 PHE B CZ  1 
ATOM   751 N  N   . ASN B 1 45 ? -13.600 27.176  -4.937  1.00 19.17 ? 45 ASN B N   1 
ATOM   752 C  CA  . ASN B 1 45 ? -12.839 28.413  -4.760  1.00 20.71 ? 45 ASN B CA  1 
ATOM   753 C  C   . ASN B 1 45 ? -12.764 29.284  -6.011  1.00 19.26 ? 45 ASN B C   1 
ATOM   754 O  O   . ASN B 1 45 ? -13.000 30.492  -5.953  1.00 21.15 ? 45 ASN B O   1 
ATOM   755 C  CB  . ASN B 1 45 ? -11.434 28.040  -4.367  1.00 21.56 ? 45 ASN B CB  1 
ATOM   756 C  CG  . ASN B 1 45 ? -11.327 27.639  -2.924  1.00 25.00 ? 45 ASN B CG  1 
ATOM   757 O  OD1 . ASN B 1 45 ? -12.214 27.872  -2.112  1.00 26.58 ? 45 ASN B OD1 1 
ATOM   758 N  ND2 . ASN B 1 45 ? -10.186 27.046  -2.596  1.00 29.22 ? 45 ASN B ND2 1 
ATOM   759 N  N   . ILE B 1 46 ? -12.536 28.607  -7.157  1.00 19.71 ? 46 ILE B N   1 
ATOM   760 C  CA  . ILE B 1 46 ? -12.470 29.297  -8.473  1.00 19.20 ? 46 ILE B CA  1 
ATOM   761 C  C   . ILE B 1 46 ? -13.853 29.915  -8.776  1.00 17.53 ? 46 ILE B C   1 
ATOM   762 O  O   . ILE B 1 46 ? -13.942 31.050  -9.210  1.00 20.37 ? 46 ILE B O   1 
ATOM   763 C  CB  . ILE B 1 46 ? -12.068 28.379  -9.593  1.00 21.97 ? 46 ILE B CB  1 
ATOM   764 C  CG1 . ILE B 1 46 ? -10.630 27.875  -9.354  1.00 24.42 ? 46 ILE B CG1 1 
ATOM   765 C  CG2 . ILE B 1 46 ? -12.239 29.140  -10.913 1.00 23.93 ? 46 ILE B CG2 1 
ATOM   766 C  CD1 . ILE B 1 46 ? -10.198 26.757  -10.364 1.00 29.34 ? 46 ILE B CD1 1 
ATOM   767 N  N   . THR B 1 47 ? -14.932 29.134  -8.537  1.00 17.26 ? 47 THR B N   1 
ATOM   768 C  CA  . THR B 1 47 ? -16.244 29.600  -8.929  1.00 17.49 ? 47 THR B CA  1 
ATOM   769 C  C   . THR B 1 47 ? -16.631 30.800  -8.052  1.00 19.70 ? 47 THR B C   1 
ATOM   770 O  O   . THR B 1 47 ? -17.181 31.805  -8.539  1.00 21.85 ? 47 THR B O   1 
ATOM   771 C  CB  . THR B 1 47 ? -17.251 28.474  -8.789  1.00 17.59 ? 47 THR B CB  1 
ATOM   772 O  OG1 . THR B 1 47 ? -16.824 27.412  -9.647  1.00 16.42 ? 47 THR B OG1 1 
ATOM   773 C  CG2 . THR B 1 47 ? -18.611 28.983  -9.221  1.00 19.11 ? 47 THR B CG2 1 
ATOM   774 N  N   . ASN B 1 48 ? -16.320 30.699  -6.750  1.00 21.04 ? 48 ASN B N   1 
ATOM   775 C  CA  . ASN B 1 48 ? -16.588 31.780  -5.809  1.00 24.75 ? 48 ASN B CA  1 
ATOM   776 C  C   . ASN B 1 48 ? -15.790 33.013  -6.237  1.00 25.25 ? 48 ASN B C   1 
ATOM   777 O  O   . ASN B 1 48 ? -16.318 34.141  -6.229  1.00 29.15 ? 48 ASN B O   1 
ATOM   778 C  CB  . ASN B 1 48 ? -16.153 31.230  -4.425  1.00 25.10 ? 48 ASN B CB  1 
ATOM   779 C  CG  . ASN B 1 48 ? -16.891 31.782  -3.240  1.00 29.86 ? 48 ASN B CG  1 
ATOM   780 O  OD1 . ASN B 1 48 ? -16.309 31.725  -2.116  1.00 39.09 ? 48 ASN B OD1 1 
ATOM   781 N  ND2 . ASN B 1 48 ? -18.111 32.214  -3.388  1.00 23.26 ? 48 ASN B ND2 1 
ATOM   782 N  N   . TRP B 1 49 ? -14.554 32.848  -6.690  1.00 25.31 ? 49 TRP B N   1 
ATOM   783 C  CA  . TRP B 1 49 ? -13.748 33.967  -7.207  1.00 26.53 ? 49 TRP B CA  1 
ATOM   784 C  C   . TRP B 1 49 ? -14.300 34.613  -8.487  1.00 27.82 ? 49 TRP B C   1 
ATOM   785 O  O   . TRP B 1 49 ? -14.428 35.835  -8.591  1.00 29.80 ? 49 TRP B O   1 
ATOM   786 C  CB  . TRP B 1 49 ? -12.300 33.469  -7.402  1.00 27.82 ? 49 TRP B CB  1 
ATOM   787 C  CG  . TRP B 1 49 ? -11.338 34.494  -7.922  1.00 26.68 ? 49 TRP B CG  1 
ATOM   788 C  CD1 . TRP B 1 49 ? -10.596 35.403  -7.141  1.00 30.89 ? 49 TRP B CD1 1 
ATOM   789 C  CD2 . TRP B 1 49 ? -11.000 34.771  -9.282  1.00 27.13 ? 49 TRP B CD2 1 
ATOM   790 N  NE1 . TRP B 1 49 ? -9.813  36.181  -7.967  1.00 30.47 ? 49 TRP B NE1 1 
ATOM   791 C  CE2 . TRP B 1 49 ? -10.031 35.817  -9.274  1.00 31.87 ? 49 TRP B CE2 1 
ATOM   792 C  CE3 . TRP B 1 49 ? -11.373 34.213  -10.525 1.00 32.14 ? 49 TRP B CE3 1 
ATOM   793 C  CZ2 . TRP B 1 49 ? -9.474  36.326  -10.449 1.00 33.52 ? 49 TRP B CZ2 1 
ATOM   794 C  CZ3 . TRP B 1 49 ? -10.785 34.718  -11.692 1.00 35.21 ? 49 TRP B CZ3 1 
ATOM   795 C  CH2 . TRP B 1 49 ? -9.855  35.767  -11.638 1.00 36.24 ? 49 TRP B CH2 1 
ATOM   796 N  N   . LEU B 1 50 ? -14.705 33.798  -9.463  1.00 26.80 ? 50 LEU B N   1 
ATOM   797 C  CA  . LEU B 1 50 ? -15.301 34.276  -10.709 1.00 30.49 ? 50 LEU B CA  1 
ATOM   798 C  C   . LEU B 1 50 ? -16.571 35.079  -10.431 1.00 33.28 ? 50 LEU B C   1 
ATOM   799 O  O   . LEU B 1 50 ? -16.830 36.077  -11.112 1.00 36.31 ? 50 LEU B O   1 
ATOM   800 C  CB  . LEU B 1 50 ? -15.604 33.064  -11.608 1.00 28.31 ? 50 LEU B CB  1 
ATOM   801 C  CG  . LEU B 1 50 ? -14.363 32.431  -12.232 1.00 31.12 ? 50 LEU B CG  1 
ATOM   802 C  CD1 . LEU B 1 50 ? -14.869 31.162  -12.924 1.00 32.68 ? 50 LEU B CD1 1 
ATOM   803 C  CD2 . LEU B 1 50 ? -13.640 33.334  -13.276 1.00 32.25 ? 50 LEU B CD2 1 
ATOM   804 N  N   . TRP B 1 51 ? -17.334 34.681  -9.433  1.00 34.58 ? 51 TRP B N   1 
ATOM   805 C  CA  . TRP B 1 51 ? -18.644 35.293  -9.160  1.00 38.56 ? 51 TRP B CA  1 
ATOM   806 C  C   . TRP B 1 51 ? -18.580 36.400  -8.123  1.00 40.06 ? 51 TRP B C   1 
ATOM   807 O  O   . TRP B 1 51 ? -19.547 37.169  -7.969  1.00 39.99 ? 51 TRP B O   1 
ATOM   808 C  CB  . TRP B 1 51 ? -19.690 34.245  -8.796  1.00 40.69 ? 51 TRP B CB  1 
ATOM   809 C  CG  . TRP B 1 51 ? -20.553 33.793  -10.003 1.00 44.04 ? 51 TRP B CG  1 
ATOM   810 C  CD1 . TRP B 1 51 ? -21.854 34.128  -10.228 1.00 45.76 ? 51 TRP B CD1 1 
ATOM   811 C  CD2 . TRP B 1 51 ? -20.162 32.950  -11.123 1.00 44.58 ? 51 TRP B CD2 1 
ATOM   812 N  NE1 . TRP B 1 51 ? -22.306 33.551  -11.396 1.00 46.78 ? 51 TRP B NE1 1 
ATOM   813 C  CE2 . TRP B 1 51 ? -21.288 32.841  -11.975 1.00 46.49 ? 51 TRP B CE2 1 
ATOM   814 C  CE3 . TRP B 1 51 ? -18.977 32.296  -11.488 1.00 43.84 ? 51 TRP B CE3 1 
ATOM   815 C  CZ2 . TRP B 1 51 ? -21.269 32.096  -13.162 1.00 44.45 ? 51 TRP B CZ2 1 
ATOM   816 C  CZ3 . TRP B 1 51 ? -18.962 31.535  -12.671 1.00 43.14 ? 51 TRP B CZ3 1 
ATOM   817 C  CH2 . TRP B 1 51 ? -20.106 31.451  -13.492 1.00 45.03 ? 51 TRP B CH2 1 
ATOM   818 N  N   . TYR B 1 52 ? -17.427 36.519  -7.459  1.00 41.18 ? 52 TYR B N   1 
ATOM   819 C  CA  . TYR B 1 52 ? -17.207 37.576  -6.427  1.00 42.84 ? 52 TYR B CA  1 
ATOM   820 C  C   . TYR B 1 52 ? -17.317 38.973  -7.004  1.00 44.29 ? 52 TYR B C   1 
ATOM   821 O  O   . TYR B 1 52 ? -17.947 39.833  -6.359  1.00 45.16 ? 52 TYR B O   1 
ATOM   822 C  CB  . TYR B 1 52 ? -15.869 37.430  -5.702  1.00 43.75 ? 52 TYR B CB  1 
ATOM   823 C  CG  . TYR B 1 52 ? -15.643 38.468  -4.599  1.00 43.62 ? 52 TYR B CG  1 
ATOM   824 C  CD1 . TYR B 1 52 ? -16.372 38.421  -3.396  1.00 46.08 ? 52 TYR B CD1 1 
ATOM   825 C  CD2 . TYR B 1 52 ? -14.698 39.491  -4.755  1.00 44.89 ? 52 TYR B CD2 1 
ATOM   826 C  CE1 . TYR B 1 52 ? -16.164 39.361  -2.378  1.00 49.11 ? 52 TYR B CE1 1 
ATOM   827 C  CE2 . TYR B 1 52 ? -14.491 40.447  -3.736  1.00 46.22 ? 52 TYR B CE2 1 
ATOM   828 C  CZ  . TYR B 1 52 ? -15.228 40.369  -2.556  1.00 48.69 ? 52 TYR B CZ  1 
ATOM   829 O  OH  . TYR B 1 52 ? -15.023 41.314  -1.553  1.00 49.51 ? 52 TYR B OH  1 
HETATM 830 C  C19 . JEF C 2 .  ? 10.294  -21.490 9.516   1.00 41.45 ? 55 JEF A C19 1 
HETATM 831 C  C20 . JEF C 2 .  ? 11.481  -22.184 10.147  1.00 41.80 ? 55 JEF A C20 1 
HETATM 832 O  O   . JEF C 2 .  ? 12.440  -21.298 10.701  1.00 42.03 ? 55 JEF A O   1 
HETATM 833 C  C   . JEF C 2 .  ? 12.857  -21.731 11.982  1.00 42.40 ? 55 JEF A C   1 
HETATM 834 C  C18 . JEF C 2 .  ? 12.910  -23.247 12.060  1.00 42.71 ? 55 JEF A C18 1 
HETATM 835 C  C17 . JEF C 2 .  ? 14.103  -21.018 12.536  1.00 43.17 ? 55 JEF A C17 1 
HETATM 836 O  OH  . JEF C 2 .  ? 14.410  -19.879 11.750  1.00 41.27 ? 55 JEF A OH  1 
HETATM 837 C  C2  . JEF C 2 .  ? 15.022  -18.789 12.462  1.00 42.35 ? 55 JEF A C2  1 
HETATM 838 C  C1  . JEF C 2 .  ? 16.254  -19.416 13.129  1.00 39.65 ? 55 JEF A C1  1 
HETATM 839 C  C3  . JEF C 2 .  ? 15.302  -17.644 11.453  1.00 42.62 ? 55 JEF A C3  1 
HETATM 840 O  O2  . JEF C 2 .  ? 15.210  -16.324 12.053  1.00 46.17 ? 55 JEF A O2  1 
HETATM 841 C  C5  . JEF C 2 .  ? 14.940  -15.115 11.324  1.00 39.61 ? 55 JEF A C5  1 
HETATM 842 C  C6  . JEF C 2 .  ? 13.647  -15.262 10.515  1.00 46.27 ? 55 JEF A C6  1 
HETATM 843 C  C4  . JEF C 2 .  ? 16.163  -14.671 10.499  1.00 45.15 ? 55 JEF A C4  1 
HETATM 844 O  O3  . JEF C 2 .  ? 17.365  -14.640 11.289  1.00 43.08 ? 55 JEF A O3  1 
HETATM 845 C  C7  . JEF C 2 .  ? 18.562  -14.271 10.646  1.00 42.14 ? 55 JEF A C7  1 
HETATM 846 C  C9  . JEF C 2 .  ? 18.266  -13.078 9.763   1.00 50.82 ? 55 JEF A C9  1 
HETATM 847 C  C8  . JEF C 2 .  ? 19.576  -13.802 11.672  1.00 43.32 ? 55 JEF A C8  1 
HETATM 848 O  O4  . JEF C 2 .  ? 20.266  -14.903 12.241  1.00 40.65 ? 55 JEF A O4  1 
HETATM 849 C  C11 . JEF C 2 .  ? 21.099  -14.481 13.346  1.00 38.71 ? 55 JEF A C11 1 
HETATM 850 C  C12 . JEF C 2 .  ? 20.162  -13.637 14.193  1.00 43.81 ? 55 JEF A C12 1 
HETATM 851 O  OH  . JEF D 2 .  ? 25.064  -28.302 0.644   1.00 67.68 ? 56 JEF A OH  1 
HETATM 852 C  C2  . JEF D 2 .  ? 25.639  -27.268 -0.150  1.00 67.60 ? 56 JEF A C2  1 
HETATM 853 C  C1  . JEF D 2 .  ? 25.725  -27.755 -1.592  1.00 67.91 ? 56 JEF A C1  1 
HETATM 854 C  C3  . JEF D 2 .  ? 24.880  -25.932 -0.052  1.00 67.66 ? 56 JEF A C3  1 
HETATM 855 O  O2  . JEF D 2 .  ? 23.501  -26.003 0.361   1.00 66.93 ? 56 JEF A O2  1 
HETATM 856 C  C5  . JEF D 2 .  ? 23.050  -24.712 0.801   1.00 65.20 ? 56 JEF A C5  1 
HETATM 857 C  C6  . JEF D 2 .  ? 22.750  -24.726 2.289   1.00 64.76 ? 56 JEF A C6  1 
HETATM 858 C  C4  . JEF D 2 .  ? 21.845  -24.207 0.017   1.00 65.44 ? 56 JEF A C4  1 
HETATM 859 O  O3  . JEF D 2 .  ? 20.630  -24.872 0.367   1.00 66.15 ? 56 JEF A O3  1 
HETATM 860 C  C7  . JEF D 2 .  ? 19.424  -24.090 0.248   1.00 66.26 ? 56 JEF A C7  1 
HETATM 861 C  C9  . JEF D 2 .  ? 19.709  -22.616 -0.061  1.00 67.65 ? 56 JEF A C9  1 
HETATM 862 C  C8  . JEF D 2 .  ? 18.465  -24.705 -0.769  1.00 66.79 ? 56 JEF A C8  1 
HETATM 863 O  O4  . JEF D 2 .  ? 17.603  -23.739 -1.390  1.00 68.04 ? 56 JEF A O4  1 
HETATM 864 C  C11 . JEF D 2 .  ? 16.255  -24.216 -1.457  1.00 67.49 ? 56 JEF A C11 1 
HETATM 865 C  C12 . JEF D 2 .  ? 15.382  -23.301 -2.287  1.00 67.55 ? 56 JEF A C12 1 
HETATM 866 NA NA  . NA  E 3 .  ? -6.167  22.736  -11.529 1.00 72.37 ? 57 NA  A NA  1 
HETATM 867 O  O   . HOH F 4 .  ? 14.363  -9.203  7.436   1.00 29.46 ? 58 HOH A O   1 
HETATM 868 O  O   . HOH F 4 .  ? 12.556  -33.914 8.330   1.00 32.75 ? 59 HOH A O   1 
HETATM 869 O  O   . HOH F 4 .  ? -8.205  26.858  -4.869  1.00 37.50 ? 60 HOH A O   1 
HETATM 870 O  O   . HOH F 4 .  ? 15.086  -20.368 -0.546  1.00 31.68 ? 61 HOH A O   1 
HETATM 871 O  O   . HOH F 4 .  ? 12.038  -26.037 -0.986  1.00 31.49 ? 62 HOH A O   1 
HETATM 872 O  O   . HOH F 4 .  ? 12.901  -28.704 -1.511  1.00 25.58 ? 63 HOH A O   1 
HETATM 873 O  O   . HOH F 4 .  ? 17.283  -38.236 8.846   1.00 39.22 ? 64 HOH A O   1 
HETATM 874 O  O   . HOH F 4 .  ? 6.868   -40.965 7.042   1.00 51.93 ? 65 HOH A O   1 
HETATM 875 O  O   . HOH F 4 .  ? 9.035   -27.806 6.179   1.00 48.52 ? 66 HOH A O   1 
HETATM 876 O  O   . HOH F 4 .  ? 10.929  -5.316  3.809   1.00 38.70 ? 67 HOH A O   1 
HETATM 877 O  O   . HOH F 4 .  ? 0.339   19.908  4.963   1.00 37.15 ? 68 HOH A O   1 
HETATM 878 O  O   . HOH F 4 .  ? 10.781  -19.738 -2.531  1.00 46.71 ? 69 HOH A O   1 
HETATM 879 O  O   . HOH F 4 .  ? 15.459  -35.495 12.935  1.00 47.89 ? 70 HOH A O   1 
HETATM 880 O  O   . HOH F 4 .  ? 7.843   -28.129 -0.858  1.00 39.12 ? 71 HOH A O   1 
HETATM 881 O  O   . HOH F 4 .  ? 11.745  -9.631  -1.293  1.00 45.01 ? 72 HOH A O   1 
HETATM 882 O  O   . HOH F 4 .  ? -10.519 28.183  5.250   1.00 51.81 ? 73 HOH A O   1 
HETATM 883 O  O   . HOH F 4 .  ? 19.049  -35.245 11.149  1.00 28.65 ? 74 HOH A O   1 
HETATM 884 O  O   . HOH F 4 .  ? 9.455   -25.645 -0.662  1.00 45.80 ? 75 HOH A O   1 
HETATM 885 O  O   . HOH F 4 .  ? -4.017  24.819  6.212   1.00 51.48 ? 76 HOH A O   1 
HETATM 886 O  O   . HOH F 4 .  ? 12.470  -37.414 10.941  1.00 61.87 ? 77 HOH A O   1 
HETATM 887 O  O   . HOH F 4 .  ? 9.761   -22.571 -3.866  1.00 56.00 ? 78 HOH A O   1 
HETATM 888 O  O   . HOH F 4 .  ? 18.478  -45.730 6.610   1.00 37.76 ? 79 HOH A O   1 
HETATM 889 O  O   . HOH F 4 .  ? 16.076  -46.087 6.401   1.00 40.67 ? 80 HOH A O   1 
HETATM 890 O  O   . HOH F 4 .  ? 9.767   -15.553 -2.340  1.00 46.47 ? 81 HOH A O   1 
HETATM 891 O  O   . HOH F 4 .  ? 5.527   -38.284 7.374   1.00 57.08 ? 82 HOH A O   1 
HETATM 892 O  O   . HOH F 4 .  ? 7.675   -21.251 0.464   1.00 41.60 ? 83 HOH A O   1 
HETATM 893 O  O   . HOH F 4 .  ? 15.852  -48.543 7.028   1.00 52.74 ? 84 HOH A O   1 
HETATM 894 O  O   . HOH F 4 .  ? 16.326  -49.354 1.820   1.00 50.20 ? 85 HOH A O   1 
HETATM 895 O  O   . HOH F 4 .  ? 8.620   3.212   3.499   1.00 56.30 ? 86 HOH A O   1 
HETATM 896 O  O   . HOH F 4 .  ? 5.279   10.142  2.880   1.00 58.61 ? 87 HOH A O   1 
HETATM 897 O  O   . HOH F 4 .  ? 18.943  -21.220 -2.958  1.00 56.14 ? 88 HOH A O   1 
HETATM 898 O  O   . HOH F 4 .  ? 21.273  -21.794 -2.216  1.00 66.07 ? 89 HOH A O   1 
HETATM 899 O  O   . HOH F 4 .  ? 15.305  -9.784  -3.668  1.00 70.16 ? 90 HOH A O   1 
HETATM 900 O  O   . HOH F 4 .  ? -9.688  11.913  1.429   1.00 65.78 ? 91 HOH A O   1 
HETATM 901 O  O   . HOH F 4 .  ? 9.347   -27.985 10.423  1.00 54.29 ? 92 HOH A O   1 
HETATM 902 O  O   . HOH F 4 .  ? 14.208  -37.899 12.667  1.00 66.84 ? 93 HOH A O   1 
HETATM 903 O  O   . HOH G 4 .  ? -10.767 21.631  -9.754  1.00 23.85 ? 55 HOH B O   1 
HETATM 904 O  O   . HOH G 4 .  ? -20.235 32.113  -1.815  1.00 38.29 ? 56 HOH B O   1 
HETATM 905 O  O   . HOH G 4 .  ? 1.994   -11.690 -5.157  1.00 49.56 ? 57 HOH B O   1 
HETATM 906 O  O   . HOH G 4 .  ? -7.011  27.208  -8.237  1.00 55.06 ? 58 HOH B O   1 
HETATM 907 O  O   . HOH G 4 .  ? -13.851 30.664  -1.472  1.00 40.81 ? 59 HOH B O   1 
HETATM 908 O  O   . HOH G 4 .  ? -18.215 35.177  -4.085  1.00 59.44 ? 60 HOH B O   1 
HETATM 909 O  O   . HOH G 4 .  ? -7.360  24.746  -11.266 1.00 37.82 ? 61 HOH B O   1 
HETATM 910 O  O   . HOH G 4 .  ? -2.199  -4.294  -5.128  1.00 49.28 ? 62 HOH B O   1 
HETATM 911 O  O   . HOH G 4 .  ? -15.070 43.510  -5.138  1.00 64.32 ? 63 HOH B O   1 
HETATM 912 O  O   . HOH G 4 .  ? -19.253 37.300  -13.256 1.00 60.79 ? 64 HOH B O   1 
HETATM 913 O  O   . HOH G 4 .  ? 3.527   -21.189 3.552   1.00 60.60 ? 65 HOH B O   1 
# 
loop_
_atom_site_anisotrop.id 
_atom_site_anisotrop.type_symbol 
_atom_site_anisotrop.pdbx_label_atom_id 
_atom_site_anisotrop.pdbx_label_alt_id 
_atom_site_anisotrop.pdbx_label_comp_id 
_atom_site_anisotrop.pdbx_label_asym_id 
_atom_site_anisotrop.pdbx_label_seq_id 
_atom_site_anisotrop.pdbx_PDB_ins_code 
_atom_site_anisotrop.U[1][1] 
_atom_site_anisotrop.U[2][2] 
_atom_site_anisotrop.U[3][3] 
_atom_site_anisotrop.U[1][2] 
_atom_site_anisotrop.U[1][3] 
_atom_site_anisotrop.U[2][3] 
_atom_site_anisotrop.pdbx_auth_seq_id 
_atom_site_anisotrop.pdbx_auth_comp_id 
_atom_site_anisotrop.pdbx_auth_asym_id 
_atom_site_anisotrop.pdbx_auth_atom_id 
1   N N   . TRP A 2  ? 0.8014 0.6507 0.7259 0.1125  -0.0996 -0.0049 2  TRP A N   
2   C CA  . TRP A 2  ? 0.7525 0.6388 0.7249 0.1000  -0.1108 -0.0105 2  TRP A CA  
3   C C   . TRP A 2  ? 0.7053 0.6241 0.7123 0.0897  -0.0943 -0.0078 2  TRP A C   
4   O O   . TRP A 2  ? 0.6978 0.6189 0.7017 0.0887  -0.0746 -0.0024 2  TRP A O   
5   C CB  . TRP A 2  ? 0.7584 0.6556 0.7429 0.0943  -0.1164 -0.0134 2  TRP A CB  
6   C CG  . TRP A 2  ? 0.7965 0.6649 0.7555 0.1035  -0.1383 -0.0184 2  TRP A CG  
7   C CD1 . TRP A 2  ? 0.8771 0.7071 0.7978 0.1177  -0.1535 -0.0205 2  TRP A CD1 
8   C CD2 . TRP A 2  ? 0.8067 0.6794 0.7750 0.1003  -0.1486 -0.0222 2  TRP A CD2 
9   N NE1 . TRP A 2  ? 0.8963 0.7057 0.8020 0.1239  -0.1748 -0.0264 2  TRP A NE1 
10  C CE2 . TRP A 2  ? 0.8557 0.6923 0.7924 0.1128  -0.1716 -0.0274 2  TRP A CE2 
11  C CE3 . TRP A 2  ? 0.7876 0.6884 0.7855 0.0891  -0.1410 -0.0220 2  TRP A CE3 
12  C CZ2 . TRP A 2  ? 0.8709 0.7013 0.8095 0.1135  -0.1877 -0.0325 2  TRP A CZ2 
13  C CZ3 . TRP A 2  ? 0.7999 0.6952 0.7991 0.0894  -0.1545 -0.0263 2  TRP A CZ3 
14  C CH2 . TRP A 2  ? 0.8405 0.7019 0.8122 0.1012  -0.1778 -0.0316 2  TRP A CH2 
15  N N   . ASP A 3  ? 0.6610 0.6026 0.7016 0.0827  -0.1027 -0.0118 3  ASP A N   
16  C CA  . ASP A 3  ? 0.6197 0.5894 0.6910 0.0739  -0.0901 -0.0104 3  ASP A CA  
17  C C   . ASP A 3  ? 0.5688 0.5591 0.6559 0.0657  -0.0774 -0.0089 3  ASP A C   
18  O O   . ASP A 3  ? 0.5572 0.5463 0.6405 0.0644  -0.0800 -0.0097 3  ASP A O   
19  C CB  . ASP A 3  ? 0.6221 0.6075 0.7243 0.0694  -0.1021 -0.0151 3  ASP A CB  
20  C CG  . ASP A 3  ? 0.6566 0.6644 0.7837 0.0629  -0.0909 -0.0139 3  ASP A CG  
21  O OD1 . ASP A 3  ? 0.7103 0.7185 0.8297 0.0635  -0.0774 -0.0101 3  ASP A OD1 
22  O OD2 . ASP A 3  ? 0.6724 0.6958 0.8286 0.0578  -0.0953 -0.0169 3  ASP A OD2 
23  N N   . ARG A 4  ? 0.5229 0.5298 0.6271 0.0609  -0.0653 -0.0072 4  ARG A N   
24  C CA  . ARG A 4  ? 0.4883 0.5114 0.6061 0.0545  -0.0561 -0.0068 4  ARG A CA  
25  C C   . ARG A 4  ? 0.4374 0.4734 0.5699 0.0487  -0.0612 -0.0099 4  ARG A C   
26  O O   . ARG A 4  ? 0.4216 0.4594 0.5510 0.0467  -0.0578 -0.0096 4  ARG A O   
27  C CB  . ARG A 4  ? 0.4854 0.5215 0.6199 0.0516  -0.0471 -0.0063 4  ARG A CB  
28  C CG  . ARG A 4  ? 0.5210 0.5680 0.6662 0.0475  -0.0405 -0.0069 4  ARG A CG  
29  C CD  . ARG A 4  ? 0.6080 0.6671 0.7708 0.0450  -0.0374 -0.0087 4  ARG A CD  
30  N NE  . ARG A 4  ? 0.6673 0.7334 0.8371 0.0422  -0.0363 -0.0111 4  ARG A NE  
31  C CZ  . ARG A 4  ? 0.6898 0.7617 0.8617 0.0397  -0.0389 -0.0136 4  ARG A CZ  
32  N NH1 . ARG A 4  ? 0.6875 0.7621 0.8621 0.0385  -0.0412 -0.0139 4  ARG A NH1 
33  N NH2 . ARG A 4  ? 0.6882 0.7608 0.8599 0.0393  -0.0389 -0.0159 4  ARG A NH2 
34  N N   . GLU A 5  ? 0.4075 0.4523 0.5580 0.0461  -0.0670 -0.0125 5  GLU A N   
35  C CA  . GLU A 5  ? 0.3735 0.4274 0.5417 0.0416  -0.0693 -0.0147 5  GLU A CA  
36  C C   . GLU A 5  ? 0.3503 0.3940 0.5084 0.0434  -0.0775 -0.0157 5  GLU A C   
37  O O   . GLU A 5  ? 0.3310 0.3796 0.4924 0.0401  -0.0741 -0.0157 5  GLU A O   
38  C CB  . GLU A 5  ? 0.3917 0.4513 0.5841 0.0402  -0.0748 -0.0170 5  GLU A CB  
39  C CG  . GLU A 5  ? 0.4260 0.4982 0.6378 0.0365  -0.0647 -0.0168 5  GLU A CG  
40  C CD  . GLU A 5  ? 0.4745 0.5514 0.6816 0.0340  -0.0530 -0.0155 5  GLU A CD  
41  O OE1 . GLU A 5  ? 0.3797 0.4575 0.5941 0.0320  -0.0493 -0.0156 5  GLU A OE1 
42  O OE2 . GLU A 5  ? 0.4982 0.5760 0.6942 0.0349  -0.0481 -0.0148 5  GLU A OE2 
43  N N   . ILE A 6  ? 0.3293 0.3564 0.4721 0.0494  -0.0890 -0.0166 6  ILE A N   
44  C CA  . ILE A 6  ? 0.3149 0.3291 0.4464 0.0523  -0.0994 -0.0184 6  ILE A CA  
45  C C   . ILE A 6  ? 0.3266 0.3357 0.4362 0.0529  -0.0900 -0.0153 6  ILE A C   
46  O O   . ILE A 6  ? 0.3389 0.3487 0.4492 0.0509  -0.0917 -0.0161 6  ILE A O   
47  C CB  . ILE A 6  ? 0.3489 0.3392 0.4614 0.0613  -0.1165 -0.0211 6  ILE A CB  
48  C CG1 . ILE A 6  ? 0.3197 0.3158 0.4603 0.0605  -0.1280 -0.0252 6  ILE A CG1 
49  C CG2 . ILE A 6  ? 0.3919 0.3670 0.4927 0.0649  -0.1295 -0.0240 6  ILE A CG2 
50  C CD1 . ILE A 6  ? 0.3422 0.3122 0.4648 0.0707  -0.1490 -0.0290 6  ILE A CD1 
51  N N   . ASN A 7  ? 0.3472 0.3508 0.4409 0.0557  -0.0793 -0.0116 7  ASN A N   
52  C CA  . ASN A 7  ? 0.3637 0.3621 0.4425 0.0563  -0.0690 -0.0084 7  ASN A CA  
53  C C   . ASN A 7  ? 0.3351 0.3529 0.4323 0.0489  -0.0621 -0.0087 7  ASN A C   
54  O O   . ASN A 7  ? 0.3303 0.3459 0.4207 0.0482  -0.0596 -0.0080 7  ASN A O   
55  C CB  . ASN A 7  ? 0.4020 0.3907 0.4691 0.0609  -0.0569 -0.0040 7  ASN A CB  
56  C CG  . ASN A 7  ? 0.4946 0.4544 0.5310 0.0712  -0.0608 -0.0023 7  ASN A CG  
57  O OD1 . ASN A 7  ? 0.5616 0.5020 0.5759 0.0770  -0.0719 -0.0040 7  ASN A OD1 
58  N ND2 . ASN A 7  ? 0.5769 0.5307 0.6101 0.0749  -0.0521 0.0007  7  ASN A ND2 
59  N N   . ASN A 8  ? 0.3130 0.3471 0.4308 0.0443  -0.0595 -0.0100 8  ASN A N   
60  C CA  . ASN A 8  ? 0.2985 0.3448 0.4266 0.0394  -0.0539 -0.0108 8  ASN A CA  
61  C C   . ASN A 8  ? 0.2925 0.3401 0.4244 0.0370  -0.0586 -0.0122 8  ASN A C   
62  O O   . ASN A 8  ? 0.2837 0.3329 0.4124 0.0353  -0.0551 -0.0120 8  ASN A O   
63  C CB  . ASN A 8  ? 0.3204 0.3776 0.4634 0.0371  -0.0502 -0.0119 8  ASN A CB  
64  C CG  . ASN A 8  ? 0.3367 0.3943 0.4801 0.0388  -0.0453 -0.0110 8  ASN A CG  
65  O OD1 . ASN A 8  ? 0.3932 0.4440 0.5296 0.0412  -0.0419 -0.0091 8  ASN A OD1 
66  N ND2 . ASN A 8  ? 0.3947 0.4592 0.5487 0.0379  -0.0439 -0.0123 8  ASN A ND2 
67  N N   . TYR A 9  ? 0.2767 0.3228 0.4180 0.0374  -0.0670 -0.0140 9  TYR A N   
68  C CA  . TYR A 9  ? 0.2738 0.3207 0.4269 0.0353  -0.0722 -0.0159 9  TYR A CA  
69  C C   . TYR A 9  ? 0.2935 0.3289 0.4283 0.0378  -0.0780 -0.0160 9  TYR A C   
70  O O   . TYR A 9  ? 0.2811 0.3194 0.4162 0.0352  -0.0743 -0.0156 9  TYR A O   
71  C CB  . TYR A 9  ? 0.2692 0.3167 0.4443 0.0357  -0.0817 -0.0186 9  TYR A CB  
72  C CG  . TYR A 9  ? 0.3171 0.3653 0.5123 0.0336  -0.0872 -0.0209 9  TYR A CG  
73  C CD1 . TYR A 9  ? 0.2877 0.3449 0.5001 0.0292  -0.0749 -0.0195 9  TYR A CD1 
74  C CD2 . TYR A 9  ? 0.3359 0.3722 0.5298 0.0372  -0.1041 -0.0244 9  TYR A CD2 
75  C CE1 . TYR A 9  ? 0.3707 0.4281 0.6057 0.0273  -0.0774 -0.0209 9  TYR A CE1 
76  C CE2 . TYR A 9  ? 0.3689 0.4063 0.5879 0.0352  -0.1102 -0.0272 9  TYR A CE2 
77  C CZ  . TYR A 9  ? 0.3750 0.4244 0.6157 0.0297  -0.0952 -0.0250 9  TYR A CZ  
78  O OH  . TYR A 9  ? 0.4299 0.4803 0.6987 0.0276  -0.0976 -0.0268 9  TYR A OH  
79  N N   . THR A 10 ? 0.3034 0.3233 0.4180 0.0437  -0.0852 -0.0159 10 THR A N   
80  C CA  . THR A 10 ? 0.3449 0.3492 0.4384 0.0476  -0.0911 -0.0161 10 THR A CA  
81  C C   . THR A 10 ? 0.3381 0.3442 0.4196 0.0463  -0.0782 -0.0126 10 THR A C   
82  O O   . THR A 10 ? 0.3728 0.3740 0.4456 0.0463  -0.0789 -0.0125 10 THR A O   
83  C CB  . THR A 10 ? 0.3777 0.3576 0.4448 0.0568  -0.1010 -0.0166 10 THR A CB  
84  O OG1 . THR A 10 ? 0.4015 0.3771 0.4553 0.0596  -0.0897 -0.0126 10 THR A OG1 
85  C CG2 . THR A 10 ? 0.3616 0.3388 0.4440 0.0586  -0.1175 -0.0214 10 THR A CG2 
86  N N   . SER A 11 ? 0.3305 0.3442 0.4152 0.0449  -0.0672 -0.0103 11 SER A N   
87  C CA  . SER A 11 ? 0.3310 0.3454 0.4100 0.0441  -0.0567 -0.0077 11 SER A CA  
88  C C   . SER A 11 ? 0.3221 0.3486 0.4126 0.0388  -0.0558 -0.0092 11 SER A C   
89  O O   . SER A 11 ? 0.3389 0.3627 0.4225 0.0384  -0.0531 -0.0085 11 SER A O   
90  C CB  . SER A 11 ? 0.3417 0.3612 0.4283 0.0441  -0.0476 -0.0061 11 SER A CB  
91  O OG  . SER A 11 ? 0.4544 0.4583 0.5265 0.0501  -0.0446 -0.0034 11 SER A OG  
92  N N   . LEU A 12 ? 0.3045 0.3425 0.4110 0.0354  -0.0562 -0.0109 12 LEU A N   
93  C CA  . LEU A 12 ? 0.2988 0.3433 0.4119 0.0319  -0.0533 -0.0118 12 LEU A CA  
94  C C   . LEU A 12 ? 0.3276 0.3678 0.4393 0.0313  -0.0587 -0.0124 12 LEU A C   
95  O O   . LEU A 12 ? 0.3227 0.3621 0.4287 0.0303  -0.0561 -0.0120 12 LEU A O   
96  C CB  . LEU A 12 ? 0.3024 0.3541 0.4303 0.0300  -0.0503 -0.0127 12 LEU A CB  
97  C CG  . LEU A 12 ? 0.3109 0.3637 0.4416 0.0282  -0.0446 -0.0126 12 LEU A CG  
98  C CD1 . LEU A 12 ? 0.2966 0.3468 0.4136 0.0295  -0.0406 -0.0128 12 LEU A CD1 
99  C CD2 . LEU A 12 ? 0.3256 0.3808 0.4709 0.0276  -0.0389 -0.0125 12 LEU A CD2 
100 N N   . ILE A 13 ? 0.3391 0.3764 0.4592 0.0321  -0.0671 -0.0140 13 ILE A N   
101 C CA  . ILE A 13 ? 0.3689 0.4029 0.4949 0.0313  -0.0737 -0.0157 13 ILE A CA  
102 C C   . ILE A 13 ? 0.4041 0.4263 0.5067 0.0343  -0.0772 -0.0151 13 ILE A C   
103 O O   . ILE A 13 ? 0.4063 0.4292 0.5089 0.0324  -0.0761 -0.0152 13 ILE A O   
104 C CB  . ILE A 13 ? 0.3795 0.4124 0.5273 0.0318  -0.0849 -0.0190 13 ILE A CB  
105 C CG1 . ILE A 13 ? 0.3884 0.4323 0.5611 0.0288  -0.0777 -0.0187 13 ILE A CG1 
106 C CG2 . ILE A 13 ? 0.3744 0.4044 0.5350 0.0308  -0.0923 -0.0214 13 ILE A CG2 
107 C CD1 . ILE A 13 ? 0.4217 0.4729 0.6071 0.0251  -0.0635 -0.0166 13 ILE A CD1 
108 N N   . HIS A 14 ? 0.4216 0.4315 0.5034 0.0394  -0.0788 -0.0139 14 HIS A N   
109 C CA  . HIS A 14 ? 0.4691 0.4643 0.5262 0.0435  -0.0780 -0.0123 14 HIS A CA  
110 C C   . HIS A 14 ? 0.4587 0.4622 0.5169 0.0399  -0.0667 -0.0101 14 HIS A C   
111 O O   . HIS A 14 ? 0.4716 0.4707 0.5226 0.0397  -0.0675 -0.0100 14 HIS A O   
112 C CB  . HIS A 14 ? 0.4992 0.4758 0.5320 0.0508  -0.0759 -0.0099 14 HIS A CB  
113 C CG  . HIS A 14 ? 0.5838 0.5414 0.6022 0.0578  -0.0904 -0.0126 14 HIS A CG  
114 N ND1 . HIS A 14 ? 0.6207 0.5709 0.6337 0.0621  -0.0927 -0.0124 14 HIS A ND1 
115 C CD2 . HIS A 14 ? 0.6364 0.5783 0.6441 0.0621  -0.1057 -0.0162 14 HIS A CD2 
116 C CE1 . HIS A 14 ? 0.6310 0.5611 0.6295 0.0691  -0.1095 -0.0161 14 HIS A CE1 
117 N NE2 . HIS A 14 ? 0.6584 0.5829 0.6543 0.0693  -0.1187 -0.0188 14 HIS A NE2 
118 N N   . SER A 15 ? 0.4335 0.4475 0.5012 0.0376  -0.0583 -0.0090 15 SER A N   
119 C CA  . SER A 15 ? 0.4469 0.4667 0.5173 0.0352  -0.0511 -0.0080 15 SER A CA  
120 C C   . SER A 15 ? 0.4424 0.4684 0.5185 0.0316  -0.0529 -0.0096 15 SER A C   
121 O O   . SER A 15 ? 0.4500 0.4738 0.5204 0.0311  -0.0510 -0.0091 15 SER A O   
122 C CB  . SER A 15 ? 0.4264 0.4539 0.5075 0.0345  -0.0459 -0.0081 15 SER A CB  
123 O OG  . SER A 15 ? 0.4904 0.5269 0.5810 0.0318  -0.0471 -0.0102 15 SER A OG  
124 N N   . LEU A 16 ? 0.4439 0.4760 0.5322 0.0295  -0.0550 -0.0110 16 LEU A N   
125 C CA  . LEU A 16 ? 0.4414 0.4769 0.5366 0.0268  -0.0529 -0.0115 16 LEU A CA  
126 C C   . LEU A 16 ? 0.4684 0.4982 0.5610 0.0266  -0.0587 -0.0120 16 LEU A C   
127 O O   . LEU A 16 ? 0.4614 0.4912 0.5516 0.0253  -0.0558 -0.0116 16 LEU A O   
128 C CB  . LEU A 16 ? 0.4365 0.4770 0.5491 0.0252  -0.0503 -0.0120 16 LEU A CB  
129 C CG  . LEU A 16 ? 0.4227 0.4662 0.5362 0.0258  -0.0430 -0.0116 16 LEU A CG  
130 C CD1 . LEU A 16 ? 0.4343 0.4804 0.5671 0.0248  -0.0393 -0.0114 16 LEU A CD1 
131 C CD2 . LEU A 16 ? 0.4470 0.4865 0.5484 0.0269  -0.0371 -0.0112 16 LEU A CD2 
132 N N   . ILE A 17 ? 0.4739 0.4971 0.5652 0.0290  -0.0681 -0.0134 17 ILE A N   
133 C CA  . ILE A 17 ? 0.4968 0.5120 0.5857 0.0299  -0.0766 -0.0151 17 ILE A CA  
134 C C   . ILE A 17 ? 0.5219 0.5283 0.5874 0.0321  -0.0741 -0.0133 17 ILE A C   
135 O O   . ILE A 17 ? 0.5226 0.5275 0.5869 0.0309  -0.0749 -0.0136 17 ILE A O   
136 C CB  . ILE A 17 ? 0.5173 0.5234 0.6112 0.0334  -0.0915 -0.0185 17 ILE A CB  
137 C CG1 . ILE A 17 ? 0.4759 0.4925 0.6040 0.0299  -0.0932 -0.0206 17 ILE A CG1 
138 C CG2 . ILE A 17 ? 0.5186 0.5110 0.6031 0.0364  -0.1035 -0.0212 17 ILE A CG2 
139 C CD1 . ILE A 17 ? 0.5049 0.5139 0.6432 0.0337  -0.1092 -0.0248 17 ILE A CD1 
140 N N   . GLU A 18 ? 0.5349 0.5353 0.5852 0.0353  -0.0693 -0.0111 18 GLU A N   
141 C CA  . GLU A 18 ? 0.5585 0.5495 0.5911 0.0378  -0.0634 -0.0086 18 GLU A CA  
142 C C   . GLU A 18 ? 0.5498 0.5511 0.5903 0.0335  -0.0571 -0.0081 18 GLU A C   
143 O O   . GLU A 18 ? 0.5634 0.5589 0.5950 0.0339  -0.0561 -0.0074 18 GLU A O   
144 C CB  . GLU A 18 ? 0.5689 0.5529 0.5927 0.0416  -0.0553 -0.0057 18 GLU A CB  
145 N N   . GLU A 19 ? 0.5319 0.5456 0.5863 0.0303  -0.0536 -0.0086 19 GLU A N   
146 C CA  . GLU A 19 ? 0.5273 0.5464 0.5850 0.0280  -0.0496 -0.0088 19 GLU A CA  
147 C C   . GLU A 19 ? 0.5203 0.5393 0.5786 0.0260  -0.0517 -0.0094 19 GLU A C   
148 O O   . GLU A 19 ? 0.4907 0.5077 0.5434 0.0255  -0.0502 -0.0090 19 GLU A O   
149 C CB  . GLU A 19 ? 0.5368 0.5629 0.6026 0.0273  -0.0470 -0.0098 19 GLU A CB  
150 C CG  . GLU A 19 ? 0.5821 0.6086 0.6514 0.0292  -0.0455 -0.0097 19 GLU A CG  
151 C CD  . GLU A 19 ? 0.6723 0.7031 0.7481 0.0298  -0.0451 -0.0116 19 GLU A CD  
152 O OE1 . GLU A 19 ? 0.6977 0.7298 0.7732 0.0292  -0.0445 -0.0123 19 GLU A OE1 
153 O OE2 . GLU A 19 ? 0.6943 0.7250 0.7765 0.0313  -0.0449 -0.0124 19 GLU A OE2 
154 N N   . SER A 20 ? 0.5065 0.5277 0.5752 0.0248  -0.0550 -0.0105 20 SER A N   
155 C CA  . SER A 20 ? 0.5184 0.5394 0.5948 0.0229  -0.0564 -0.0110 20 SER A CA  
156 C C   . SER A 20 ? 0.5201 0.5326 0.5858 0.0244  -0.0632 -0.0117 20 SER A C   
157 O O   . SER A 20 ? 0.5070 0.5186 0.5718 0.0230  -0.0621 -0.0115 20 SER A O   
158 C CB  . SER A 20 ? 0.5131 0.5378 0.6115 0.0215  -0.0581 -0.0123 20 SER A CB  
159 O OG  . SER A 20 ? 0.5475 0.5713 0.6600 0.0198  -0.0597 -0.0131 20 SER A OG  
160 N N   . GLN A 21 ? 0.5157 0.5189 0.5695 0.0282  -0.0694 -0.0121 21 GLN A N   
161 C CA  . GLN A 21 ? 0.5444 0.5332 0.5799 0.0318  -0.0752 -0.0125 21 GLN A CA  
162 C C   . GLN A 21 ? 0.5482 0.5346 0.5705 0.0319  -0.0663 -0.0097 21 GLN A C   
163 O O   . GLN A 21 ? 0.5576 0.5380 0.5723 0.0323  -0.0680 -0.0099 21 GLN A O   
164 C CB  . GLN A 21 ? 0.5589 0.5314 0.5770 0.0383  -0.0821 -0.0131 21 GLN A CB  
165 C CG  . GLN A 21 ? 0.5891 0.5575 0.6177 0.0401  -0.0971 -0.0175 21 GLN A CG  
166 C CD  . GLN A 21 ? 0.6134 0.5778 0.6523 0.0397  -0.1095 -0.0216 21 GLN A CD  
167 O OE1 . GLN A 21 ? 0.5812 0.5581 0.6388 0.0342  -0.1045 -0.0213 21 GLN A OE1 
168 N NE2 . GLN A 21 ? 0.6424 0.5870 0.6698 0.0465  -0.1269 -0.0259 21 GLN A NE2 
169 N N   . ASN A 22 ? 0.5350 0.5249 0.5570 0.0321  -0.0577 -0.0076 22 ASN A N   
170 C CA  . ASN A 22 ? 0.5436 0.5335 0.5629 0.0317  -0.0500 -0.0057 22 ASN A CA  
171 C C   . ASN A 22 ? 0.5242 0.5220 0.5502 0.0279  -0.0504 -0.0067 22 ASN A C   
172 O O   . ASN A 22 ? 0.5201 0.5132 0.5397 0.0281  -0.0488 -0.0059 22 ASN A O   
173 C CB  . ASN A 22 ? 0.5379 0.5326 0.5661 0.0321  -0.0432 -0.0045 22 ASN A CB  
174 C CG  . ASN A 22 ? 0.5988 0.5824 0.6190 0.0368  -0.0389 -0.0022 22 ASN A CG  
175 O OD1 . ASN A 22 ? 0.6631 0.6300 0.6643 0.0414  -0.0385 -0.0006 22 ASN A OD1 
176 N ND2 . ASN A 22 ? 0.6406 0.6301 0.6729 0.0367  -0.0352 -0.0020 22 ASN A ND2 
177 N N   . GLN A 23 ? 0.5061 0.5131 0.5432 0.0252  -0.0509 -0.0080 23 GLN A N   
178 C CA  . GLN A 23 ? 0.5064 0.5163 0.5459 0.0231  -0.0489 -0.0083 23 GLN A CA  
179 C C   . GLN A 23 ? 0.5017 0.5079 0.5403 0.0221  -0.0525 -0.0086 23 GLN A C   
180 O O   . GLN A 23 ? 0.4826 0.4871 0.5170 0.0213  -0.0508 -0.0081 23 GLN A O   
181 C CB  . GLN A 23 ? 0.5171 0.5315 0.5645 0.0223  -0.0458 -0.0087 23 GLN A CB  
182 C CG  . GLN A 23 ? 0.5879 0.5996 0.6320 0.0222  -0.0410 -0.0082 23 GLN A CG  
183 C CD  . GLN A 23 ? 0.6731 0.6848 0.7281 0.0212  -0.0355 -0.0073 23 GLN A CD  
184 O OE1 . GLN A 23 ? 0.7015 0.7109 0.7612 0.0201  -0.0322 -0.0064 23 GLN A OE1 
185 N NE2 . GLN A 23 ? 0.6910 0.7051 0.7536 0.0218  -0.0331 -0.0073 23 GLN A NE2 
186 N N   . GLN A 24 ? 0.4845 0.4884 0.5287 0.0224  -0.0589 -0.0099 24 GLN A N   
187 C CA  . GLN A 24 ? 0.4936 0.4925 0.5401 0.0222  -0.0654 -0.0115 24 GLN A CA  
188 C C   . GLN A 24 ? 0.4942 0.4823 0.5208 0.0249  -0.0675 -0.0109 24 GLN A C   
189 O O   . GLN A 24 ? 0.4843 0.4700 0.5099 0.0239  -0.0688 -0.0113 24 GLN A O   
190 C CB  . GLN A 24 ? 0.5075 0.5038 0.5666 0.0233  -0.0758 -0.0144 24 GLN A CB  
191 C CG  . GLN A 24 ? 0.5269 0.5333 0.6125 0.0202  -0.0716 -0.0146 24 GLN A CG  
192 C CD  . GLN A 24 ? 0.5470 0.5567 0.6493 0.0172  -0.0658 -0.0140 24 GLN A CD  
193 O OE1 . GLN A 24 ? 0.6268 0.6323 0.7324 0.0170  -0.0721 -0.0157 24 GLN A OE1 
194 N NE2 . GLN A 24 ? 0.5859 0.6007 0.6963 0.0156  -0.0527 -0.0114 24 GLN A NE2 
195 N N   . GLU A 25 ? 0.4910 0.4709 0.5021 0.0288  -0.0661 -0.0096 25 GLU A N   
196 C CA  . GLU A 25 ? 0.5097 0.4751 0.5001 0.0327  -0.0639 -0.0080 25 GLU A CA  
197 C C   . GLU A 25 ? 0.4825 0.4547 0.4764 0.0297  -0.0554 -0.0062 25 GLU A C   
198 O O   . GLU A 25 ? 0.4907 0.4562 0.4760 0.0304  -0.0552 -0.0057 25 GLU A O   
199 C CB  . GLU A 25 ? 0.5404 0.4938 0.5160 0.0381  -0.0593 -0.0057 25 GLU A CB  
200 C CG  . GLU A 25 ? 0.5645 0.4987 0.5179 0.0435  -0.0519 -0.0027 25 GLU A CG  
201 N N   . LYS A 26 ? 0.4398 0.4235 0.4459 0.0273  -0.0503 -0.0057 26 LYS A N   
202 C CA  . LYS A 26 ? 0.4420 0.4301 0.4523 0.0255  -0.0459 -0.0051 26 LYS A CA  
203 C C   . LYS A 26 ? 0.4242 0.4150 0.4354 0.0229  -0.0484 -0.0061 26 LYS A C   
204 O O   . LYS A 26 ? 0.4017 0.3894 0.4087 0.0227  -0.0468 -0.0055 26 LYS A O   
205 C CB  . LYS A 26 ? 0.4441 0.4400 0.4653 0.0250  -0.0438 -0.0058 26 LYS A CB  
206 C CG  . LYS A 26 ? 0.4694 0.4625 0.4954 0.0274  -0.0395 -0.0046 26 LYS A CG  
207 C CD  . LYS A 26 ? 0.4922 0.4921 0.5320 0.0273  -0.0406 -0.0068 26 LYS A CD  
208 N N   . ASN A 27 ? 0.3931 0.3885 0.4122 0.0211  -0.0509 -0.0072 27 ASN A N   
209 C CA  . ASN A 27 ? 0.3941 0.3905 0.4178 0.0190  -0.0504 -0.0074 27 ASN A CA  
210 C C   . ASN A 27 ? 0.3810 0.3706 0.3994 0.0193  -0.0554 -0.0080 27 ASN A C   
211 O O   . ASN A 27 ? 0.3698 0.3584 0.3864 0.0182  -0.0537 -0.0075 27 ASN A O   
212 C CB  . ASN A 27 ? 0.3937 0.3945 0.4328 0.0175  -0.0493 -0.0079 27 ASN A CB  
213 C CG  . ASN A 27 ? 0.4003 0.4034 0.4398 0.0182  -0.0420 -0.0069 27 ASN A CG  
214 O OD1 . ASN A 27 ? 0.4131 0.4142 0.4415 0.0200  -0.0403 -0.0067 27 ASN A OD1 
215 N ND2 . ASN A 27 ? 0.4617 0.4669 0.5150 0.0176  -0.0383 -0.0066 27 ASN A ND2 
216 N N   . GLU A 28 ? 0.3875 0.3698 0.4003 0.0219  -0.0622 -0.0092 28 GLU A N   
217 C CA  . GLU A 28 ? 0.4000 0.3704 0.4024 0.0242  -0.0693 -0.0106 28 GLU A CA  
218 C C   . GLU A 28 ? 0.4007 0.3651 0.3874 0.0256  -0.0629 -0.0082 28 GLU A C   
219 O O   . GLU A 28 ? 0.4108 0.3717 0.3940 0.0250  -0.0643 -0.0085 28 GLU A O   
220 C CB  . GLU A 28 ? 0.4310 0.3879 0.4227 0.0294  -0.0797 -0.0129 28 GLU A CB  
221 C CG  . GLU A 28 ? 0.4990 0.4415 0.4826 0.0326  -0.0916 -0.0161 28 GLU A CG  
222 C CD  . GLU A 28 ? 0.6058 0.5302 0.5774 0.0393  -0.1064 -0.0200 28 GLU A CD  
223 O OE1 . GLU A 28 ? 0.5711 0.4948 0.5409 0.0413  -0.1065 -0.0197 28 GLU A OE1 
224 O OE2 . GLU A 28 ? 0.6822 0.5908 0.6446 0.0435  -0.1195 -0.0239 28 GLU A OE2 
225 N N   . GLN A 29 ? 0.4020 0.3649 0.3825 0.0274  -0.0557 -0.0058 29 GLN A N   
226 C CA  . GLN A 29 ? 0.4387 0.3951 0.4106 0.0289  -0.0482 -0.0034 29 GLN A CA  
227 C C   . GLN A 29 ? 0.4057 0.3726 0.3883 0.0248  -0.0461 -0.0036 29 GLN A C   
228 O O   . GLN A 29 ? 0.4227 0.3849 0.4002 0.0249  -0.0441 -0.0028 29 GLN A O   
229 C CB  . GLN A 29 ? 0.4563 0.4096 0.4289 0.0315  -0.0393 -0.0009 29 GLN A CB  
230 C CG  . GLN A 29 ? 0.5489 0.4853 0.5043 0.0376  -0.0379 0.0005  29 GLN A CG  
231 C CD  . GLN A 29 ? 0.6704 0.5826 0.5988 0.0441  -0.0361 0.0021  29 GLN A CD  
232 O OE1 . GLN A 29 ? 0.7085 0.6173 0.6334 0.0437  -0.0337 0.0028  29 GLN A OE1 
233 N NE2 . GLN A 29 ? 0.7402 0.6323 0.6463 0.0513  -0.0375 0.0026  29 GLN A NE2 
234 N N   . GLU A 30 ? 0.3617 0.3398 0.3561 0.0221  -0.0468 -0.0047 30 GLU A N   
235 C CA  . GLU A 30 ? 0.3497 0.3322 0.3479 0.0201  -0.0454 -0.0049 30 GLU A CA  
236 C C   . GLU A 30 ? 0.3428 0.3238 0.3395 0.0183  -0.0473 -0.0052 30 GLU A C   
237 O O   . GLU A 30 ? 0.3375 0.3170 0.3312 0.0178  -0.0457 -0.0047 30 GLU A O   
238 C CB  . GLU A 30 ? 0.3417 0.3296 0.3454 0.0199  -0.0447 -0.0057 30 GLU A CB  
239 C CG  . GLU A 30 ? 0.3288 0.3145 0.3287 0.0206  -0.0440 -0.0063 30 GLU A CG  
240 C CD  . GLU A 30 ? 0.3868 0.3702 0.3892 0.0224  -0.0459 -0.0072 30 GLU A CD  
241 O OE1 . GLU A 30 ? 0.4022 0.3867 0.4122 0.0229  -0.0449 -0.0069 30 GLU A OE1 
242 O OE2 . GLU A 30 ? 0.3508 0.3299 0.3490 0.0238  -0.0481 -0.0084 30 GLU A OE2 
243 N N   . LEU A 31 ? 0.3294 0.3108 0.3317 0.0176  -0.0512 -0.0063 31 LEU A N   
244 C CA  . LEU A 31 ? 0.3342 0.3139 0.3416 0.0161  -0.0540 -0.0071 31 LEU A CA  
245 C C   . LEU A 31 ? 0.3553 0.3257 0.3495 0.0178  -0.0574 -0.0073 31 LEU A C   
246 O O   . LEU A 31 ? 0.3799 0.3493 0.3749 0.0164  -0.0571 -0.0073 31 LEU A O   
247 C CB  . LEU A 31 ? 0.3494 0.3301 0.3727 0.0155  -0.0602 -0.0094 31 LEU A CB  
248 C CG  . LEU A 31 ? 0.3197 0.3082 0.3591 0.0136  -0.0530 -0.0083 31 LEU A CG  
249 C CD1 . LEU A 31 ? 0.3348 0.3251 0.3918 0.0136  -0.0594 -0.0106 31 LEU A CD1 
250 C CD2 . LEU A 31 ? 0.3414 0.3301 0.3903 0.0119  -0.0452 -0.0067 31 LEU A CD2 
251 N N   . LEU A 32 ? 0.3678 0.3289 0.3480 0.0215  -0.0591 -0.0071 32 LEU A N   
252 C CA  . LEU A 32 ? 0.4013 0.3485 0.3642 0.0247  -0.0597 -0.0067 32 LEU A CA  
253 C C   . LEU A 32 ? 0.3984 0.3486 0.3610 0.0232  -0.0513 -0.0042 32 LEU A C   
254 O O   . LEU A 32 ? 0.3943 0.3386 0.3503 0.0234  -0.0517 -0.0042 32 LEU A O   
255 C CB  . LEU A 32 ? 0.4512 0.3816 0.3942 0.0311  -0.0601 -0.0060 32 LEU A CB  
256 C CG  . LEU A 32 ? 0.4888 0.4110 0.4289 0.0340  -0.0736 -0.0098 32 LEU A CG  
257 C CD1 . LEU A 32 ? 0.5139 0.4202 0.4346 0.0407  -0.0735 -0.0091 32 LEU A CD1 
258 C CD2 . LEU A 32 ? 0.5191 0.4284 0.4509 0.0366  -0.0852 -0.0133 32 LEU A CD2 
259 N N   . GLU A 33 ? 0.3600 0.3183 0.3310 0.0222  -0.0456 -0.0030 33 GLU A N   
260 C CA  . GLU A 33 ? 0.3622 0.3235 0.3383 0.0212  -0.0407 -0.0020 33 GLU A CA  
261 C C   . GLU A 33 ? 0.3501 0.3155 0.3281 0.0185  -0.0431 -0.0029 33 GLU A C   
262 O O   . GLU A 33 ? 0.3379 0.3003 0.3132 0.0184  -0.0416 -0.0023 33 GLU A O   
263 C CB  . GLU A 33 ? 0.3497 0.3175 0.3375 0.0213  -0.0387 -0.0023 33 GLU A CB  
264 C CG  . GLU A 33 ? 0.3986 0.3608 0.3901 0.0242  -0.0324 -0.0005 33 GLU A CG  
265 C CD  . GLU A 33 ? 0.4816 0.4490 0.4926 0.0245  -0.0313 -0.0015 33 GLU A CD  
266 O OE1 . GLU A 33 ? 0.4192 0.3876 0.4407 0.0242  -0.0327 -0.0027 33 GLU A OE1 
267 O OE2 . GLU A 33 ? 0.5385 0.5077 0.5568 0.0256  -0.0298 -0.0014 33 GLU A OE2 
268 N N   . LEU A 34 ? 0.3277 0.2992 0.3116 0.0168  -0.0449 -0.0039 34 LEU A N   
269 C CA  . LEU A 34 ? 0.3386 0.3110 0.3242 0.0152  -0.0438 -0.0038 34 LEU A CA  
270 C C   . LEU A 34 ? 0.3381 0.3065 0.3229 0.0141  -0.0465 -0.0041 34 LEU A C   
271 O O   . LEU A 34 ? 0.3536 0.3208 0.3374 0.0132  -0.0444 -0.0035 34 LEU A O   
272 C CB  . LEU A 34 ? 0.3276 0.3035 0.3208 0.0147  -0.0414 -0.0036 34 LEU A CB  
273 C CG  . LEU A 34 ? 0.3499 0.3258 0.3390 0.0170  -0.0393 -0.0037 34 LEU A CG  
274 C CD1 . LEU A 34 ? 0.3818 0.3576 0.3755 0.0173  -0.0342 -0.0029 34 LEU A CD1 
275 C CD2 . LEU A 34 ? 0.3769 0.3467 0.3560 0.0195  -0.0392 -0.0039 34 LEU A CD2 
276 N N   . ASP A 35 ? 0.3403 0.3042 0.3234 0.0152  -0.0522 -0.0055 35 ASP A N   
277 C CA  . ASP A 35 ? 0.3583 0.3146 0.3381 0.0156  -0.0579 -0.0070 35 ASP A CA  
278 C C   . ASP A 35 ? 0.3547 0.3042 0.3203 0.0170  -0.0544 -0.0054 35 ASP A C   
279 O O   . ASP A 35 ? 0.3790 0.3264 0.3442 0.0160  -0.0551 -0.0057 35 ASP A O   
280 C CB  . ASP A 35 ? 0.3920 0.3393 0.3676 0.0189  -0.0678 -0.0098 35 ASP A CB  
281 C CG  . ASP A 35 ? 0.5020 0.4407 0.4784 0.0198  -0.0775 -0.0130 35 ASP A CG  
282 O OD1 . ASP A 35 ? 0.5261 0.4724 0.5222 0.0161  -0.0771 -0.0136 35 ASP A OD1 
283 O OD2 . ASP A 35 ? 0.6004 0.5221 0.5561 0.0251  -0.0844 -0.0145 35 ASP A OD2 
284 N N   . LYS A 36 ? 0.3554 0.3012 0.3127 0.0195  -0.0493 -0.0036 36 LYS A N   
285 C CA  . LYS A 36 ? 0.3361 0.2746 0.2850 0.0210  -0.0435 -0.0017 36 LYS A CA  
286 C C   . LYS A 36 ? 0.3158 0.2633 0.2744 0.0178  -0.0414 -0.0013 36 LYS A C   
287 O O   . LYS A 36 ? 0.3212 0.2643 0.2761 0.0178  -0.0395 -0.0006 36 LYS A O   
288 C CB  . LYS A 36 ? 0.3560 0.2900 0.3038 0.0240  -0.0359 0.0007  36 LYS A CB  
289 C CG  . LYS A 36 ? 0.3966 0.3153 0.3274 0.0292  -0.0357 0.0012  36 LYS A CG  
290 C CD  . LYS A 36 ? 0.4513 0.3643 0.3843 0.0324  -0.0242 0.0045  36 LYS A CD  
291 C CE  . LYS A 36 ? 0.5361 0.4274 0.4450 0.0396  -0.0215 0.0059  36 LYS A CE  
292 N NZ  . LYS A 36 ? 0.6267 0.5197 0.5465 0.0409  -0.0119 0.0085  36 LYS A NZ  
293 N N   . TRP A 37 ? 0.2916 0.2482 0.2596 0.0163  -0.0415 -0.0018 37 TRP A N   
294 C CA  . TRP A 37 ? 0.2787 0.2380 0.2494 0.0155  -0.0408 -0.0019 37 TRP A CA  
295 C C   . TRP A 37 ? 0.3002 0.2585 0.2690 0.0137  -0.0410 -0.0017 37 TRP A C   
296 O O   . TRP A 37 ? 0.2930 0.2486 0.2588 0.0136  -0.0400 -0.0013 37 TRP A O   
297 C CB  . TRP A 37 ? 0.2839 0.2468 0.2579 0.0166  -0.0415 -0.0027 37 TRP A CB  
298 C CG  . TRP A 37 ? 0.2922 0.2510 0.2618 0.0183  -0.0426 -0.0034 37 TRP A CG  
299 C CD1 . TRP A 37 ? 0.3733 0.3277 0.3348 0.0196  -0.0408 -0.0029 37 TRP A CD1 
300 C CD2 . TRP A 37 ? 0.2877 0.2432 0.2603 0.0200  -0.0458 -0.0046 37 TRP A CD2 
301 N NE1 . TRP A 37 ? 0.3900 0.3360 0.3430 0.0229  -0.0436 -0.0039 37 TRP A NE1 
302 C CE2 . TRP A 37 ? 0.3763 0.3242 0.3383 0.0229  -0.0483 -0.0055 37 TRP A CE2 
303 C CE3 . TRP A 37 ? 0.2776 0.2334 0.2616 0.0201  -0.0455 -0.0048 37 TRP A CE3 
304 C CZ2 . TRP A 37 ? 0.4078 0.3496 0.3705 0.0257  -0.0544 -0.0077 37 TRP A CZ2 
305 C CZ3 . TRP A 37 ? 0.2991 0.2513 0.2903 0.0220  -0.0497 -0.0065 37 TRP A CZ3 
306 C CH2 . TRP A 37 ? 0.3573 0.3028 0.3377 0.0248  -0.0560 -0.0086 37 TRP A CH2 
307 N N   . ALA A 38 ? 0.3012 0.2616 0.2752 0.0125  -0.0423 -0.0023 38 ALA A N   
308 C CA  . ALA A 38 ? 0.3155 0.2746 0.2947 0.0107  -0.0424 -0.0024 38 ALA A CA  
309 C C   . ALA A 38 ? 0.3306 0.2837 0.3032 0.0108  -0.0459 -0.0031 38 ALA A C   
310 O O   . ALA A 38 ? 0.3448 0.2968 0.3184 0.0096  -0.0442 -0.0026 38 ALA A O   
311 C CB  . ALA A 38 ? 0.3424 0.3042 0.3361 0.0095  -0.0450 -0.0038 38 ALA A CB  
312 N N   . SER A 39 ? 0.3238 0.2706 0.2873 0.0130  -0.0497 -0.0039 39 SER A N   
313 C CA  . SER A 39 ? 0.3374 0.2731 0.2886 0.0150  -0.0519 -0.0042 39 SER A CA  
314 C C   . SER A 39 ? 0.3224 0.2581 0.2700 0.0146  -0.0453 -0.0020 39 SER A C   
315 O O   . SER A 39 ? 0.3193 0.2506 0.2629 0.0143  -0.0455 -0.0021 39 SER A O   
316 C CB  . SER A 39 ? 0.3695 0.2924 0.3049 0.0198  -0.0539 -0.0046 39 SER A CB  
317 O OG  . SER A 39 ? 0.4160 0.3348 0.3529 0.0212  -0.0643 -0.0080 39 SER A OG  
318 N N   . LEU A 40 ? 0.2959 0.2358 0.2468 0.0150  -0.0405 -0.0007 40 LEU A N   
319 C CA  . LEU A 40 ? 0.2995 0.2393 0.2530 0.0150  -0.0365 0.0005  40 LEU A CA  
320 C C   . LEU A 40 ? 0.2766 0.2203 0.2324 0.0130  -0.0379 0.0001  40 LEU A C   
321 O O   . LEU A 40 ? 0.2725 0.2130 0.2260 0.0127  -0.0369 0.0006  40 LEU A O   
322 C CB  . LEU A 40 ? 0.2978 0.2413 0.2611 0.0162  -0.0345 0.0006  40 LEU A CB  
323 C CG  . LEU A 40 ? 0.2916 0.2348 0.2646 0.0168  -0.0334 0.0005  40 LEU A CG  
324 C CD1 . LEU A 40 ? 0.3229 0.2653 0.3103 0.0188  -0.0298 0.0008  40 LEU A CD1 
325 C CD2 . LEU A 40 ? 0.3256 0.2720 0.2989 0.0169  -0.0396 -0.0015 40 LEU A CD2 
326 N N   . TRP A 41 ? 0.2737 0.2221 0.2326 0.0124  -0.0387 -0.0004 41 TRP A N   
327 C CA  . TRP A 41 ? 0.2765 0.2236 0.2338 0.0121  -0.0369 0.0003  41 TRP A CA  
328 C C   . TRP A 41 ? 0.2926 0.2382 0.2519 0.0100  -0.0362 0.0006  41 TRP A C   
329 O O   . TRP A 41 ? 0.2978 0.2401 0.2536 0.0100  -0.0345 0.0014  41 TRP A O   
330 C CB  . TRP A 41 ? 0.2945 0.2421 0.2524 0.0132  -0.0343 0.0007  41 TRP A CB  
331 C CG  . TRP A 41 ? 0.2901 0.2303 0.2407 0.0153  -0.0291 0.0023  41 TRP A CG  
332 C CD1 . TRP A 41 ? 0.3384 0.2760 0.2942 0.0147  -0.0213 0.0043  41 TRP A CD1 
333 C CD2 . TRP A 41 ? 0.3084 0.2393 0.2454 0.0193  -0.0304 0.0021  41 TRP A CD2 
334 N NE1 . TRP A 41 ? 0.3698 0.2953 0.3118 0.0186  -0.0152 0.0064  41 TRP A NE1 
335 C CE2 . TRP A 41 ? 0.3535 0.2737 0.2808 0.0221  -0.0223 0.0046  41 TRP A CE2 
336 C CE3 . TRP A 41 ? 0.3416 0.2698 0.2747 0.0220  -0.0380 -0.0002 41 TRP A CE3 
337 C CZ2 . TRP A 41 ? 0.3626 0.2669 0.2695 0.0282  -0.0225 0.0048  41 TRP A CZ2 
338 C CZ3 . TRP A 41 ? 0.3469 0.2616 0.2651 0.0273  -0.0411 -0.0011 41 TRP A CZ3 
339 C CH2 . TRP A 41 ? 0.3673 0.2689 0.2689 0.0309  -0.0336 0.0015  41 TRP A CH2 
340 N N   . ASN A 42 ? 0.2929 0.2393 0.2580 0.0087  -0.0395 -0.0006 42 ASN A N   
341 C CA  . ASN A 42 ? 0.3025 0.2464 0.2734 0.0072  -0.0422 -0.0016 42 ASN A CA  
342 C C   . ASN A 42 ? 0.2993 0.2369 0.2587 0.0081  -0.0434 -0.0016 42 ASN A C   
343 O O   . ASN A 42 ? 0.2916 0.2274 0.2532 0.0069  -0.0429 -0.0015 42 ASN A O   
344 C CB  . ASN A 42 ? 0.3116 0.2544 0.2904 0.0074  -0.0498 -0.0045 42 ASN A CB  
345 C CG  . ASN A 42 ? 0.4167 0.3551 0.4053 0.0068  -0.0566 -0.0072 42 ASN A CG  
346 O OD1 . ASN A 42 ? 0.5196 0.4614 0.5262 0.0044  -0.0531 -0.0068 42 ASN A OD1 
347 N ND2 . ASN A 42 ? 0.5091 0.4369 0.4855 0.0097  -0.0664 -0.0101 42 ASN A ND2 
348 N N   . TRP A 43 ? 0.2744 0.2078 0.2233 0.0103  -0.0432 -0.0012 43 TRP A N   
349 C CA  . TRP A 43 ? 0.2826 0.2081 0.2216 0.0116  -0.0412 -0.0004 43 TRP A CA  
350 C C   . TRP A 43 ? 0.2708 0.2001 0.2138 0.0102  -0.0376 0.0009  43 TRP A C   
351 O O   . TRP A 43 ? 0.2793 0.2047 0.2193 0.0096  -0.0374 0.0011  43 TRP A O   
352 C CB  . TRP A 43 ? 0.3095 0.2275 0.2401 0.0151  -0.0371 0.0009  43 TRP A CB  
353 C CG  . TRP A 43 ? 0.2899 0.1978 0.2126 0.0170  -0.0319 0.0025  43 TRP A CG  
354 C CD1 . TRP A 43 ? 0.3237 0.2163 0.2295 0.0203  -0.0329 0.0022  43 TRP A CD1 
355 C CD2 . TRP A 43 ? 0.3154 0.2261 0.2472 0.0163  -0.0261 0.0042  43 TRP A CD2 
356 N NE1 . TRP A 43 ? 0.3263 0.2125 0.2296 0.0214  -0.0253 0.0043  43 TRP A NE1 
357 C CE2 . TRP A 43 ? 0.3208 0.2188 0.2425 0.0187  -0.0211 0.0056  43 TRP A CE2 
358 C CE3 . TRP A 43 ? 0.3191 0.2395 0.2668 0.0150  -0.0259 0.0041  43 TRP A CE3 
359 C CZ2 . TRP A 43 ? 0.3310 0.2283 0.2621 0.0186  -0.0147 0.0073  43 TRP A CZ2 
360 C CZ3 . TRP A 43 ? 0.3430 0.2617 0.3000 0.0154  -0.0225 0.0048  43 TRP A CZ3 
361 C CH2 . TRP A 43 ? 0.3319 0.2404 0.2830 0.0168  -0.0161 0.0067  43 TRP A CH2 
362 N N   . PHE A 44 ? 0.2784 0.2129 0.2260 0.0104  -0.0361 0.0014  44 PHE A N   
363 C CA  . PHE A 44 ? 0.2577 0.1912 0.2049 0.0108  -0.0353 0.0019  44 PHE A CA  
364 C C   . PHE A 44 ? 0.2625 0.1951 0.2080 0.0096  -0.0336 0.0025  44 PHE A C   
365 O O   . PHE A 44 ? 0.2606 0.1898 0.2035 0.0094  -0.0326 0.0031  44 PHE A O   
366 C CB  . PHE A 44 ? 0.2692 0.2035 0.2174 0.0132  -0.0372 0.0011  44 PHE A CB  
367 C CG  . PHE A 44 ? 0.2698 0.2041 0.2265 0.0148  -0.0392 0.0001  44 PHE A CG  
368 C CD1 . PHE A 44 ? 0.2840 0.2146 0.2453 0.0163  -0.0416 -0.0007 44 PHE A CD1 
369 C CD2 . PHE A 44 ? 0.2880 0.2253 0.2515 0.0152  -0.0384 -0.0001 44 PHE A CD2 
370 C CE1 . PHE A 44 ? 0.3089 0.2394 0.2875 0.0178  -0.0431 -0.0020 44 PHE A CE1 
371 C CE2 . PHE A 44 ? 0.2823 0.2190 0.2610 0.0168  -0.0381 -0.0008 44 PHE A CE2 
372 C CZ  . PHE A 44 ? 0.2838 0.2173 0.2723 0.0180  -0.0406 -0.0019 44 PHE A CZ  
373 N N   . ASN A 45 ? 0.2702 0.2051 0.2206 0.0086  -0.0323 0.0027  45 ASN A N   
374 C CA  . ASN A 45 ? 0.2804 0.2134 0.2357 0.0076  -0.0277 0.0039  45 ASN A CA  
375 C C   . ASN A 45 ? 0.2644 0.1967 0.2255 0.0053  -0.0300 0.0031  45 ASN A C   
376 O O   . ASN A 45 ? 0.2797 0.2089 0.2418 0.0049  -0.0260 0.0043  45 ASN A O   
377 C CB  . ASN A 45 ? 0.2975 0.2331 0.2644 0.0070  -0.0243 0.0042  45 ASN A CB  
378 C CG  . ASN A 45 ? 0.3606 0.2901 0.3183 0.0107  -0.0170 0.0066  45 ASN A CG  
379 O OD1 . ASN A 45 ? 0.4147 0.3350 0.3628 0.0133  -0.0106 0.0088  45 ASN A OD1 
380 N ND2 . ASN A 45 ? 0.4832 0.4149 0.4399 0.0119  -0.0179 0.0061  45 ASN A ND2 
381 N N   . ILE A 46 ? 0.2483 0.1806 0.2105 0.0048  -0.0368 0.0007  46 ILE A N   
382 C CA  . ILE A 46 ? 0.2505 0.1779 0.2140 0.0042  -0.0418 -0.0012 46 ILE A CA  
383 C C   . ILE A 46 ? 0.2432 0.1666 0.1949 0.0048  -0.0394 0.0001  46 ILE A C   
384 O O   . ILE A 46 ? 0.2734 0.1944 0.2275 0.0037  -0.0392 0.0000  46 ILE A O   
385 C CB  . ILE A 46 ? 0.2457 0.1673 0.2054 0.0061  -0.0513 -0.0046 46 ILE A CB  
386 C CG1 . ILE A 46 ? 0.2712 0.1969 0.2500 0.0051  -0.0559 -0.0068 46 ILE A CG1 
387 C CG2 . ILE A 46 ? 0.2860 0.1975 0.2410 0.0072  -0.0582 -0.0071 46 ILE A CG2 
388 C CD1 . ILE A 46 ? 0.3208 0.2382 0.2926 0.0085  -0.0676 -0.0107 46 ILE A CD1 
389 N N   . THR A 47 ? 0.2553 0.1778 0.1977 0.0065  -0.0373 0.0012  47 THR A N   
390 C CA  . THR A 47 ? 0.2570 0.1759 0.1938 0.0071  -0.0345 0.0024  47 THR A CA  
391 C C   . THR A 47 ? 0.2491 0.1698 0.1885 0.0062  -0.0320 0.0036  47 THR A C   
392 O O   . THR A 47 ? 0.2762 0.1935 0.2135 0.0057  -0.0312 0.0040  47 THR A O   
393 C CB  . THR A 47 ? 0.2524 0.1710 0.1888 0.0091  -0.0319 0.0033  47 THR A CB  
394 O OG1 . THR A 47 ? 0.2682 0.1818 0.1993 0.0110  -0.0316 0.0030  47 THR A OG1 
395 C CG2 . THR A 47 ? 0.2954 0.2096 0.2326 0.0100  -0.0287 0.0044  47 THR A CG2 
396 N N   . ASN A 48 ? 0.2677 0.1905 0.2079 0.0071  -0.0304 0.0043  48 ASN A N   
397 C CA  . ASN A 48 ? 0.2817 0.1998 0.2170 0.0086  -0.0270 0.0058  48 ASN A CA  
398 C C   . ASN A 48 ? 0.3007 0.2176 0.2422 0.0065  -0.0227 0.0070  48 ASN A C   
399 O O   . ASN A 48 ? 0.3034 0.2157 0.2406 0.0070  -0.0204 0.0080  48 ASN A O   
400 C CB  . ASN A 48 ? 0.2802 0.1955 0.2102 0.0118  -0.0252 0.0064  48 ASN A CB  
401 C CG  . ASN A 48 ? 0.3385 0.2419 0.2549 0.0161  -0.0217 0.0080  48 ASN A CG  
402 O OD1 . ASN A 48 ? 0.3679 0.2658 0.2768 0.0185  -0.0264 0.0071  48 ASN A OD1 
403 N ND2 . ASN A 48 ? 0.3666 0.2636 0.2797 0.0178  -0.0129 0.0105  48 ASN A ND2 
404 N N   . TRP A 49 ? 0.2807 0.2016 0.2350 0.0043  -0.0224 0.0062  49 TRP A N   
405 C CA  . TRP A 49 ? 0.3130 0.2330 0.2822 0.0023  -0.0192 0.0065  49 TRP A CA  
406 C C   . TRP A 49 ? 0.2993 0.2180 0.2683 0.0008  -0.0249 0.0047  49 TRP A C   
407 O O   . TRP A 49 ? 0.3114 0.2271 0.2839 0.0001  -0.0211 0.0058  49 TRP A O   
408 C CB  . TRP A 49 ? 0.2885 0.2129 0.2771 0.0007  -0.0215 0.0047  49 TRP A CB  
409 C CG  . TRP A 49 ? 0.3239 0.2482 0.3376 -0.0015 -0.0198 0.0040  49 TRP A CG  
410 C CD1 . TRP A 49 ? 0.3754 0.2963 0.4028 -0.0013 -0.0062 0.0078  49 TRP A CD1 
411 C CD2 . TRP A 49 ? 0.3553 0.2796 0.3845 -0.0031 -0.0316 -0.0008 49 TRP A CD2 
412 N NE1 . TRP A 49 ? 0.3754 0.2975 0.4318 -0.0038 -0.0084 0.0056  49 TRP A NE1 
413 C CE2 . TRP A 49 ? 0.3934 0.3177 0.4523 -0.0049 -0.0259 -0.0002 49 TRP A CE2 
414 C CE3 . TRP A 49 ? 0.4135 0.3348 0.4336 -0.0020 -0.0465 -0.0055 49 TRP A CE3 
415 C CZ2 . TRP A 49 ? 0.3904 0.3137 0.4743 -0.0062 -0.0375 -0.0054 49 TRP A CZ2 
416 C CZ3 . TRP A 49 ? 0.4001 0.3166 0.4366 -0.0021 -0.0585 -0.0106 49 TRP A CZ3 
417 C CH2 . TRP A 49 ? 0.4295 0.3484 0.5003 -0.0045 -0.0556 -0.0112 49 TRP A CH2 
418 N N   . LEU A 50 ? 0.2754 0.1932 0.2365 0.0012  -0.0328 0.0022  50 LEU A N   
419 C CA  . LEU A 50 ? 0.2793 0.1914 0.2350 0.0012  -0.0371 0.0007  50 LEU A CA  
420 C C   . LEU A 50 ? 0.2902 0.2007 0.2371 0.0014  -0.0318 0.0031  50 LEU A C   
421 O O   . LEU A 50 ? 0.3097 0.2170 0.2573 0.0006  -0.0320 0.0030  50 LEU A O   
422 C CB  . LEU A 50 ? 0.2723 0.1777 0.2148 0.0038  -0.0434 -0.0015 50 LEU A CB  
423 C CG  . LEU A 50 ? 0.2738 0.1764 0.2219 0.0048  -0.0525 -0.0052 50 LEU A CG  
424 C CD1 . LEU A 50 ? 0.3204 0.2114 0.2476 0.0094  -0.0565 -0.0064 50 LEU A CD1 
425 C CD2 . LEU A 50 ? 0.3218 0.2189 0.2815 0.0044  -0.0614 -0.0091 50 LEU A CD2 
426 N N   . TRP A 51 ? 0.2796 0.1916 0.2198 0.0029  -0.0287 0.0049  51 TRP A N   
427 C CA  . TRP A 51 ? 0.2992 0.2082 0.2333 0.0040  -0.0265 0.0063  51 TRP A CA  
428 C C   . TRP A 51 ? 0.3225 0.2285 0.2573 0.0040  -0.0218 0.0081  51 TRP A C   
429 O O   . TRP A 51 ? 0.3321 0.2345 0.2639 0.0039  -0.0208 0.0089  51 TRP A O   
430 C CB  . TRP A 51 ? 0.2925 0.2018 0.2233 0.0066  -0.0275 0.0064  51 TRP A CB  
431 C CG  . TRP A 51 ? 0.2940 0.1987 0.2218 0.0086  -0.0286 0.0066  51 TRP A CG  
432 C CD1 . TRP A 51 ? 0.3592 0.2573 0.2788 0.0119  -0.0295 0.0071  51 TRP A CD1 
433 C CD2 . TRP A 51 ? 0.3330 0.2359 0.2646 0.0083  -0.0290 0.0065  51 TRP A CD2 
434 N NE1 . TRP A 51 ? 0.3821 0.2753 0.3013 0.0138  -0.0331 0.0063  51 TRP A NE1 
435 C CE2 . TRP A 51 ? 0.3517 0.2495 0.2814 0.0110  -0.0322 0.0061  51 TRP A CE2 
436 C CE3 . TRP A 51 ? 0.3251 0.2272 0.2599 0.0074  -0.0263 0.0067  51 TRP A CE3 
437 C CZ2 . TRP A 51 ? 0.3575 0.2532 0.2949 0.0114  -0.0334 0.0056  51 TRP A CZ2 
438 C CZ3 . TRP A 51 ? 0.3346 0.2330 0.2747 0.0080  -0.0245 0.0071  51 TRP A CZ3 
439 C CH2 . TRP A 51 ? 0.3547 0.2518 0.2995 0.0094  -0.0284 0.0064  51 TRP A CH2 
440 N N   . TYR A 52 ? 0.3224 0.2285 0.2614 0.0044  -0.0173 0.0093  52 TYR A N   
441 C CA  . TYR A 52 ? 0.3462 0.2453 0.2847 0.0058  -0.0084 0.0123  52 TYR A CA  
442 C C   . TYR A 52 ? 0.3478 0.2489 0.3031 0.0024  -0.0068 0.0119  52 TYR A C   
443 O O   . TYR A 52 ? 0.3793 0.2741 0.3328 0.0032  -0.0005 0.0142  52 TYR A O   
444 C CB  . TYR A 52 ? 0.3835 0.2801 0.3243 0.0078  -0.0014 0.0142  52 TYR A CB  
445 C CG  . TYR A 52 ? 0.4320 0.3164 0.3699 0.0109  0.0120  0.0184  52 TYR A CG  
446 C CD1 . TYR A 52 ? 0.5104 0.3793 0.4221 0.0173  0.0153  0.0206  52 TYR A CD1 
447 C CD2 . TYR A 52 ? 0.4802 0.3662 0.4427 0.0083  0.0211  0.0200  52 TYR A CD2 
448 C CE1 . TYR A 52 ? 0.5829 0.4355 0.4864 0.0217  0.0297  0.0253  52 TYR A CE1 
449 C CE2 . TYR A 52 ? 0.5633 0.4354 0.5249 0.0118  0.0377  0.0251  52 TYR A CE2 
450 C CZ  . TYR A 52 ? 0.5820 0.4364 0.5107 0.0188  0.0429  0.0281  52 TYR A CZ  
451 O OH  . TYR A 52 ? 0.5845 0.4194 0.5049 0.0243  0.0608  0.0338  52 TYR A OH  
452 N N   . ILE A 53 ? 0.3274 0.2346 0.2973 -0.0006 -0.0139 0.0086  53 ILE A N   
453 C CA  . ILE A 53 ? 0.3498 0.2570 0.3391 -0.0032 -0.0159 0.0069  53 ILE A CA  
454 C C   . ILE A 53 ? 0.3672 0.2719 0.3494 -0.0039 -0.0240 0.0042  53 ILE A C   
455 O O   . ILE A 53 ? 0.3887 0.2914 0.3856 -0.0053 -0.0278 0.0019  53 ILE A O   
456 C CB  . ILE A 53 ? 0.3601 0.2712 0.3754 -0.0048 -0.0201 0.0040  53 ILE A CB  
457 C CG1 . ILE A 53 ? 0.3627 0.2749 0.3695 -0.0040 -0.0328 -0.0002 53 ILE A CG1 
458 C CG2 . ILE A 53 ? 0.4023 0.3139 0.4275 -0.0040 -0.0078 0.0076  53 ILE A CG2 
459 C CD1 . ILE A 53 ? 0.4312 0.3376 0.4287 -0.0032 -0.0440 -0.0041 53 ILE A CD1 
460 N N   . LYS A 54 ? 0.3480 0.2510 0.3099 -0.0023 -0.0264 0.0043  54 LYS A N   
461 C CA  . LYS A 54 ? 0.3626 0.2601 0.3151 -0.0019 -0.0319 0.0024  54 LYS A CA  
462 C C   . LYS A 54 ? 0.3924 0.2876 0.3486 -0.0031 -0.0288 0.0035  54 LYS A C   
463 O O   . LYS A 54 ? 0.4081 0.3042 0.3676 -0.0035 -0.0207 0.0068  54 LYS A O   
464 C CB  . LYS A 54 ? 0.3568 0.2524 0.2926 0.0002  -0.0305 0.0037  54 LYS A CB  
465 C CG  . LYS A 54 ? 0.3355 0.2328 0.2684 0.0006  -0.0248 0.0067  54 LYS A CG  
466 C CD  . LYS A 54 ? 0.3279 0.2249 0.2549 0.0026  -0.0248 0.0070  54 LYS A CD  
467 C CE  . LYS A 54 ? 0.3410 0.2367 0.2668 0.0042  -0.0237 0.0084  54 LYS A CE  
468 N NZ  . LYS A 54 ? 0.3411 0.2362 0.2637 0.0059  -0.0229 0.0092  54 LYS A NZ  
469 O OXT . LYS A 54 ? 0.4213 0.3107 0.3741 -0.0029 -0.0343 0.0011  54 LYS A OXT 
470 N N   . LEU B 12 ? 0.5635 0.6284 0.8816 0.0093  -0.2430 0.0375  12 LEU B N   
471 C CA  . LEU B 12 ? 0.5565 0.6227 0.8575 0.0057  -0.2327 0.0432  12 LEU B CA  
472 C C   . LEU B 12 ? 0.5385 0.6051 0.8259 0.0070  -0.2226 0.0339  12 LEU B C   
473 O O   . LEU B 12 ? 0.5284 0.5944 0.8017 0.0070  -0.2130 0.0348  12 LEU B O   
474 C CB  . LEU B 12 ? 0.5695 0.6350 0.8700 0.0024  -0.2376 0.0484  12 LEU B CB  
475 C CG  . LEU B 12 ? 0.6036 0.6640 0.8862 0.0002  -0.2329 0.0593  12 LEU B CG  
476 C CD1 . LEU B 12 ? 0.5885 0.6437 0.8630 -0.0018 -0.2388 0.0573  12 LEU B CD1 
477 C CD2 . LEU B 12 ? 0.6269 0.6856 0.8900 0.0010  -0.2195 0.0616  12 LEU B CD2 
478 N N   . ILE B 13 ? 0.5173 0.5855 0.8119 0.0085  -0.2243 0.0258  13 ILE B N   
479 C CA  . ILE B 13 ? 0.4976 0.5670 0.7857 0.0100  -0.2142 0.0186  13 ILE B CA  
480 C C   . ILE B 13 ? 0.5099 0.5761 0.7877 0.0150  -0.2061 0.0136  13 ILE B C   
481 O O   . ILE B 13 ? 0.4989 0.5652 0.7632 0.0145  -0.1959 0.0127  13 ILE B O   
482 C CB  . ILE B 13 ? 0.5095 0.5816 0.8144 0.0116  -0.2164 0.0130  13 ILE B CB  
483 C CG1 . ILE B 13 ? 0.4762 0.5490 0.7884 0.0059  -0.2261 0.0179  13 ILE B CG1 
484 C CG2 . ILE B 13 ? 0.4870 0.5611 0.7899 0.0140  -0.2036 0.0074  13 ILE B CG2 
485 C CD1 . ILE B 13 ? 0.5339 0.6097 0.8701 0.0069  -0.2318 0.0143  13 ILE B CD1 
486 N N   . HIS B 14 ? 0.5101 0.5712 0.7924 0.0201  -0.2121 0.0108  14 HIS B N   
487 C CA  . HIS B 14 ? 0.5208 0.5741 0.7897 0.0257  -0.2075 0.0057  14 HIS B CA  
488 C C   . HIS B 14 ? 0.5120 0.5658 0.7714 0.0217  -0.2040 0.0123  14 HIS B C   
489 O O   . HIS B 14 ? 0.5086 0.5592 0.7534 0.0240  -0.1953 0.0090  14 HIS B O   
490 C CB  . HIS B 14 ? 0.5427 0.5850 0.8154 0.0325  -0.2191 0.0015  14 HIS B CB  
491 C CG  . HIS B 14 ? 0.5901 0.6193 0.8448 0.0396  -0.2170 -0.0045 14 HIS B CG  
492 N ND1 . HIS B 14 ? 0.6235 0.6456 0.8768 0.0390  -0.2259 -0.0011 14 HIS B ND1 
493 C CD2 . HIS B 14 ? 0.6280 0.6482 0.8648 0.0479  -0.2068 -0.0130 14 HIS B CD2 
494 C CE1 . HIS B 14 ? 0.6364 0.6442 0.8698 0.0465  -0.2236 -0.0083 14 HIS B CE1 
495 N NE2 . HIS B 14 ? 0.6587 0.6646 0.8794 0.0524  -0.2112 -0.0156 14 HIS B NE2 
496 N N   . SER B 15 ? 0.4928 0.5505 0.7610 0.0166  -0.2098 0.0225  15 SER B N   
497 C CA  . SER B 15 ? 0.4838 0.5423 0.7469 0.0137  -0.2050 0.0311  15 SER B CA  
498 C C   . SER B 15 ? 0.4614 0.5228 0.7068 0.0113  -0.1917 0.0311  15 SER B C   
499 O O   . SER B 15 ? 0.4707 0.5309 0.7058 0.0115  -0.1841 0.0326  15 SER B O   
500 C CB  . SER B 15 ? 0.4894 0.5508 0.7663 0.0102  -0.2107 0.0441  15 SER B CB  
501 O OG  . SER B 15 ? 0.5390 0.5972 0.8352 0.0117  -0.2227 0.0475  15 SER B OG  
502 N N   . LEU B 16 ? 0.4515 0.5155 0.6949 0.0092  -0.1909 0.0295  16 LEU B N   
503 C CA  . LEU B 16 ? 0.4220 0.4862 0.6503 0.0068  -0.1824 0.0289  16 LEU B CA  
504 C C   . LEU B 16 ? 0.4192 0.4837 0.6413 0.0091  -0.1739 0.0204  16 LEU B C   
505 O O   . LEU B 16 ? 0.4189 0.4825 0.6270 0.0079  -0.1655 0.0207  16 LEU B O   
506 C CB  . LEU B 16 ? 0.4268 0.4910 0.6591 0.0041  -0.1889 0.0293  16 LEU B CB  
507 C CG  . LEU B 16 ? 0.4589 0.5175 0.6811 0.0016  -0.1925 0.0386  16 LEU B CG  
508 C CD1 . LEU B 16 ? 0.4972 0.5539 0.7133 0.0026  -0.1879 0.0488  16 LEU B CD1 
509 C CD2 . LEU B 16 ? 0.4556 0.5131 0.6898 0.0000  -0.2052 0.0395  16 LEU B CD2 
510 N N   . ILE B 17 ? 0.4133 0.4775 0.6441 0.0134  -0.1750 0.0131  17 ILE B N   
511 C CA  . ILE B 17 ? 0.4067 0.4694 0.6305 0.0176  -0.1647 0.0062  17 ILE B CA  
512 C C   . ILE B 17 ? 0.4179 0.4753 0.6271 0.0197  -0.1605 0.0061  17 ILE B C   
513 O O   . ILE B 17 ? 0.4116 0.4687 0.6091 0.0196  -0.1508 0.0048  17 ILE B O   
514 C CB  . ILE B 17 ? 0.4210 0.4813 0.6539 0.0244  -0.1645 -0.0005 17 ILE B CB  
515 C CG1 . ILE B 17 ? 0.3798 0.4465 0.6309 0.0218  -0.1665 0.0000  17 ILE B CG1 
516 C CG2 . ILE B 17 ? 0.4188 0.4734 0.6388 0.0311  -0.1519 -0.0062 17 ILE B CG2 
517 C CD1 . ILE B 17 ? 0.3877 0.4531 0.6530 0.0282  -0.1680 -0.0044 17 ILE B CD1 
518 N N   . GLU B 18 ? 0.4210 0.4735 0.6332 0.0216  -0.1693 0.0080  18 GLU B N   
519 C CA  . GLU B 18 ? 0.4368 0.4834 0.6399 0.0230  -0.1687 0.0094  18 GLU B CA  
520 C C   . GLU B 18 ? 0.4480 0.4996 0.6448 0.0178  -0.1610 0.0165  18 GLU B C   
521 O O   . GLU B 18 ? 0.4451 0.4938 0.6298 0.0188  -0.1538 0.0149  18 GLU B O   
522 C CB  . GLU B 18 ? 0.4352 0.4753 0.6495 0.0250  -0.1829 0.0119  18 GLU B CB  
523 C CG  . GLU B 18 ? 0.4846 0.5133 0.6958 0.0330  -0.1900 0.0025  18 GLU B CG  
524 N N   . GLU B 19 ? 0.4486 0.5055 0.6513 0.0132  -0.1623 0.0245  19 GLU B N   
525 C CA  . GLU B 19 ? 0.4689 0.5274 0.6608 0.0101  -0.1539 0.0312  19 GLU B CA  
526 C C   . GLU B 19 ? 0.4639 0.5223 0.6407 0.0095  -0.1449 0.0251  19 GLU B C   
527 O O   . GLU B 19 ? 0.4767 0.5337 0.6418 0.0092  -0.1367 0.0262  19 GLU B O   
528 C CB  . GLU B 19 ? 0.4742 0.5338 0.6692 0.0077  -0.1567 0.0404  19 GLU B CB  
529 C CG  . GLU B 19 ? 0.5335 0.5936 0.7437 0.0081  -0.1605 0.0515  19 GLU B CG  
530 C CD  . GLU B 19 ? 0.6206 0.6803 0.8338 0.0071  -0.1621 0.0621  19 GLU B CD  
531 O OE1 . GLU B 19 ? 0.6491 0.7087 0.8648 0.0061  -0.1697 0.0591  19 GLU B OE1 
532 O OE2 . GLU B 19 ? 0.6640 0.7225 0.8779 0.0080  -0.1553 0.0746  19 GLU B OE2 
533 N N   . SER B 20 ? 0.4504 0.5106 0.6314 0.0091  -0.1466 0.0194  20 SER B N   
534 C CA  . SER B 20 ? 0.4372 0.4979 0.6112 0.0084  -0.1394 0.0147  20 SER B CA  
535 C C   . SER B 20 ? 0.4393 0.4981 0.6058 0.0118  -0.1308 0.0100  20 SER B C   
536 O O   . SER B 20 ? 0.4337 0.4915 0.5889 0.0106  -0.1231 0.0100  20 SER B O   
537 C CB  . SER B 20 ? 0.4339 0.4976 0.6221 0.0082  -0.1428 0.0105  20 SER B CB  
538 O OG  . SER B 20 ? 0.4325 0.4972 0.6205 0.0077  -0.1357 0.0072  20 SER B OG  
539 N N   . GLN B 21 ? 0.4288 0.4846 0.5991 0.0168  -0.1331 0.0062  21 GLN B N   
540 C CA  . GLN B 21 ? 0.4338 0.4831 0.5925 0.0219  -0.1265 0.0016  21 GLN B CA  
541 C C   . GLN B 21 ? 0.4401 0.4864 0.5892 0.0205  -0.1256 0.0051  21 GLN B C   
542 O O   . GLN B 21 ? 0.4422 0.4851 0.5791 0.0220  -0.1178 0.0029  21 GLN B O   
543 C CB  . GLN B 21 ? 0.4359 0.4768 0.5950 0.0294  -0.1314 -0.0038 21 GLN B CB  
544 C CG  . GLN B 21 ? 0.4287 0.4719 0.5973 0.0328  -0.1279 -0.0075 21 GLN B CG  
545 C CD  . GLN B 21 ? 0.4311 0.4648 0.6001 0.0406  -0.1348 -0.0119 21 GLN B CD  
546 O OE1 . GLN B 21 ? 0.4731 0.4982 0.6378 0.0424  -0.1458 -0.0121 21 GLN B OE1 
547 N NE2 . GLN B 21 ? 0.4592 0.4933 0.6356 0.0457  -0.1289 -0.0150 21 GLN B NE2 
548 N N   . ASN B 22 ? 0.4440 0.4916 0.6007 0.0179  -0.1327 0.0120  22 ASN B N   
549 C CA  . ASN B 22 ? 0.4665 0.5127 0.6198 0.0166  -0.1305 0.0177  22 ASN B CA  
550 C C   . ASN B 22 ? 0.4802 0.5296 0.6216 0.0135  -0.1196 0.0197  22 ASN B C   
551 O O   . ASN B 22 ? 0.4673 0.5144 0.6004 0.0138  -0.1138 0.0205  22 ASN B O   
552 C CB  . ASN B 22 ? 0.4705 0.5189 0.6393 0.0148  -0.1379 0.0273  22 ASN B CB  
553 C CG  . ASN B 22 ? 0.5036 0.5458 0.6856 0.0180  -0.1512 0.0261  22 ASN B CG  
554 O OD1 . ASN B 22 ? 0.5356 0.5802 0.7353 0.0167  -0.1595 0.0331  22 ASN B OD1 
555 N ND2 . ASN B 22 ? 0.5305 0.5624 0.7027 0.0229  -0.1545 0.0179  22 ASN B ND2 
556 N N   . GLN B 23 ? 0.4856 0.5383 0.6255 0.0108  -0.1184 0.0201  23 GLN B N   
557 C CA  . GLN B 23 ? 0.5007 0.5525 0.6269 0.0086  -0.1110 0.0210  23 GLN B CA  
558 C C   . GLN B 23 ? 0.4894 0.5408 0.6099 0.0093  -0.1047 0.0141  23 GLN B C   
559 O O   . GLN B 23 ? 0.5023 0.5516 0.6117 0.0086  -0.0979 0.0144  23 GLN B O   
560 C CB  . GLN B 23 ? 0.5185 0.5692 0.6424 0.0063  -0.1151 0.0230  23 GLN B CB  
561 C CG  . GLN B 23 ? 0.5725 0.6224 0.7006 0.0066  -0.1198 0.0312  23 GLN B CG  
562 C CD  . GLN B 23 ? 0.6492 0.6963 0.7701 0.0083  -0.1126 0.0403  23 GLN B CD  
563 O OE1 . GLN B 23 ? 0.7034 0.7441 0.8109 0.0094  -0.1095 0.0470  23 GLN B OE1 
564 N NE2 . GLN B 23 ? 0.6637 0.7134 0.7923 0.0093  -0.1099 0.0410  23 GLN B NE2 
565 N N   . GLN B 24 ? 0.4899 0.5428 0.6186 0.0112  -0.1056 0.0085  24 GLN B N   
566 C CA  . GLN B 24 ? 0.4900 0.5420 0.6152 0.0133  -0.0971 0.0037  24 GLN B CA  
567 C C   . GLN B 24 ? 0.4984 0.5449 0.6109 0.0161  -0.0926 0.0029  24 GLN B C   
568 O O   . GLN B 24 ? 0.4938 0.5390 0.5978 0.0156  -0.0848 0.0020  24 GLN B O   
569 C CB  . GLN B 24 ? 0.4908 0.5439 0.6272 0.0173  -0.0964 -0.0004 24 GLN B CB  
570 C CG  . GLN B 24 ? 0.4949 0.5537 0.6475 0.0135  -0.1016 0.0009  24 GLN B CG  
571 C CD  . GLN B 24 ? 0.5254 0.5863 0.6938 0.0176  -0.1007 -0.0017 24 GLN B CD  
572 O OE1 . GLN B 24 ? 0.5537 0.6119 0.7208 0.0238  -0.0908 -0.0043 24 GLN B OE1 
573 N NE2 . GLN B 24 ? 0.4727 0.5371 0.6553 0.0153  -0.1102 -0.0004 24 GLN B NE2 
574 N N   . GLU B 25 ? 0.4925 0.5345 0.6053 0.0189  -0.0991 0.0037  25 GLU B N   
575 C CA  . GLU B 25 ? 0.5058 0.5405 0.6090 0.0213  -0.0985 0.0036  25 GLU B CA  
576 C C   . GLU B 25 ? 0.5117 0.5490 0.6115 0.0173  -0.0944 0.0092  25 GLU B C   
577 O O   . GLU B 25 ? 0.4980 0.5316 0.5876 0.0179  -0.0885 0.0079  25 GLU B O   
578 C CB  . GLU B 25 ? 0.5173 0.5446 0.6259 0.0247  -0.1104 0.0040  25 GLU B CB  
579 C CG  . GLU B 25 ? 0.5411 0.5585 0.6434 0.0270  -0.1142 0.0045  25 GLU B CG  
580 C CD  . GLU B 25 ? 0.6107 0.6172 0.6922 0.0323  -0.1078 -0.0022 25 GLU B CD  
581 O OE1 . GLU B 25 ? 0.6108 0.6149 0.6846 0.0365  -0.1020 -0.0074 25 GLU B OE1 
582 O OE2 . GLU B 25 ? 0.6138 0.6140 0.6879 0.0327  -0.1078 -0.0014 25 GLU B OE2 
583 N N   . LYS B 26 ? 0.5175 0.5595 0.6247 0.0141  -0.0966 0.0158  26 LYS B N   
584 C CA  . LYS B 26 ? 0.5307 0.5734 0.6329 0.0122  -0.0905 0.0222  26 LYS B CA  
585 C C   . LYS B 26 ? 0.5362 0.5782 0.6243 0.0108  -0.0823 0.0182  26 LYS B C   
586 O O   . LYS B 26 ? 0.5317 0.5714 0.6117 0.0108  -0.0762 0.0199  26 LYS B O   
587 C CB  . LYS B 26 ? 0.5397 0.5849 0.6469 0.0109  -0.0919 0.0302  26 LYS B CB  
588 C CG  . LYS B 26 ? 0.5530 0.5984 0.6698 0.0120  -0.0902 0.0407  26 LYS B CG  
589 N N   . ASN B 27 ? 0.5332 0.5769 0.6214 0.0096  -0.0829 0.0136  27 ASN B N   
590 C CA  . ASN B 27 ? 0.5405 0.5833 0.6211 0.0080  -0.0774 0.0102  27 ASN B CA  
591 C C   . ASN B 27 ? 0.5419 0.5832 0.6187 0.0099  -0.0707 0.0062  27 ASN B C   
592 O O   . ASN B 27 ? 0.5327 0.5719 0.6014 0.0087  -0.0650 0.0058  27 ASN B O   
593 C CB  . ASN B 27 ? 0.5527 0.5979 0.6421 0.0060  -0.0814 0.0077  27 ASN B CB  
594 C CG  . ASN B 27 ? 0.5799 0.6225 0.6670 0.0041  -0.0888 0.0111  27 ASN B CG  
595 O OD1 . ASN B 27 ? 0.6328 0.6706 0.7077 0.0049  -0.0878 0.0158  27 ASN B OD1 
596 N ND2 . ASN B 27 ? 0.5970 0.6414 0.6958 0.0026  -0.0957 0.0094  27 ASN B ND2 
597 N N   . GLU B 28 ? 0.5322 0.5719 0.6122 0.0138  -0.0715 0.0033  28 GLU B N   
598 C CA  . GLU B 28 ? 0.5462 0.5797 0.6167 0.0178  -0.0654 0.0002  28 GLU B CA  
599 C C   . GLU B 28 ? 0.5477 0.5763 0.6092 0.0178  -0.0657 0.0023  28 GLU B C   
600 O O   . GLU B 28 ? 0.5549 0.5792 0.6066 0.0189  -0.0595 0.0008  28 GLU B O   
601 C CB  . GLU B 28 ? 0.5574 0.5842 0.6262 0.0244  -0.0676 -0.0035 28 GLU B CB  
602 C CG  . GLU B 28 ? 0.5826 0.6140 0.6624 0.0259  -0.0647 -0.0051 28 GLU B CG  
603 C CD  . GLU B 28 ? 0.6719 0.6988 0.7545 0.0307  -0.0722 -0.0072 28 GLU B CD  
604 O OE1 . GLU B 28 ? 0.6887 0.7118 0.7699 0.0306  -0.0823 -0.0063 28 GLU B OE1 
605 O OE2 . GLU B 28 ? 0.6941 0.7211 0.7825 0.0350  -0.0679 -0.0091 28 GLU B OE2 
606 N N   . GLN B 29 ? 0.5412 0.5707 0.6089 0.0166  -0.0723 0.0069  29 GLN B N   
607 C CA  . GLN B 29 ? 0.5454 0.5715 0.6113 0.0165  -0.0724 0.0107  29 GLN B CA  
608 C C   . GLN B 29 ? 0.5493 0.5782 0.6092 0.0135  -0.0641 0.0136  29 GLN B C   
609 O O   . GLN B 29 ? 0.5309 0.5563 0.5851 0.0139  -0.0604 0.0142  29 GLN B O   
610 C CB  . GLN B 29 ? 0.5507 0.5775 0.6314 0.0165  -0.0807 0.0172  29 GLN B CB  
611 C CG  . GLN B 29 ? 0.5933 0.6128 0.6796 0.0201  -0.0927 0.0144  29 GLN B CG  
612 C CD  . GLN B 29 ? 0.6295 0.6357 0.7016 0.0247  -0.0952 0.0085  29 GLN B CD  
613 O OE1 . GLN B 29 ? 0.6641 0.6653 0.7350 0.0247  -0.0960 0.0106  29 GLN B OE1 
614 N NE2 . GLN B 29 ? 0.6527 0.6513 0.7127 0.0296  -0.0957 0.0013  29 GLN B NE2 
615 N N   . GLU B 30 ? 0.5441 0.5772 0.6035 0.0112  -0.0624 0.0150  30 GLU B N   
616 C CA  . GLU B 30 ? 0.5606 0.5919 0.6091 0.0097  -0.0563 0.0163  30 GLU B CA  
617 C C   . GLU B 30 ? 0.5611 0.5906 0.6028 0.0088  -0.0518 0.0109  30 GLU B C   
618 O O   . GLU B 30 ? 0.5701 0.5963 0.6036 0.0087  -0.0468 0.0117  30 GLU B O   
619 C CB  . GLU B 30 ? 0.5775 0.6080 0.6222 0.0087  -0.0586 0.0179  30 GLU B CB  
620 C CG  . GLU B 30 ? 0.6181 0.6476 0.6641 0.0106  -0.0586 0.0260  30 GLU B CG  
621 C CD  . GLU B 30 ? 0.6819 0.7084 0.7230 0.0105  -0.0635 0.0271  30 GLU B CD  
622 O OE1 . GLU B 30 ? 0.6843 0.7079 0.7200 0.0086  -0.0678 0.0217  30 GLU B OE1 
623 O OE2 . GLU B 30 ? 0.7031 0.7293 0.7473 0.0126  -0.0635 0.0344  30 GLU B OE2 
624 N N   . LEU B 31 ? 0.5493 0.5810 0.5965 0.0087  -0.0527 0.0066  31 LEU B N   
625 C CA  . LEU B 31 ? 0.5501 0.5808 0.5953 0.0086  -0.0468 0.0033  31 LEU B CA  
626 C C   . LEU B 31 ? 0.5504 0.5760 0.5866 0.0112  -0.0425 0.0029  31 LEU B C   
627 O O   . LEU B 31 ? 0.5499 0.5732 0.5800 0.0102  -0.0372 0.0026  31 LEU B O   
628 C CB  . LEU B 31 ? 0.5594 0.5928 0.6147 0.0103  -0.0457 0.0009  31 LEU B CB  
629 C CG  . LEU B 31 ? 0.5585 0.5969 0.6275 0.0072  -0.0492 0.0010  31 LEU B CG  
630 C CD1 . LEU B 31 ? 0.5925 0.6343 0.6755 0.0102  -0.0463 0.0001  31 LEU B CD1 
631 C CD2 . LEU B 31 ? 0.5560 0.5929 0.6258 0.0035  -0.0483 0.0014  31 LEU B CD2 
632 N N   . LEU B 32 ? 0.5293 0.5512 0.5649 0.0146  -0.0467 0.0030  32 LEU B N   
633 C CA  . LEU B 32 ? 0.5430 0.5567 0.5695 0.0173  -0.0462 0.0026  32 LEU B CA  
634 C C   . LEU B 32 ? 0.5397 0.5540 0.5660 0.0147  -0.0451 0.0068  32 LEU B C   
635 O O   . LEU B 32 ? 0.5470 0.5565 0.5656 0.0152  -0.0414 0.0062  32 LEU B O   
636 C CB  . LEU B 32 ? 0.5526 0.5577 0.5777 0.0221  -0.0547 0.0012  32 LEU B CB  
637 C CG  . LEU B 32 ? 0.5849 0.5839 0.6029 0.0277  -0.0534 -0.0035 32 LEU B CG  
638 C CD1 . LEU B 32 ? 0.6293 0.6168 0.6442 0.0331  -0.0653 -0.0055 32 LEU B CD1 
639 C CD2 . LEU B 32 ? 0.6330 0.6240 0.6357 0.0318  -0.0435 -0.0058 32 LEU B CD2 
640 N N   . GLU B 33 ? 0.5341 0.5532 0.5680 0.0129  -0.0468 0.0115  33 GLU B N   
641 C CA  . GLU B 33 ? 0.5364 0.5552 0.5702 0.0125  -0.0428 0.0169  33 GLU B CA  
642 C C   . GLU B 33 ? 0.5362 0.5536 0.5580 0.0108  -0.0357 0.0149  33 GLU B C   
643 O O   . GLU B 33 ? 0.5165 0.5309 0.5340 0.0112  -0.0313 0.0165  33 GLU B O   
644 C CB  . GLU B 33 ? 0.5552 0.5776 0.5981 0.0128  -0.0436 0.0240  33 GLU B CB  
645 C CG  . GLU B 33 ? 0.6159 0.6390 0.6764 0.0141  -0.0508 0.0291  33 GLU B CG  
646 C CD  . GLU B 33 ? 0.7047 0.7316 0.7767 0.0151  -0.0480 0.0392  33 GLU B CD  
647 O OE1 . GLU B 33 ? 0.7587 0.7848 0.8194 0.0160  -0.0392 0.0421  33 GLU B OE1 
648 O OE2 . GLU B 33 ? 0.7327 0.7616 0.8240 0.0156  -0.0546 0.0448  33 GLU B OE2 
649 N N   . LEU B 34 ? 0.5240 0.5431 0.5430 0.0091  -0.0362 0.0114  34 LEU B N   
650 C CA  . LEU B 34 ? 0.5305 0.5467 0.5413 0.0072  -0.0334 0.0086  34 LEU B CA  
651 C C   . LEU B 34 ? 0.5293 0.5440 0.5383 0.0069  -0.0292 0.0060  34 LEU B C   
652 O O   . LEU B 34 ? 0.5316 0.5425 0.5338 0.0062  -0.0255 0.0059  34 LEU B O   
653 C CB  . LEU B 34 ? 0.5405 0.5584 0.5559 0.0051  -0.0381 0.0060  34 LEU B CB  
654 C CG  . LEU B 34 ? 0.5368 0.5518 0.5522 0.0025  -0.0383 0.0032  34 LEU B CG  
655 C CD1 . LEU B 34 ? 0.5206 0.5258 0.5205 0.0029  -0.0397 0.0035  34 LEU B CD1 
656 C CD2 . LEU B 34 ? 0.5036 0.5221 0.5338 0.0001  -0.0440 0.0016  34 LEU B CD2 
657 N N   . ASP B 35 ? 0.5255 0.5414 0.5388 0.0083  -0.0290 0.0042  35 ASP B N   
658 C CA  . ASP B 35 ? 0.5303 0.5428 0.5389 0.0090  -0.0234 0.0026  35 ASP B CA  
659 C C   . ASP B 35 ? 0.5148 0.5214 0.5156 0.0105  -0.0229 0.0038  35 ASP B C   
660 O O   . ASP B 35 ? 0.5159 0.5189 0.5108 0.0102  -0.0184 0.0034  35 ASP B O   
661 C CB  . ASP B 35 ? 0.5688 0.5811 0.5804 0.0118  -0.0207 0.0010  35 ASP B CB  
662 C CG  . ASP B 35 ? 0.5844 0.6036 0.6098 0.0094  -0.0211 0.0010  35 ASP B CG  
663 O OD1 . ASP B 35 ? 0.6166 0.6379 0.6460 0.0053  -0.0250 0.0014  35 ASP B OD1 
664 O OD2 . ASP B 35 ? 0.6679 0.6883 0.6993 0.0124  -0.0183 0.0006  35 ASP B OD2 
665 N N   . LYS B 36 ? 0.4716 0.4779 0.4758 0.0117  -0.0279 0.0064  36 LYS B N   
666 C CA  . LYS B 36 ? 0.4456 0.4465 0.4485 0.0129  -0.0289 0.0090  36 LYS B CA  
667 C C   . LYS B 36 ? 0.4197 0.4217 0.4207 0.0112  -0.0234 0.0115  36 LYS B C   
668 O O   . LYS B 36 ? 0.3956 0.3932 0.3920 0.0112  -0.0209 0.0113  36 LYS B O   
669 C CB  . LYS B 36 ? 0.4513 0.4512 0.4651 0.0146  -0.0370 0.0127  36 LYS B CB  
670 C CG  . LYS B 36 ? 0.4845 0.4761 0.4947 0.0181  -0.0452 0.0092  36 LYS B CG  
671 N N   . TRP B 37 ? 0.4061 0.4115 0.4082 0.0106  -0.0217 0.0140  37 TRP B N   
672 C CA  . TRP B 37 ? 0.3827 0.3847 0.3765 0.0112  -0.0158 0.0158  37 TRP B CA  
673 C C   . TRP B 37 ? 0.3680 0.3666 0.3529 0.0091  -0.0140 0.0109  37 TRP B C   
674 O O   . TRP B 37 ? 0.3477 0.3419 0.3273 0.0096  -0.0103 0.0114  37 TRP B O   
675 C CB  . TRP B 37 ? 0.4211 0.4213 0.4093 0.0134  -0.0138 0.0192  37 TRP B CB  
676 C CG  . TRP B 37 ? 0.4441 0.4351 0.4173 0.0166  -0.0070 0.0207  37 TRP B CG  
677 C CD1 . TRP B 37 ? 0.4789 0.4601 0.4336 0.0178  -0.0079 0.0172  37 TRP B CD1 
678 C CD2 . TRP B 37 ? 0.4390 0.4276 0.4143 0.0195  0.0003  0.0255  37 TRP B CD2 
679 N NE1 . TRP B 37 ? 0.4861 0.4582 0.4284 0.0219  -0.0011 0.0189  37 TRP B NE1 
680 C CE2 . TRP B 37 ? 0.4573 0.4350 0.4133 0.0229  0.0052  0.0244  37 TRP B CE2 
681 C CE3 . TRP B 37 ? 0.4310 0.4242 0.4240 0.0198  0.0016  0.0307  37 TRP B CE3 
682 C CZ2 . TRP B 37 ? 0.4421 0.4149 0.3958 0.0269  0.0136  0.0284  37 TRP B CZ2 
683 C CZ3 . TRP B 37 ? 0.4189 0.4083 0.4133 0.0230  0.0093  0.0355  37 TRP B CZ3 
684 C CH2 . TRP B 37 ? 0.4652 0.4454 0.4401 0.0268  0.0165  0.0346  37 TRP B CH2 
685 N N   . ALA B 38 ? 0.3543 0.3550 0.3406 0.0068  -0.0167 0.0070  38 ALA B N   
686 C CA  . ALA B 38 ? 0.3624 0.3606 0.3466 0.0044  -0.0157 0.0040  38 ALA B CA  
687 C C   . ALA B 38 ? 0.3466 0.3431 0.3295 0.0047  -0.0113 0.0040  38 ALA B C   
688 O O   . ALA B 38 ? 0.3365 0.3291 0.3156 0.0036  -0.0090 0.0034  38 ALA B O   
689 C CB  . ALA B 38 ? 0.3852 0.3881 0.3798 0.0023  -0.0184 0.0022  38 ALA B CB  
690 N N   . SER B 39 ? 0.3203 0.3174 0.3050 0.0068  -0.0116 0.0047  39 SER B N   
691 C CA  . SER B 39 ? 0.3232 0.3144 0.3022 0.0084  -0.0093 0.0045  39 SER B CA  
692 C C   . SER B 39 ? 0.2950 0.2825 0.2716 0.0085  -0.0091 0.0065  39 SER B C   
693 O O   . SER B 39 ? 0.2735 0.2563 0.2449 0.0082  -0.0063 0.0062  39 SER B O   
694 C CB  . SER B 39 ? 0.3538 0.3408 0.3304 0.0122  -0.0129 0.0041  39 SER B CB  
695 O OG  . SER B 39 ? 0.4450 0.4343 0.4231 0.0133  -0.0105 0.0026  39 SER B OG  
696 N N   . LEU B 40 ? 0.2843 0.2739 0.2664 0.0094  -0.0112 0.0096  40 LEU B N   
697 C CA  . LEU B 40 ? 0.2587 0.2450 0.2422 0.0105  -0.0089 0.0131  40 LEU B CA  
698 C C   . LEU B 40 ? 0.2834 0.2675 0.2588 0.0097  -0.0036 0.0121  40 LEU B C   
699 O O   . LEU B 40 ? 0.2756 0.2554 0.2486 0.0101  -0.0009 0.0126  40 LEU B O   
700 C CB  . LEU B 40 ? 0.2604 0.2498 0.2564 0.0126  -0.0099 0.0193  40 LEU B CB  
701 C CG  . LEU B 40 ? 0.2710 0.2600 0.2773 0.0134  -0.0186 0.0206  40 LEU B CG  
702 C CD1 . LEU B 40 ? 0.3142 0.3079 0.3384 0.0150  -0.0192 0.0283  40 LEU B CD1 
703 C CD2 . LEU B 40 ? 0.3044 0.2850 0.3109 0.0140  -0.0235 0.0204  40 LEU B CD2 
704 N N   . TRP B 41 ? 0.2544 0.2392 0.2248 0.0093  -0.0035 0.0103  41 TRP B N   
705 C CA  . TRP B 41 ? 0.2819 0.2600 0.2415 0.0093  -0.0020 0.0079  41 TRP B CA  
706 C C   . TRP B 41 ? 0.2828 0.2594 0.2427 0.0060  -0.0025 0.0048  41 TRP B C   
707 O O   . TRP B 41 ? 0.2647 0.2352 0.2190 0.0063  -0.0006 0.0042  41 TRP B O   
708 C CB  . TRP B 41 ? 0.3067 0.2826 0.2602 0.0097  -0.0061 0.0061  41 TRP B CB  
709 C CG  . TRP B 41 ? 0.3303 0.2933 0.2678 0.0114  -0.0083 0.0032  41 TRP B CG  
710 C CD1 . TRP B 41 ? 0.3595 0.3136 0.2880 0.0126  -0.0068 0.0017  41 TRP B CD1 
711 C CD2 . TRP B 41 ? 0.3719 0.3267 0.2990 0.0127  -0.0153 0.0008  41 TRP B CD2 
712 N NE1 . TRP B 41 ? 0.3769 0.3163 0.2884 0.0151  -0.0127 -0.0018 41 TRP B NE1 
713 C CE2 . TRP B 41 ? 0.3975 0.3362 0.3073 0.0152  -0.0188 -0.0024 41 TRP B CE2 
714 C CE3 . TRP B 41 ? 0.3704 0.3281 0.3004 0.0121  -0.0205 0.0010  41 TRP B CE3 
715 C CZ2 . TRP B 41 ? 0.4044 0.3272 0.2975 0.0177  -0.0288 -0.0059 41 TRP B CZ2 
716 C CZ3 . TRP B 41 ? 0.3802 0.3240 0.2951 0.0144  -0.0291 -0.0018 41 TRP B CZ3 
717 C CH2 . TRP B 41 ? 0.3938 0.3192 0.2897 0.0172  -0.0340 -0.0054 41 TRP B CH2 
718 N N   . ASN B 42 ? 0.2627 0.2441 0.2296 0.0036  -0.0038 0.0037  42 ASN B N   
719 C CA  . ASN B 42 ? 0.2759 0.2560 0.2451 0.0015  -0.0015 0.0029  42 ASN B CA  
720 C C   . ASN B 42 ? 0.2529 0.2287 0.2173 0.0028  0.0014  0.0043  42 ASN B C   
721 O O   . ASN B 42 ? 0.2730 0.2448 0.2356 0.0016  0.0031  0.0041  42 ASN B O   
722 C CB  . ASN B 42 ? 0.2867 0.2717 0.2636 0.0011  -0.0002 0.0034  42 ASN B CB  
723 C CG  . ASN B 42 ? 0.3043 0.2880 0.2858 -0.0001 0.0048  0.0048  42 ASN B CG  
724 O OD1 . ASN B 42 ? 0.3465 0.3296 0.3354 -0.0032 0.0038  0.0050  42 ASN B OD1 
725 N ND2 . ASN B 42 ? 0.3510 0.3320 0.3272 0.0031  0.0098  0.0064  42 ASN B ND2 
726 N N   . TRP B 43 ? 0.2575 0.2331 0.2215 0.0053  0.0002  0.0059  43 TRP B N   
727 C CA  . TRP B 43 ? 0.2407 0.2102 0.2018 0.0067  0.0000  0.0074  43 TRP B CA  
728 C C   . TRP B 43 ? 0.2390 0.2063 0.1998 0.0065  0.0023  0.0084  43 TRP B C   
729 O O   . TRP B 43 ? 0.2481 0.2103 0.2061 0.0061  0.0035  0.0086  43 TRP B O   
730 C CB  . TRP B 43 ? 0.2450 0.2130 0.2100 0.0093  -0.0055 0.0094  43 TRP B CB  
731 C CG  . TRP B 43 ? 0.2439 0.2045 0.2103 0.0106  -0.0085 0.0117  43 TRP B CG  
732 C CD1 . TRP B 43 ? 0.2438 0.1937 0.2010 0.0120  -0.0121 0.0109  43 TRP B CD1 
733 C CD2 . TRP B 43 ? 0.2560 0.2179 0.2337 0.0110  -0.0081 0.0159  43 TRP B CD2 
734 N NE1 . TRP B 43 ? 0.2432 0.1880 0.2071 0.0124  -0.0161 0.0138  43 TRP B NE1 
735 C CE2 . TRP B 43 ? 0.2444 0.1976 0.2231 0.0118  -0.0129 0.0172  43 TRP B CE2 
736 C CE3 . TRP B 43 ? 0.2565 0.2245 0.2428 0.0122  -0.0032 0.0195  43 TRP B CE3 
737 C CZ2 . TRP B 43 ? 0.2339 0.1866 0.2273 0.0127  -0.0133 0.0223  43 TRP B CZ2 
738 C CZ3 . TRP B 43 ? 0.2392 0.2061 0.2378 0.0142  -0.0009 0.0251  43 TRP B CZ3 
739 C CH2 . TRP B 43 ? 0.2353 0.1959 0.2398 0.0141  -0.0059 0.0266  43 TRP B CH2 
740 N N   . PHE B 44 ? 0.2401 0.2096 0.2027 0.0080  0.0034  0.0097  44 PHE B N   
741 C CA  . PHE B 44 ? 0.2523 0.2169 0.2111 0.0101  0.0073  0.0109  44 PHE B CA  
742 C C   . PHE B 44 ? 0.2611 0.2201 0.2112 0.0081  0.0074  0.0070  44 PHE B C   
743 O O   . PHE B 44 ? 0.2592 0.2130 0.2073 0.0087  0.0094  0.0072  44 PHE B O   
744 C CB  . PHE B 44 ? 0.2540 0.2186 0.2105 0.0140  0.0104  0.0134  44 PHE B CB  
745 C CG  . PHE B 44 ? 0.2576 0.2135 0.2045 0.0185  0.0163  0.0146  44 PHE B CG  
746 C CD1 . PHE B 44 ? 0.2997 0.2551 0.2560 0.0215  0.0218  0.0200  44 PHE B CD1 
747 C CD2 . PHE B 44 ? 0.3334 0.2798 0.2628 0.0204  0.0156  0.0104  44 PHE B CD2 
748 C CE1 . PHE B 44 ? 0.3512 0.2973 0.2979 0.0272  0.0295  0.0216  44 PHE B CE1 
749 C CE2 . PHE B 44 ? 0.3647 0.2992 0.2806 0.0264  0.0213  0.0110  44 PHE B CE2 
750 C CZ  . PHE B 44 ? 0.3703 0.3055 0.2949 0.0300  0.0293  0.0166  44 PHE B CZ  
751 N N   . ASN B 45 ? 0.2733 0.2333 0.2220 0.0056  0.0040  0.0038  45 ASN B N   
752 C CA  . ASN B 45 ? 0.2957 0.2498 0.2414 0.0034  0.0016  0.0008  45 ASN B CA  
753 C C   . ASN B 45 ? 0.2755 0.2299 0.2265 0.0006  0.0035  0.0018  45 ASN B C   
754 O O   . ASN B 45 ? 0.3026 0.2504 0.2504 0.0003  0.0033  0.0009  45 ASN B O   
755 C CB  . ASN B 45 ? 0.3043 0.2602 0.2549 0.0007  -0.0040 -0.0012 45 ASN B CB  
756 C CG  . ASN B 45 ? 0.3536 0.3029 0.2934 0.0037  -0.0085 -0.0032 45 ASN B CG  
757 O OD1 . ASN B 45 ? 0.3811 0.3219 0.3068 0.0087  -0.0061 -0.0032 45 ASN B OD1 
758 N ND2 . ASN B 45 ? 0.4042 0.3557 0.3503 0.0014  -0.0147 -0.0045 45 ASN B ND2 
759 N N   . ILE B 46 ? 0.2777 0.2373 0.2337 -0.0001 0.0055  0.0037  46 ILE B N   
760 C CA  . ILE B 46 ? 0.2720 0.2291 0.2283 -0.0010 0.0086  0.0056  46 ILE B CA  
761 C C   . ILE B 46 ? 0.2546 0.2059 0.2056 0.0006  0.0087  0.0064  46 ILE B C   
762 O O   . ILE B 46 ? 0.2926 0.2389 0.2423 -0.0005 0.0100  0.0070  46 ILE B O   
763 C CB  . ILE B 46 ? 0.3069 0.2656 0.2624 0.0006  0.0111  0.0074  46 ILE B CB  
764 C CG1 . ILE B 46 ? 0.3326 0.2977 0.2977 -0.0009 0.0126  0.0077  46 ILE B CG1 
765 C CG2 . ILE B 46 ? 0.3365 0.2876 0.2853 0.0018  0.0149  0.0098  46 ILE B CG2 
766 C CD1 . ILE B 46 ? 0.3958 0.3614 0.3578 0.0027  0.0165  0.0093  46 ILE B CD1 
767 N N   . THR B 47 ? 0.2508 0.2028 0.2020 0.0033  0.0073  0.0074  47 THR B N   
768 C CA  . THR B 47 ? 0.2552 0.2021 0.2074 0.0049  0.0067  0.0095  47 THR B CA  
769 C C   . THR B 47 ? 0.2848 0.2283 0.2356 0.0053  0.0093  0.0089  47 THR B C   
770 O O   . THR B 47 ? 0.3137 0.2521 0.2644 0.0050  0.0095  0.0096  47 THR B O   
771 C CB  . THR B 47 ? 0.2530 0.2023 0.2128 0.0075  0.0041  0.0124  47 THR B CB  
772 O OG1 . THR B 47 ? 0.2389 0.1880 0.1967 0.0078  -0.0002 0.0119  47 THR B OG1 
773 C CG2 . THR B 47 ? 0.2719 0.2157 0.2385 0.0089  0.0020  0.0158  47 THR B CG2 
774 N N   . ASN B 48 ? 0.3024 0.2467 0.2500 0.0067  0.0107  0.0072  48 ASN B N   
775 C CA  . ASN B 48 ? 0.3544 0.2911 0.2949 0.0091  0.0126  0.0057  48 ASN B CA  
776 C C   . ASN B 48 ? 0.3628 0.2950 0.3015 0.0052  0.0095  0.0029  48 ASN B C   
777 O O   . ASN B 48 ? 0.4154 0.3408 0.3515 0.0061  0.0103  0.0026  48 ASN B O   
778 C CB  . ASN B 48 ? 0.3628 0.2969 0.2941 0.0123  0.0127  0.0040  48 ASN B CB  
779 C CG  . ASN B 48 ? 0.4308 0.3540 0.3497 0.0193  0.0174  0.0042  48 ASN B CG  
780 O OD1 . ASN B 48 ? 0.5558 0.4700 0.4594 0.0226  0.0151  0.0011  48 ASN B OD1 
781 N ND2 . ASN B 48 ? 0.3463 0.2679 0.2697 0.0228  0.0237  0.0080  48 ASN B ND2 
782 N N   . TRP B 49 ? 0.3609 0.2969 0.3039 0.0012  0.0067  0.0020  49 TRP B N   
783 C CA  . TRP B 49 ? 0.3757 0.3089 0.3233 -0.0027 0.0049  0.0018  49 TRP B CA  
784 C C   . TRP B 49 ? 0.3922 0.3238 0.3411 -0.0036 0.0080  0.0048  49 TRP B C   
785 O O   . TRP B 49 ? 0.4191 0.3449 0.3684 -0.0048 0.0072  0.0046  49 TRP B O   
786 C CB  . TRP B 49 ? 0.3868 0.3260 0.3441 -0.0060 0.0033  0.0025  49 TRP B CB  
787 C CG  . TRP B 49 ? 0.3688 0.3069 0.3380 -0.0100 0.0025  0.0048  49 TRP B CG  
788 C CD1 . TRP B 49 ? 0.4217 0.3540 0.3980 -0.0125 -0.0054 0.0030  49 TRP B CD1 
789 C CD2 . TRP B 49 ? 0.3716 0.3121 0.3471 -0.0113 0.0092  0.0100  49 TRP B CD2 
790 N NE1 . TRP B 49 ? 0.4102 0.3443 0.4031 -0.0162 -0.0035 0.0079  49 TRP B NE1 
791 C CE2 . TRP B 49 ? 0.4269 0.3660 0.4183 -0.0150 0.0070  0.0127  49 TRP B CE2 
792 C CE3 . TRP B 49 ? 0.4372 0.3785 0.4056 -0.0087 0.0163  0.0132  49 TRP B CE3 
793 C CZ2 . TRP B 49 ? 0.4439 0.3843 0.4453 -0.0161 0.0147  0.0197  49 TRP B CZ2 
794 C CZ3 . TRP B 49 ? 0.4753 0.4148 0.4477 -0.0087 0.0233  0.0192  49 TRP B CZ3 
795 C CH2 . TRP B 49 ? 0.4824 0.4224 0.4720 -0.0124 0.0240  0.0230  49 TRP B CH2 
796 N N   . LEU B 50 ? 0.3788 0.3131 0.3266 -0.0024 0.0103  0.0073  50 LEU B N   
797 C CA  . LEU B 50 ? 0.4285 0.3572 0.3728 -0.0020 0.0112  0.0099  50 LEU B CA  
798 C C   . LEU B 50 ? 0.4656 0.3890 0.4099 -0.0008 0.0097  0.0097  50 LEU B C   
799 O O   . LEU B 50 ? 0.5065 0.4239 0.4494 -0.0017 0.0095  0.0110  50 LEU B O   
800 C CB  . LEU B 50 ? 0.4028 0.3308 0.3420 0.0006  0.0104  0.0113  50 LEU B CB  
801 C CG  . LEU B 50 ? 0.4387 0.3686 0.3752 0.0009  0.0142  0.0126  50 LEU B CG  
802 C CD1 . LEU B 50 ? 0.4626 0.3882 0.3907 0.0049  0.0109  0.0126  50 LEU B CD1 
803 C CD2 . LEU B 50 ? 0.4561 0.3800 0.3890 0.0008  0.0199  0.0164  50 LEU B CD2 
804 N N   . TRP B 51 ? 0.4808 0.4060 0.4272 0.0019  0.0098  0.0089  51 TRP B N   
805 C CA  . TRP B 51 ? 0.5314 0.4523 0.4812 0.0046  0.0106  0.0103  51 TRP B CA  
806 C C   . TRP B 51 ? 0.5536 0.4694 0.4990 0.0060  0.0126  0.0076  51 TRP B C   
807 O O   . TRP B 51 ? 0.5539 0.4644 0.5011 0.0086  0.0144  0.0086  51 TRP B O   
808 C CB  . TRP B 51 ? 0.5544 0.4791 0.5126 0.0082  0.0116  0.0136  51 TRP B CB  
809 C CG  . TRP B 51 ? 0.5949 0.5173 0.5612 0.0080  0.0058  0.0173  51 TRP B CG  
810 C CD1 . TRP B 51 ? 0.6138 0.5325 0.5925 0.0097  0.0039  0.0212  51 TRP B CD1 
811 C CD2 . TRP B 51 ? 0.6040 0.5242 0.5654 0.0069  -0.0003 0.0171  51 TRP B CD2 
812 N NE1 . TRP B 51 ? 0.6270 0.5407 0.6095 0.0092  -0.0055 0.0232  51 TRP B NE1 
813 C CE2 . TRP B 51 ? 0.6283 0.5411 0.5970 0.0080  -0.0080 0.0203  51 TRP B CE2 
814 C CE3 . TRP B 51 ? 0.5974 0.5195 0.5487 0.0058  -0.0001 0.0147  51 TRP B CE3 
815 C CZ2 . TRP B 51 ? 0.6079 0.5119 0.5690 0.0090  -0.0172 0.0202  51 TRP B CZ2 
816 C CZ3 . TRP B 51 ? 0.5935 0.5083 0.5374 0.0073  -0.0062 0.0153  51 TRP B CZ3 
817 C CH2 . TRP B 51 ? 0.6201 0.5244 0.5663 0.0092  -0.0154 0.0174  51 TRP B CH2 
818 N N   . TYR B 52 ? 0.5701 0.4850 0.5096 0.0046  0.0109  0.0040  52 TYR B N   
819 C CA  . TYR B 52 ? 0.5972 0.5022 0.5282 0.0066  0.0090  0.0001  52 TYR B CA  
820 C C   . TYR B 52 ? 0.6168 0.5158 0.5504 0.0044  0.0070  -0.0001 52 TYR B C   
821 O O   . TYR B 52 ? 0.6332 0.5224 0.5602 0.0085  0.0076  -0.0019 52 TYR B O   
822 C CB  . TYR B 52 ? 0.6108 0.5137 0.5378 0.0050  0.0032  -0.0036 52 TYR B CB  
823 C CG  . TYR B 52 ? 0.6185 0.5056 0.5331 0.0082  -0.0025 -0.0086 52 TYR B CG  
824 C CD1 . TYR B 52 ? 0.6595 0.5353 0.5560 0.0168  0.0006  -0.0108 52 TYR B CD1 
825 C CD2 . TYR B 52 ? 0.6345 0.5161 0.5550 0.0036  -0.0111 -0.0106 52 TYR B CD2 
826 C CE1 . TYR B 52 ? 0.7105 0.5663 0.5890 0.0218  -0.0057 -0.0162 52 TYR B CE1 
827 C CE2 . TYR B 52 ? 0.6618 0.5251 0.5695 0.0072  -0.0198 -0.0160 52 TYR B CE2 
828 C CZ  . TYR B 52 ? 0.7057 0.5548 0.5896 0.0167  -0.0175 -0.0195 52 TYR B CZ  
829 O OH  . TYR B 52 ? 0.7301 0.5560 0.5950 0.0221  -0.0270 -0.0257 52 TYR B OH  
# 
